data_7JLH
# 
_entry.id   7JLH 
# 
_audit_conform.dict_name       mmcif_pdbx.dic 
_audit_conform.dict_version    5.380 
_audit_conform.dict_location   http://mmcif.pdb.org/dictionaries/ascii/mmcif_pdbx.dic 
# 
loop_
_database_2.database_id 
_database_2.database_code 
_database_2.pdbx_database_accession 
_database_2.pdbx_DOI 
PDB   7JLH         pdb_00007jlh 10.2210/pdb7jlh/pdb 
WWPDB D_1000250850 ?            ?                   
# 
_pdbx_database_status.status_code                     REL 
_pdbx_database_status.status_code_sf                  REL 
_pdbx_database_status.status_code_mr                  ? 
_pdbx_database_status.entry_id                        7JLH 
_pdbx_database_status.recvd_initial_deposition_date   2020-07-29 
_pdbx_database_status.SG_entry                        N 
_pdbx_database_status.deposit_site                    RCSB 
_pdbx_database_status.process_site                    RCSB 
_pdbx_database_status.status_code_cs                  ? 
_pdbx_database_status.status_code_nmr_data            ? 
_pdbx_database_status.methods_development_category    ? 
_pdbx_database_status.pdb_format_compatible           Y 
# 
loop_
_audit_author.name 
_audit_author.pdbx_ordinal 
_audit_author.identifier_ORCID 
'Yatsunyk, L.A.' 1 0000-0003-3946-0939 
'Chen, E.V.'     2 0000-0002-1546-7899 
# 
_citation.abstract                  ? 
_citation.abstract_id_CAS           ? 
_citation.book_id_ISBN              ? 
_citation.book_publisher            ? 
_citation.book_publisher_city       ? 
_citation.book_title                ? 
_citation.coordinate_linkage        ? 
_citation.country                   ? 
_citation.database_id_Medline       ? 
_citation.details                   ? 
_citation.id                        primary 
_citation.journal_abbrev            'To Be Published' 
_citation.journal_id_ASTM           ? 
_citation.journal_id_CSD            0353 
_citation.journal_id_ISSN           ? 
_citation.journal_full              ? 
_citation.journal_issue             ? 
_citation.journal_volume            ? 
_citation.language                  ? 
_citation.page_first                ? 
_citation.page_last                 ? 
_citation.title                     'Crystal Structure of 4-repeat Satellite III Sequence with Non-Canonical Base Interactions' 
_citation.year                      ? 
_citation.database_id_CSD           ? 
_citation.pdbx_database_id_DOI      ? 
_citation.pdbx_database_id_PubMed   ? 
_citation.unpublished_flag          ? 
# 
loop_
_citation_author.citation_id 
_citation_author.name 
_citation_author.ordinal 
_citation_author.identifier_ORCID 
primary 'Yatsunyk, L.A.' 1 0000-0003-3946-0939 
primary 'Chen, E.V.'     2 0000-0002-1546-7899 
primary 'Lee, H.'        3 0000-0003-2514-3916 
# 
_cell.angle_alpha                  90.000 
_cell.angle_alpha_esd              ? 
_cell.angle_beta                   90.000 
_cell.angle_beta_esd               ? 
_cell.angle_gamma                  90.000 
_cell.angle_gamma_esd              ? 
_cell.entry_id                     7JLH 
_cell.details                      ? 
_cell.formula_units_Z              ? 
_cell.length_a                     39.522 
_cell.length_a_esd                 ? 
_cell.length_b                     40.217 
_cell.length_b_esd                 ? 
_cell.length_c                     55.379 
_cell.length_c_esd                 ? 
_cell.volume                       88022.499 
_cell.volume_esd                   ? 
_cell.Z_PDB                        24 
_cell.reciprocal_angle_alpha       ? 
_cell.reciprocal_angle_beta        ? 
_cell.reciprocal_angle_gamma       ? 
_cell.reciprocal_angle_alpha_esd   ? 
_cell.reciprocal_angle_beta_esd    ? 
_cell.reciprocal_angle_gamma_esd   ? 
_cell.reciprocal_length_a          ? 
_cell.reciprocal_length_b          ? 
_cell.reciprocal_length_c          ? 
_cell.reciprocal_length_a_esd      ? 
_cell.reciprocal_length_b_esd      ? 
_cell.reciprocal_length_c_esd      ? 
_cell.pdbx_unique_axis             ? 
# 
_symmetry.entry_id                         7JLH 
_symmetry.cell_setting                     ? 
_symmetry.Int_Tables_number                19 
_symmetry.space_group_name_Hall            'P 2ac 2ab' 
_symmetry.space_group_name_H-M             'P 21 21 21' 
_symmetry.pdbx_full_space_group_name_H-M   ? 
# 
loop_
_entity.id 
_entity.type 
_entity.src_method 
_entity.pdbx_description 
_entity.formula_weight 
_entity.pdbx_number_of_molecules 
_entity.pdbx_ec 
_entity.pdbx_mutation 
_entity.pdbx_fragment 
_entity.details 
1 polymer     syn 'DNA AATGG'     1544.061 6  ? ? ? 
;DNA consists of four ATGGA repeats. Packing of DNA into crystal structure leads to the presence of three antiparallel AATGG duplexes in the asymmetric unit.
;
2 non-polymer syn 'ACETATE ION'   59.044   1  ? ? ? ? 
3 non-polymer syn 'MAGNESIUM ION' 24.305   1  ? ? ? ? 
4 water       nat water           18.015   74 ? ? ? ? 
# 
_entity_poly.entity_id                      1 
_entity_poly.type                           polydeoxyribonucleotide 
_entity_poly.nstd_linkage                   no 
_entity_poly.nstd_monomer                   no 
_entity_poly.pdbx_seq_one_letter_code       '(DA)(DA)(DT)(DG)(DG)' 
_entity_poly.pdbx_seq_one_letter_code_can   AATGG 
_entity_poly.pdbx_strand_id                 A,B,C,D,E,F 
_entity_poly.pdbx_target_identifier         ? 
# 
loop_
_entity_poly_seq.entity_id 
_entity_poly_seq.num 
_entity_poly_seq.mon_id 
_entity_poly_seq.hetero 
1 1 DA n 
1 2 DA n 
1 3 DT n 
1 4 DG n 
1 5 DG n 
# 
_pdbx_entity_src_syn.entity_id              1 
_pdbx_entity_src_syn.pdbx_src_id            1 
_pdbx_entity_src_syn.pdbx_alt_source_flag   sample 
_pdbx_entity_src_syn.pdbx_beg_seq_num       1 
_pdbx_entity_src_syn.pdbx_end_seq_num       5 
_pdbx_entity_src_syn.organism_scientific    'Homo sapiens' 
_pdbx_entity_src_syn.organism_common_name   ? 
_pdbx_entity_src_syn.ncbi_taxonomy_id       9606 
_pdbx_entity_src_syn.details                ? 
# 
_struct_ref.id                         1 
_struct_ref.db_name                    PDB 
_struct_ref.db_code                    7JLH 
_struct_ref.pdbx_db_accession          7JLH 
_struct_ref.pdbx_db_isoform            ? 
_struct_ref.entity_id                  1 
_struct_ref.pdbx_seq_one_letter_code   ? 
_struct_ref.pdbx_align_begin           1 
# 
loop_
_struct_ref_seq.align_id 
_struct_ref_seq.ref_id 
_struct_ref_seq.pdbx_PDB_id_code 
_struct_ref_seq.pdbx_strand_id 
_struct_ref_seq.seq_align_beg 
_struct_ref_seq.pdbx_seq_align_beg_ins_code 
_struct_ref_seq.seq_align_end 
_struct_ref_seq.pdbx_seq_align_end_ins_code 
_struct_ref_seq.pdbx_db_accession 
_struct_ref_seq.db_align_beg 
_struct_ref_seq.pdbx_db_align_beg_ins_code 
_struct_ref_seq.db_align_end 
_struct_ref_seq.pdbx_db_align_end_ins_code 
_struct_ref_seq.pdbx_auth_seq_align_beg 
_struct_ref_seq.pdbx_auth_seq_align_end 
1 1 7JLH A 1 ? 5 ? 7JLH 1 ? 5 ? 1 5 
2 1 7JLH B 1 ? 5 ? 7JLH 1 ? 5 ? 1 5 
3 1 7JLH C 1 ? 5 ? 7JLH 1 ? 5 ? 1 5 
4 1 7JLH D 1 ? 5 ? 7JLH 1 ? 5 ? 1 5 
5 1 7JLH E 1 ? 5 ? 7JLH 1 ? 5 ? 1 5 
6 1 7JLH F 1 ? 5 ? 7JLH 1 ? 5 ? 1 5 
# 
loop_
_chem_comp.id 
_chem_comp.type 
_chem_comp.mon_nstd_flag 
_chem_comp.name 
_chem_comp.pdbx_synonyms 
_chem_comp.formula 
_chem_comp.formula_weight 
ACT non-polymer   . 'ACETATE ION'                        ? 'C2 H3 O2 -1'     59.044  
DA  'DNA linking' y "2'-DEOXYADENOSINE-5'-MONOPHOSPHATE" ? 'C10 H14 N5 O6 P' 331.222 
DG  'DNA linking' y "2'-DEOXYGUANOSINE-5'-MONOPHOSPHATE" ? 'C10 H14 N5 O7 P' 347.221 
DT  'DNA linking' y "THYMIDINE-5'-MONOPHOSPHATE"         ? 'C10 H15 N2 O8 P' 322.208 
HOH non-polymer   . WATER                                ? 'H2 O'            18.015  
MG  non-polymer   . 'MAGNESIUM ION'                      ? 'Mg 2'            24.305  
# 
_exptl.absorpt_coefficient_mu     ? 
_exptl.absorpt_correction_T_max   ? 
_exptl.absorpt_correction_T_min   ? 
_exptl.absorpt_correction_type    ? 
_exptl.absorpt_process_details    ? 
_exptl.entry_id                   7JLH 
_exptl.crystals_number            1 
_exptl.details                    ? 
_exptl.method                     'X-RAY DIFFRACTION' 
_exptl.method_details             ? 
# 
_exptl_crystal.colour                      ? 
_exptl_crystal.density_diffrn              ? 
_exptl_crystal.density_Matthews            2.19 
_exptl_crystal.density_method              ? 
_exptl_crystal.density_percent_sol         48.22 
_exptl_crystal.description                 ? 
_exptl_crystal.F_000                       ? 
_exptl_crystal.id                          1 
_exptl_crystal.preparation                 ? 
_exptl_crystal.size_max                    ? 
_exptl_crystal.size_mid                    ? 
_exptl_crystal.size_min                    ? 
_exptl_crystal.size_rad                    ? 
_exptl_crystal.colour_lustre               ? 
_exptl_crystal.colour_modifier             ? 
_exptl_crystal.colour_primary              ? 
_exptl_crystal.density_meas                ? 
_exptl_crystal.density_meas_esd            ? 
_exptl_crystal.density_meas_gt             ? 
_exptl_crystal.density_meas_lt             ? 
_exptl_crystal.density_meas_temp           ? 
_exptl_crystal.density_meas_temp_esd       ? 
_exptl_crystal.density_meas_temp_gt        ? 
_exptl_crystal.density_meas_temp_lt        ? 
_exptl_crystal.pdbx_crystal_image_url      ? 
_exptl_crystal.pdbx_crystal_image_format   ? 
_exptl_crystal.pdbx_mosaicity              ? 
_exptl_crystal.pdbx_mosaicity_esd          ? 
# 
_exptl_crystal_grow.apparatus       ? 
_exptl_crystal_grow.atmosphere      ? 
_exptl_crystal_grow.crystal_id      1 
_exptl_crystal_grow.details         ? 
_exptl_crystal_grow.method          'VAPOR DIFFUSION, HANGING DROP' 
_exptl_crystal_grow.method_ref      ? 
_exptl_crystal_grow.pH              6.5 
_exptl_crystal_grow.pressure        ? 
_exptl_crystal_grow.pressure_esd    ? 
_exptl_crystal_grow.seeding         ? 
_exptl_crystal_grow.seeding_ref     ? 
_exptl_crystal_grow.temp            293 
_exptl_crystal_grow.temp_details    ? 
_exptl_crystal_grow.temp_esd        ? 
_exptl_crystal_grow.time            ? 
_exptl_crystal_grow.pdbx_details    'Tris-Acetate, potassium acetate, magnesium acetate, MES monohydrate, 2-Methyl-2,4-pentanediol' 
_exptl_crystal_grow.pdbx_pH_range   ? 
# 
_diffrn.ambient_environment              ? 
_diffrn.ambient_temp                     196 
_diffrn.ambient_temp_details             ? 
_diffrn.ambient_temp_esd                 ? 
_diffrn.crystal_id                       1 
_diffrn.crystal_support                  ? 
_diffrn.crystal_treatment                ? 
_diffrn.details                          ? 
_diffrn.id                               1 
_diffrn.ambient_pressure                 ? 
_diffrn.ambient_pressure_esd             ? 
_diffrn.ambient_pressure_gt              ? 
_diffrn.ambient_pressure_lt              ? 
_diffrn.ambient_temp_gt                  ? 
_diffrn.ambient_temp_lt                  ? 
_diffrn.pdbx_serial_crystal_experiment   N 
# 
_diffrn_detector.details                      ? 
_diffrn_detector.detector                     PIXEL 
_diffrn_detector.diffrn_id                    1 
_diffrn_detector.type                         'DECTRIS EIGER X 16M' 
_diffrn_detector.area_resol_mean              ? 
_diffrn_detector.dtime                        ? 
_diffrn_detector.pdbx_frames_total            ? 
_diffrn_detector.pdbx_collection_time_total   ? 
_diffrn_detector.pdbx_collection_date         2019-03-23 
_diffrn_detector.pdbx_frequency               ? 
# 
_diffrn_radiation.collimation                      ? 
_diffrn_radiation.diffrn_id                        1 
_diffrn_radiation.filter_edge                      ? 
_diffrn_radiation.inhomogeneity                    ? 
_diffrn_radiation.monochromator                    'Si(220)' 
_diffrn_radiation.polarisn_norm                    ? 
_diffrn_radiation.polarisn_ratio                   ? 
_diffrn_radiation.probe                            ? 
_diffrn_radiation.type                             ? 
_diffrn_radiation.xray_symbol                      ? 
_diffrn_radiation.wavelength_id                    1 
_diffrn_radiation.pdbx_monochromatic_or_laue_m_l   M 
_diffrn_radiation.pdbx_wavelength_list             ? 
_diffrn_radiation.pdbx_wavelength                  ? 
_diffrn_radiation.pdbx_diffrn_protocol             'SINGLE WAVELENGTH' 
_diffrn_radiation.pdbx_analyzer                    ? 
_diffrn_radiation.pdbx_scattering_type             x-ray 
# 
_diffrn_radiation_wavelength.id           1 
_diffrn_radiation_wavelength.wavelength   1.07110 
_diffrn_radiation_wavelength.wt           1.0 
# 
_diffrn_source.current                     ? 
_diffrn_source.details                     ? 
_diffrn_source.diffrn_id                   1 
_diffrn_source.power                       ? 
_diffrn_source.size                        ? 
_diffrn_source.source                      SYNCHROTRON 
_diffrn_source.target                      ? 
_diffrn_source.type                        'APS BEAMLINE 24-ID-E' 
_diffrn_source.voltage                     ? 
_diffrn_source.take-off_angle              ? 
_diffrn_source.pdbx_wavelength_list        1.07110 
_diffrn_source.pdbx_wavelength             ? 
_diffrn_source.pdbx_synchrotron_beamline   24-ID-E 
_diffrn_source.pdbx_synchrotron_site       APS 
# 
_reflns.B_iso_Wilson_estimate            31.32 
_reflns.entry_id                         7JLH 
_reflns.data_reduction_details           ? 
_reflns.data_reduction_method            ? 
_reflns.d_resolution_high                1.570 
_reflns.d_resolution_low                 32.540 
_reflns.details                          ? 
_reflns.limit_h_max                      ? 
_reflns.limit_h_min                      ? 
_reflns.limit_k_max                      ? 
_reflns.limit_k_min                      ? 
_reflns.limit_l_max                      ? 
_reflns.limit_l_min                      ? 
_reflns.number_all                       ? 
_reflns.number_obs                       12855 
_reflns.observed_criterion               ? 
_reflns.observed_criterion_F_max         ? 
_reflns.observed_criterion_F_min         ? 
_reflns.observed_criterion_I_max         ? 
_reflns.observed_criterion_I_min         ? 
_reflns.observed_criterion_sigma_F       ? 
_reflns.observed_criterion_sigma_I       ? 
_reflns.percent_possible_obs             99.7 
_reflns.R_free_details                   ? 
_reflns.Rmerge_F_all                     ? 
_reflns.Rmerge_F_obs                     ? 
_reflns.Friedel_coverage                 ? 
_reflns.number_gt                        ? 
_reflns.threshold_expression             ? 
_reflns.pdbx_redundancy                  5.900 
_reflns.pdbx_Rmerge_I_obs                ? 
_reflns.pdbx_Rmerge_I_all                ? 
_reflns.pdbx_Rsym_value                  ? 
_reflns.pdbx_netI_over_av_sigmaI         ? 
_reflns.pdbx_netI_over_sigmaI            15.1000 
_reflns.pdbx_res_netI_over_av_sigmaI_2   ? 
_reflns.pdbx_res_netI_over_sigmaI_2      ? 
_reflns.pdbx_chi_squared                 ? 
_reflns.pdbx_scaling_rejects             ? 
_reflns.pdbx_d_res_high_opt              ? 
_reflns.pdbx_d_res_low_opt               ? 
_reflns.pdbx_d_res_opt_method            ? 
_reflns.phase_calculation_details        ? 
_reflns.pdbx_Rrim_I_all                  ? 
_reflns.pdbx_Rpim_I_all                  ? 
_reflns.pdbx_d_opt                       ? 
_reflns.pdbx_number_measured_all         ? 
_reflns.pdbx_diffrn_id                   1 
_reflns.pdbx_ordinal                     1 
_reflns.pdbx_CC_half                     0.998 
_reflns.pdbx_CC_star                     ? 
_reflns.pdbx_R_split                     ? 
# 
_reflns_shell.d_res_high                  1.57 
_reflns_shell.d_res_low                   1.63 
_reflns_shell.meanI_over_sigI_all         ? 
_reflns_shell.meanI_over_sigI_obs         2.500 
_reflns_shell.number_measured_all         ? 
_reflns_shell.number_measured_obs         ? 
_reflns_shell.number_possible             ? 
_reflns_shell.number_unique_all           ? 
_reflns_shell.number_unique_obs           643 
_reflns_shell.percent_possible_all        99.0 
_reflns_shell.percent_possible_obs        ? 
_reflns_shell.Rmerge_F_all                ? 
_reflns_shell.Rmerge_F_obs                ? 
_reflns_shell.Rmerge_I_all                ? 
_reflns_shell.Rmerge_I_obs                ? 
_reflns_shell.meanI_over_sigI_gt          ? 
_reflns_shell.meanI_over_uI_all           ? 
_reflns_shell.meanI_over_uI_gt            ? 
_reflns_shell.number_measured_gt          ? 
_reflns_shell.number_unique_gt            ? 
_reflns_shell.percent_possible_gt         ? 
_reflns_shell.Rmerge_F_gt                 ? 
_reflns_shell.Rmerge_I_gt                 ? 
_reflns_shell.pdbx_redundancy             5.10 
_reflns_shell.pdbx_Rsym_value             ? 
_reflns_shell.pdbx_chi_squared            ? 
_reflns_shell.pdbx_netI_over_sigmaI_all   ? 
_reflns_shell.pdbx_netI_over_sigmaI_obs   ? 
_reflns_shell.pdbx_Rrim_I_all             ? 
_reflns_shell.pdbx_Rpim_I_all             ? 
_reflns_shell.pdbx_rejects                ? 
_reflns_shell.pdbx_ordinal                1 
_reflns_shell.pdbx_diffrn_id              1 
_reflns_shell.pdbx_CC_half                0.991 
_reflns_shell.pdbx_CC_star                ? 
_reflns_shell.pdbx_R_split                ? 
# 
_refine.aniso_B[1][1]                            ? 
_refine.aniso_B[1][2]                            ? 
_refine.aniso_B[1][3]                            ? 
_refine.aniso_B[2][2]                            ? 
_refine.aniso_B[2][3]                            ? 
_refine.aniso_B[3][3]                            ? 
_refine.B_iso_max                                ? 
_refine.B_iso_mean                               48.43 
_refine.B_iso_min                                ? 
_refine.correlation_coeff_Fo_to_Fc               ? 
_refine.correlation_coeff_Fo_to_Fc_free          ? 
_refine.details                                  ? 
_refine.diff_density_max                         ? 
_refine.diff_density_max_esd                     ? 
_refine.diff_density_min                         ? 
_refine.diff_density_min_esd                     ? 
_refine.diff_density_rms                         ? 
_refine.diff_density_rms_esd                     ? 
_refine.entry_id                                 7JLH 
_refine.pdbx_refine_id                           'X-RAY DIFFRACTION' 
_refine.ls_abs_structure_details                 ? 
_refine.ls_abs_structure_Flack                   ? 
_refine.ls_abs_structure_Flack_esd               ? 
_refine.ls_abs_structure_Rogers                  ? 
_refine.ls_abs_structure_Rogers_esd              ? 
_refine.ls_d_res_high                            1.57 
_refine.ls_d_res_low                             32.54 
_refine.ls_extinction_coef                       ? 
_refine.ls_extinction_coef_esd                   ? 
_refine.ls_extinction_expression                 ? 
_refine.ls_extinction_method                     ? 
_refine.ls_goodness_of_fit_all                   ? 
_refine.ls_goodness_of_fit_all_esd               ? 
_refine.ls_goodness_of_fit_obs                   ? 
_refine.ls_goodness_of_fit_obs_esd               ? 
_refine.ls_hydrogen_treatment                    ? 
_refine.ls_matrix_type                           ? 
_refine.ls_number_constraints                    ? 
_refine.ls_number_parameters                     ? 
_refine.ls_number_reflns_all                     ? 
_refine.ls_number_reflns_obs                     12659 
_refine.ls_number_reflns_R_free                  1257 
_refine.ls_number_reflns_R_work                  11402 
_refine.ls_number_restraints                     ? 
_refine.ls_percent_reflns_obs                    98.45 
_refine.ls_percent_reflns_R_free                 9.93 
_refine.ls_R_factor_all                          ? 
_refine.ls_R_factor_obs                          0.2240 
_refine.ls_R_factor_R_free                       0.2551 
_refine.ls_R_factor_R_free_error                 ? 
_refine.ls_R_factor_R_free_error_details         ? 
_refine.ls_R_factor_R_work                       0.2206 
_refine.ls_R_Fsqd_factor_obs                     ? 
_refine.ls_R_I_factor_obs                        ? 
_refine.ls_redundancy_reflns_all                 ? 
_refine.ls_redundancy_reflns_obs                 ? 
_refine.ls_restrained_S_all                      ? 
_refine.ls_restrained_S_obs                      ? 
_refine.ls_shift_over_esd_max                    ? 
_refine.ls_shift_over_esd_mean                   ? 
_refine.ls_structure_factor_coef                 ? 
_refine.ls_weighting_details                     ? 
_refine.ls_weighting_scheme                      ? 
_refine.ls_wR_factor_all                         ? 
_refine.ls_wR_factor_obs                         ? 
_refine.ls_wR_factor_R_free                      ? 
_refine.ls_wR_factor_R_work                      ? 
_refine.occupancy_max                            ? 
_refine.occupancy_min                            ? 
_refine.solvent_model_details                    'FLAT BULK SOLVENT MODEL' 
_refine.solvent_model_param_bsol                 ? 
_refine.solvent_model_param_ksol                 ? 
_refine.pdbx_R_complete                          ? 
_refine.ls_R_factor_gt                           ? 
_refine.ls_goodness_of_fit_gt                    ? 
_refine.ls_goodness_of_fit_ref                   ? 
_refine.ls_shift_over_su_max                     ? 
_refine.ls_shift_over_su_max_lt                  ? 
_refine.ls_shift_over_su_mean                    ? 
_refine.ls_shift_over_su_mean_lt                 ? 
_refine.pdbx_ls_sigma_I                          ? 
_refine.pdbx_ls_sigma_F                          1.35 
_refine.pdbx_ls_sigma_Fsqd                       ? 
_refine.pdbx_data_cutoff_high_absF               ? 
_refine.pdbx_data_cutoff_high_rms_absF           ? 
_refine.pdbx_data_cutoff_low_absF                ? 
_refine.pdbx_isotropic_thermal_model             ? 
_refine.pdbx_ls_cross_valid_method               'FREE R-VALUE' 
_refine.pdbx_method_to_determine_struct          'MOLECULAR REPLACEMENT' 
_refine.pdbx_starting_model                      175D 
_refine.pdbx_stereochemistry_target_values       'GeoStd + Monomer Library + CDL v1.2' 
_refine.pdbx_R_Free_selection_details            ? 
_refine.pdbx_stereochem_target_val_spec_case     ? 
_refine.pdbx_overall_ESU_R                       ? 
_refine.pdbx_overall_ESU_R_Free                  ? 
_refine.pdbx_solvent_vdw_probe_radii             1.1100 
_refine.pdbx_solvent_ion_probe_radii             ? 
_refine.pdbx_solvent_shrinkage_radii             0.9000 
_refine.pdbx_real_space_R                        ? 
_refine.pdbx_density_correlation                 ? 
_refine.pdbx_pd_number_of_powder_patterns        ? 
_refine.pdbx_pd_number_of_points                 ? 
_refine.pdbx_pd_meas_number_of_points            ? 
_refine.pdbx_pd_proc_ls_prof_R_factor            ? 
_refine.pdbx_pd_proc_ls_prof_wR_factor           ? 
_refine.pdbx_pd_Marquardt_correlation_coeff      ? 
_refine.pdbx_pd_Fsqrd_R_factor                   ? 
_refine.pdbx_pd_ls_matrix_band_width             ? 
_refine.pdbx_overall_phase_error                 32.2896 
_refine.pdbx_overall_SU_R_free_Cruickshank_DPI   ? 
_refine.pdbx_overall_SU_R_free_Blow_DPI          ? 
_refine.pdbx_overall_SU_R_Blow_DPI               ? 
_refine.pdbx_TLS_residual_ADP_flag               ? 
_refine.pdbx_diffrn_id                           1 
_refine.overall_SU_B                             ? 
_refine.overall_SU_ML                            0.2088 
_refine.overall_SU_R_Cruickshank_DPI             ? 
_refine.overall_SU_R_free                        ? 
_refine.overall_FOM_free_R_set                   ? 
_refine.overall_FOM_work_R_set                   ? 
_refine.pdbx_average_fsc_overall                 ? 
_refine.pdbx_average_fsc_work                    ? 
_refine.pdbx_average_fsc_free                    ? 
# 
_refine_hist.pdbx_refine_id                   'X-RAY DIFFRACTION' 
_refine_hist.cycle_id                         LAST 
_refine_hist.details                          ? 
_refine_hist.d_res_high                       1.57 
_refine_hist.d_res_low                        32.54 
_refine_hist.number_atoms_solvent             74 
_refine_hist.number_atoms_total               715 
_refine_hist.number_reflns_all                ? 
_refine_hist.number_reflns_obs                ? 
_refine_hist.number_reflns_R_free             ? 
_refine_hist.number_reflns_R_work             ? 
_refine_hist.R_factor_all                     ? 
_refine_hist.R_factor_obs                     ? 
_refine_hist.R_factor_R_free                  ? 
_refine_hist.R_factor_R_work                  ? 
_refine_hist.pdbx_number_residues_total       ? 
_refine_hist.pdbx_B_iso_mean_ligand           ? 
_refine_hist.pdbx_B_iso_mean_solvent          ? 
_refine_hist.pdbx_number_atoms_protein        0 
_refine_hist.pdbx_number_atoms_nucleic_acid   636 
_refine_hist.pdbx_number_atoms_ligand         5 
_refine_hist.pdbx_number_atoms_lipid          ? 
_refine_hist.pdbx_number_atoms_carb           ? 
_refine_hist.pdbx_pseudo_atom_details         ? 
# 
loop_
_refine_ls_restr.pdbx_refine_id 
_refine_ls_restr.criterion 
_refine_ls_restr.dev_ideal 
_refine_ls_restr.dev_ideal_target 
_refine_ls_restr.number 
_refine_ls_restr.rejects 
_refine_ls_restr.type 
_refine_ls_restr.weight 
_refine_ls_restr.pdbx_restraint_function 
'X-RAY DIFFRACTION' ? 0.0170  ? 717  ? f_bond_d           ? ? 
'X-RAY DIFFRACTION' ? 1.6680  ? 1095 ? f_angle_d          ? ? 
'X-RAY DIFFRACTION' ? 0.1189  ? 120  ? f_chiral_restr     ? ? 
'X-RAY DIFFRACTION' ? 0.0166  ? 31   ? f_plane_restr      ? ? 
'X-RAY DIFFRACTION' ? 33.6680 ? 282  ? f_dihedral_angle_d ? ? 
# 
loop_
_refine_ls_shell.pdbx_refine_id 
_refine_ls_shell.d_res_high 
_refine_ls_shell.d_res_low 
_refine_ls_shell.number_reflns_all 
_refine_ls_shell.number_reflns_obs 
_refine_ls_shell.number_reflns_R_free 
_refine_ls_shell.number_reflns_R_work 
_refine_ls_shell.percent_reflns_obs 
_refine_ls_shell.percent_reflns_R_free 
_refine_ls_shell.R_factor_all 
_refine_ls_shell.R_factor_obs 
_refine_ls_shell.R_factor_R_free 
_refine_ls_shell.R_factor_R_free_error 
_refine_ls_shell.R_factor_R_work 
_refine_ls_shell.redundancy_reflns_all 
_refine_ls_shell.redundancy_reflns_obs 
_refine_ls_shell.wR_factor_all 
_refine_ls_shell.wR_factor_obs 
_refine_ls_shell.wR_factor_R_free 
_refine_ls_shell.wR_factor_R_work 
_refine_ls_shell.pdbx_R_complete 
_refine_ls_shell.pdbx_total_number_of_bins_used 
_refine_ls_shell.pdbx_phase_error 
_refine_ls_shell.pdbx_fsc_work 
_refine_ls_shell.pdbx_fsc_free 
'X-RAY DIFFRACTION' 1.57 1.63  . . 129 1226 95.69 . . . 0.3785 . 0.3042 . . . . . . . . . . . 
'X-RAY DIFFRACTION' 1.63 1.71  . . 133 1188 94.70 . . . 0.2966 . 0.2708 . . . . . . . . . . . 
'X-RAY DIFFRACTION' 1.71 1.80  . . 144 1233 98.15 . . . 0.3025 . 0.2542 . . . . . . . . . . . 
'X-RAY DIFFRACTION' 1.80 1.91  . . 136 1247 99.14 . . . 0.3140 . 0.2535 . . . . . . . . . . . 
'X-RAY DIFFRACTION' 1.91 2.06  . . 143 1266 99.51 . . . 0.3096 . 0.2610 . . . . . . . . . . . 
'X-RAY DIFFRACTION' 2.06 2.26  . . 141 1276 99.86 . . . 0.2827 . 0.2577 . . . . . . . . . . . 
'X-RAY DIFFRACTION' 2.26 2.59  . . 139 1282 99.79 . . . 0.3404 . 0.2678 . . . . . . . . . . . 
'X-RAY DIFFRACTION' 2.59 3.26  . . 144 1307 99.59 . . . 0.2468 . 0.2407 . . . . . . . . . . . 
'X-RAY DIFFRACTION' 3.26 32.54 . . 148 1377 99.48 . . . 0.2177 . 0.1825 . . . . . . . . . . . 
# 
_struct.entry_id                     7JLH 
_struct.title                        'Structure of Centromeric Satellite III Non-canonical Duplex' 
_struct.pdbx_model_details           ? 
_struct.pdbx_formula_weight          ? 
_struct.pdbx_formula_weight_method   ? 
_struct.pdbx_model_type_details      ? 
_struct.pdbx_CASP_flag               N 
# 
_struct_keywords.entry_id        7JLH 
_struct_keywords.text            'non-canonical DNA, duplex, fiber, Satellite III, DNA' 
_struct_keywords.pdbx_keywords   DNA 
# 
loop_
_struct_asym.id 
_struct_asym.pdbx_blank_PDB_chainid_flag 
_struct_asym.pdbx_modified 
_struct_asym.entity_id 
_struct_asym.details 
A N N 1 ? 
B N N 1 ? 
C N N 1 ? 
D N N 1 ? 
E N N 1 ? 
F N N 1 ? 
G N N 2 ? 
H N N 3 ? 
I N N 4 ? 
J N N 4 ? 
K N N 4 ? 
L N N 4 ? 
M N N 4 ? 
N N N 4 ? 
# 
loop_
_struct_conn.id 
_struct_conn.conn_type_id 
_struct_conn.pdbx_leaving_atom_flag 
_struct_conn.pdbx_PDB_id 
_struct_conn.ptnr1_label_asym_id 
_struct_conn.ptnr1_label_comp_id 
_struct_conn.ptnr1_label_seq_id 
_struct_conn.ptnr1_label_atom_id 
_struct_conn.pdbx_ptnr1_label_alt_id 
_struct_conn.pdbx_ptnr1_PDB_ins_code 
_struct_conn.pdbx_ptnr1_standard_comp_id 
_struct_conn.ptnr1_symmetry 
_struct_conn.ptnr2_label_asym_id 
_struct_conn.ptnr2_label_comp_id 
_struct_conn.ptnr2_label_seq_id 
_struct_conn.ptnr2_label_atom_id 
_struct_conn.pdbx_ptnr2_label_alt_id 
_struct_conn.pdbx_ptnr2_PDB_ins_code 
_struct_conn.ptnr1_auth_asym_id 
_struct_conn.ptnr1_auth_comp_id 
_struct_conn.ptnr1_auth_seq_id 
_struct_conn.ptnr2_auth_asym_id 
_struct_conn.ptnr2_auth_comp_id 
_struct_conn.ptnr2_auth_seq_id 
_struct_conn.ptnr2_symmetry 
_struct_conn.pdbx_ptnr3_label_atom_id 
_struct_conn.pdbx_ptnr3_label_seq_id 
_struct_conn.pdbx_ptnr3_label_comp_id 
_struct_conn.pdbx_ptnr3_label_asym_id 
_struct_conn.pdbx_ptnr3_label_alt_id 
_struct_conn.pdbx_ptnr3_PDB_ins_code 
_struct_conn.details 
_struct_conn.pdbx_dist_value 
_struct_conn.pdbx_value_order 
_struct_conn.pdbx_role 
metalc1  metalc ? ? H MG . MG ? ? ? 1_555 J HOH . O  ? ? B MG 101 B HOH 204 1_555 ? ? ? ? ? ? ?            2.115 ? ? 
metalc2  metalc ? ? H MG . MG ? ? ? 1_555 J HOH . O  ? ? B MG 101 B HOH 205 1_555 ? ? ? ? ? ? ?            2.147 ? ? 
metalc3  metalc ? ? H MG . MG ? ? ? 1_555 J HOH . O  ? ? B MG 101 B HOH 210 1_555 ? ? ? ? ? ? ?            2.195 ? ? 
metalc4  metalc ? ? H MG . MG ? ? ? 1_555 J HOH . O  ? ? B MG 101 B HOH 212 1_555 ? ? ? ? ? ? ?            2.108 ? ? 
metalc5  metalc ? ? H MG . MG ? ? ? 1_555 K HOH . O  ? ? B MG 101 C HOH 109 1_555 ? ? ? ? ? ? ?            2.105 ? ? 
metalc6  metalc ? ? H MG . MG ? ? ? 1_555 L HOH . O  ? ? B MG 101 D HOH 111 1_555 ? ? ? ? ? ? ?            1.919 ? ? 
hydrog1  hydrog ? ? A DA 1 N6 ? ? ? 1_555 B DG  4 N3 ? ? A DA 1   B DG  4   1_555 ? ? ? ? ? ? TYPE_11_PAIR ?     ? ? 
hydrog2  hydrog ? ? A DA 1 N7 ? ? ? 1_555 B DG  4 N2 ? ? A DA 1   B DG  4   1_555 ? ? ? ? ? ? TYPE_11_PAIR ?     ? ? 
hydrog3  hydrog ? ? A DA 2 N1 ? ? ? 1_555 B DT  3 N3 ? ? A DA 2   B DT  3   1_555 ? ? ? ? ? ? WATSON-CRICK ?     ? ? 
hydrog4  hydrog ? ? A DA 2 N6 ? ? ? 1_555 B DT  3 O4 ? ? A DA 2   B DT  3   1_555 ? ? ? ? ? ? WATSON-CRICK ?     ? ? 
hydrog5  hydrog ? ? A DT 3 N3 ? ? ? 1_555 B DA  2 N1 ? ? A DT 3   B DA  2   1_555 ? ? ? ? ? ? WATSON-CRICK ?     ? ? 
hydrog6  hydrog ? ? A DT 3 O4 ? ? ? 1_555 B DA  2 N6 ? ? A DT 3   B DA  2   1_555 ? ? ? ? ? ? WATSON-CRICK ?     ? ? 
hydrog7  hydrog ? ? A DG 4 N2 ? ? ? 1_555 B DA  1 N7 ? ? A DG 4   B DA  1   1_555 ? ? ? ? ? ? TYPE_11_PAIR ?     ? ? 
hydrog8  hydrog ? ? A DG 4 N3 ? ? ? 1_555 B DA  1 N6 ? ? A DG 4   B DA  1   1_555 ? ? ? ? ? ? TYPE_11_PAIR ?     ? ? 
hydrog9  hydrog ? ? C DA 1 N6 ? ? ? 1_555 D DG  4 N3 ? ? C DA 1   D DG  4   1_555 ? ? ? ? ? ? TYPE_11_PAIR ?     ? ? 
hydrog10 hydrog ? ? C DA 1 N7 ? ? ? 1_555 D DG  4 N2 ? ? C DA 1   D DG  4   1_555 ? ? ? ? ? ? TYPE_11_PAIR ?     ? ? 
hydrog11 hydrog ? ? C DA 2 N1 ? ? ? 1_555 D DT  3 N3 ? ? C DA 2   D DT  3   1_555 ? ? ? ? ? ? WATSON-CRICK ?     ? ? 
hydrog12 hydrog ? ? C DA 2 N6 ? ? ? 1_555 D DT  3 O4 ? ? C DA 2   D DT  3   1_555 ? ? ? ? ? ? WATSON-CRICK ?     ? ? 
hydrog13 hydrog ? ? C DT 3 N3 ? ? ? 1_555 D DA  2 N1 ? ? C DT 3   D DA  2   1_555 ? ? ? ? ? ? WATSON-CRICK ?     ? ? 
hydrog14 hydrog ? ? C DT 3 O4 ? ? ? 1_555 D DA  2 N6 ? ? C DT 3   D DA  2   1_555 ? ? ? ? ? ? WATSON-CRICK ?     ? ? 
hydrog15 hydrog ? ? C DG 4 N2 ? ? ? 1_555 D DA  1 N7 ? ? C DG 4   D DA  1   1_555 ? ? ? ? ? ? TYPE_11_PAIR ?     ? ? 
hydrog16 hydrog ? ? C DG 4 N3 ? ? ? 1_555 D DA  1 N6 ? ? C DG 4   D DA  1   1_555 ? ? ? ? ? ? TYPE_11_PAIR ?     ? ? 
hydrog17 hydrog ? ? E DA 1 N6 ? ? ? 1_555 F DG  4 N3 ? ? E DA 1   F DG  4   1_555 ? ? ? ? ? ? TYPE_11_PAIR ?     ? ? 
hydrog18 hydrog ? ? E DA 1 N7 ? ? ? 1_555 F DG  4 N2 ? ? E DA 1   F DG  4   1_555 ? ? ? ? ? ? TYPE_11_PAIR ?     ? ? 
hydrog19 hydrog ? ? E DA 2 N1 ? ? ? 1_555 F DT  3 N3 ? ? E DA 2   F DT  3   1_555 ? ? ? ? ? ? WATSON-CRICK ?     ? ? 
hydrog20 hydrog ? ? E DA 2 N6 ? ? ? 1_555 F DT  3 O4 ? ? E DA 2   F DT  3   1_555 ? ? ? ? ? ? WATSON-CRICK ?     ? ? 
hydrog21 hydrog ? ? E DT 3 N3 ? ? ? 1_555 F DA  2 N1 ? ? E DT 3   F DA  2   1_555 ? ? ? ? ? ? WATSON-CRICK ?     ? ? 
hydrog22 hydrog ? ? E DT 3 O4 ? ? ? 1_555 F DA  2 N6 ? ? E DT 3   F DA  2   1_555 ? ? ? ? ? ? WATSON-CRICK ?     ? ? 
hydrog23 hydrog ? ? E DG 4 N2 ? ? ? 1_555 F DA  1 N7 ? ? E DG 4   F DA  1   1_555 ? ? ? ? ? ? TYPE_11_PAIR ?     ? ? 
hydrog24 hydrog ? ? E DG 4 N3 ? ? ? 1_555 F DA  1 N6 ? ? E DG 4   F DA  1   1_555 ? ? ? ? ? ? TYPE_11_PAIR ?     ? ? 
# 
loop_
_struct_conn_type.id 
_struct_conn_type.criteria 
_struct_conn_type.reference 
metalc ? ? 
hydrog ? ? 
# 
_atom_sites.entry_id                    7JLH 
_atom_sites.Cartn_transf_matrix[1][1]   ? 
_atom_sites.Cartn_transf_matrix[1][2]   ? 
_atom_sites.Cartn_transf_matrix[1][3]   ? 
_atom_sites.Cartn_transf_matrix[2][1]   ? 
_atom_sites.Cartn_transf_matrix[2][2]   ? 
_atom_sites.Cartn_transf_matrix[2][3]   ? 
_atom_sites.Cartn_transf_matrix[3][1]   ? 
_atom_sites.Cartn_transf_matrix[3][2]   ? 
_atom_sites.Cartn_transf_matrix[3][3]   ? 
_atom_sites.Cartn_transf_vector[1]      ? 
_atom_sites.Cartn_transf_vector[2]      ? 
_atom_sites.Cartn_transf_vector[3]      ? 
_atom_sites.fract_transf_matrix[1][1]   -0.02022971 
_atom_sites.fract_transf_matrix[1][2]   -0.01519142 
_atom_sites.fract_transf_matrix[1][3]   0.00041359 
_atom_sites.fract_transf_matrix[2][1]   0.01456281 
_atom_sites.fract_transf_matrix[2][2]   -0.01922821 
_atom_sites.fract_transf_matrix[2][3]   0.00603895 
_atom_sites.fract_transf_matrix[3][1]   -0.00240482 
_atom_sites.fract_transf_matrix[3][2]   0.00367920 
_atom_sites.fract_transf_matrix[3][3]   0.01751387 
_atom_sites.fract_transf_vector[1]      0.020863 
_atom_sites.fract_transf_vector[2]      -0.477134 
_atom_sites.fract_transf_vector[3]      -0.055532 
_atom_sites.solution_primary            ? 
_atom_sites.solution_secondary          ? 
_atom_sites.solution_hydrogens          ? 
_atom_sites.special_details             ? 
# 
loop_
_atom_type.symbol 
_atom_type.scat_dispersion_real 
_atom_type.scat_dispersion_imag 
_atom_type.scat_Cromer_Mann_a1 
_atom_type.scat_Cromer_Mann_a2 
_atom_type.scat_Cromer_Mann_a3 
_atom_type.scat_Cromer_Mann_a4 
_atom_type.scat_Cromer_Mann_b1 
_atom_type.scat_Cromer_Mann_b2 
_atom_type.scat_Cromer_Mann_b3 
_atom_type.scat_Cromer_Mann_b4 
_atom_type.scat_Cromer_Mann_c 
_atom_type.scat_source 
_atom_type.scat_dispersion_source 
C  ? ? 3.54356 2.42580 ? ? 25.62398 1.50364  ? ? 0.0 
;2-Gaussian fit: Grosse-Kunstleve RW, Sauter NK, Adams PD: Newsletter of the IUCr Commission on Crystallographic Computing 2004, 3, 22-31.
;
? 
MG ? ? 9.41153 2.53737 ? ? 2.59044  63.03566 ? ? 0.0 
;2-Gaussian fit: Grosse-Kunstleve RW, Sauter NK, Adams PD: Newsletter of the IUCr Commission on Crystallographic Computing 2004, 3, 22-31.
;
? 
N  ? ? 4.01032 2.96436 ? ? 19.97189 1.75589  ? ? 0.0 
;2-Gaussian fit: Grosse-Kunstleve RW, Sauter NK, Adams PD: Newsletter of the IUCr Commission on Crystallographic Computing 2004, 3, 22-31.
;
? 
O  ? ? 4.49882 3.47563 ? ? 15.80542 1.70748  ? ? 0.0 
;2-Gaussian fit: Grosse-Kunstleve RW, Sauter NK, Adams PD: Newsletter of the IUCr Commission on Crystallographic Computing 2004, 3, 22-31.
;
? 
P  ? ? 9.51135 5.44231 ? ? 1.42069  35.72801 ? ? 0.0 
;2-Gaussian fit: Grosse-Kunstleve RW, Sauter NK, Adams PD: Newsletter of the IUCr Commission on Crystallographic Computing 2004, 3, 22-31.
;
? 
# 
loop_
_atom_site.group_PDB 
_atom_site.id 
_atom_site.type_symbol 
_atom_site.label_atom_id 
_atom_site.label_alt_id 
_atom_site.label_comp_id 
_atom_site.label_asym_id 
_atom_site.label_entity_id 
_atom_site.label_seq_id 
_atom_site.pdbx_PDB_ins_code 
_atom_site.Cartn_x 
_atom_site.Cartn_y 
_atom_site.Cartn_z 
_atom_site.occupancy 
_atom_site.B_iso_or_equiv 
_atom_site.pdbx_formal_charge 
_atom_site.auth_seq_id 
_atom_site.auth_comp_id 
_atom_site.auth_asym_id 
_atom_site.auth_atom_id 
_atom_site.pdbx_PDB_model_num 
ATOM   1   P  P     . DA  A 1 1 ? 14.54928  -5.49047  4.04023   1.000 39.83021 ? 1   DA  A P     1 
ATOM   2   O  OP1   . DA  A 1 1 ? 15.17587  -6.81768  4.28020   1.000 48.06784 ? 1   DA  A OP1   1 
ATOM   3   O  OP2   . DA  A 1 1 ? 13.39377  -5.31681  3.12752   1.000 35.85275 ? 1   DA  A OP2   1 
ATOM   4   O  "O5'" . DA  A 1 1 ? 14.32303  -4.80647  5.43126   1.000 36.63550 ? 1   DA  A "O5'" 1 
ATOM   5   C  "C5'" . DA  A 1 1 ? 15.36680  -4.74138  6.37875   1.000 36.98887 ? 1   DA  A "C5'" 1 
ATOM   6   C  "C4'" . DA  A 1 1 ? 14.88672  -5.22757  7.73697   1.000 42.27552 ? 1   DA  A "C4'" 1 
ATOM   7   O  "O4'" . DA  A 1 1 ? 13.79779  -4.37435  8.21416   1.000 40.95395 ? 1   DA  A "O4'" 1 
ATOM   8   C  "C3'" . DA  A 1 1 ? 14.33902  -6.65991  7.77686   1.000 40.99368 ? 1   DA  A "C3'" 1 
ATOM   9   O  "O3'" . DA  A 1 1 ? 14.67323  -7.18349  8.99266   1.000 47.83363 ? 1   DA  A "O3'" 1 
ATOM   10  C  "C2'" . DA  A 1 1 ? 12.81674  -6.42668  7.64038   1.000 38.42363 ? 1   DA  A "C2'" 1 
ATOM   11  C  "C1'" . DA  A 1 1 ? 12.63905  -5.18078  8.47408   1.000 39.23632 ? 1   DA  A "C1'" 1 
ATOM   12  N  N9    . DA  A 1 1 ? 11.45626  -4.37070  8.12823   1.000 32.25247 ? 1   DA  A N9    1 
ATOM   13  C  C8    . DA  A 1 1 ? 10.97908  -4.07666  6.90330   1.000 31.31806 ? 1   DA  A C8    1 
ATOM   14  N  N7    . DA  A 1 1 ? 9.89720   -3.31310  6.92608   1.000 31.93165 ? 1   DA  A N7    1 
ATOM   15  C  C5    . DA  A 1 1 ? 9.72389   -3.03354  8.25492   1.000 32.75725 ? 1   DA  A C5    1 
ATOM   16  C  C6    . DA  A 1 1 ? 8.77661   -2.24816  8.96875   1.000 31.47302 ? 1   DA  A C6    1 
ATOM   17  N  N6    . DA  A 1 1 ? 7.83300   -1.51821  8.37026   1.000 30.02343 ? 1   DA  A N6    1 
ATOM   18  N  N1    . DA  A 1 1 ? 8.90575   -2.18257  10.30441  1.000 36.38331 ? 1   DA  A N1    1 
ATOM   19  C  C2    . DA  A 1 1 ? 9.89572   -2.86953  10.89044  1.000 37.58382 ? 1   DA  A C2    1 
ATOM   20  N  N3    . DA  A 1 1 ? 10.81897  -3.64173  10.32730  1.000 36.70247 ? 1   DA  A N3    1 
ATOM   21  C  C4    . DA  A 1 1 ? 10.70630  -3.65185  9.01478   1.000 33.09321 ? 1   DA  A C4    1 
ATOM   22  P  P     . DA  A 1 2 ? 14.49327  -8.74945  9.33664   0.750 49.19259 ? 2   DA  A P     1 
ATOM   23  O  OP1   . DA  A 1 2 ? 15.65715  -9.26426  10.07608  0.750 51.26546 ? 2   DA  A OP1   1 
ATOM   24  O  OP2   . DA  A 1 2 ? 13.87944  -9.42696  8.18140   0.750 44.53402 ? 2   DA  A OP2   1 
ATOM   25  O  "O5'" . DA  A 1 2 ? 13.42913  -8.69631  10.47963  1.000 50.48872 ? 2   DA  A "O5'" 1 
ATOM   26  C  "C5'" . DA  A 1 2 ? 12.18225  -8.52278  10.14059  1.000 48.44907 ? 2   DA  A "C5'" 1 
ATOM   27  C  "C4'" . DA  A 1 2 ? 11.40166  -8.05920  11.31674  1.000 48.96922 ? 2   DA  A "C4'" 1 
ATOM   28  O  "O4'" . DA  A 1 2 ? 10.63942  -6.91335  10.86306  1.000 44.02812 ? 2   DA  A "O4'" 1 
ATOM   29  C  "C3'" . DA  A 1 2 ? 10.40642  -9.11842  11.76405  1.000 46.97644 ? 2   DA  A "C3'" 1 
ATOM   30  O  "O3'" . DA  A 1 2 ? 10.12389  -9.05556  13.13918  1.000 52.78597 ? 2   DA  A "O3'" 1 
ATOM   31  C  "C2'" . DA  A 1 2 ? 9.18995   -8.82497  10.92318  1.000 43.64821 ? 2   DA  A "C2'" 1 
ATOM   32  C  "C1'" . DA  A 1 2 ? 9.30878   -7.31690  10.60469  1.000 41.12842 ? 2   DA  A "C1'" 1 
ATOM   33  N  N9    . DA  A 1 2 ? 8.97461   -7.00574  9.24603   1.000 34.20231 ? 2   DA  A N9    1 
ATOM   34  C  C8    . DA  A 1 2 ? 9.48248   -7.53985  8.10033   1.000 31.08486 ? 2   DA  A C8    1 
ATOM   35  N  N7    . DA  A 1 2 ? 8.93952   -7.09637  7.01535   1.000 31.39107 ? 2   DA  A N7    1 
ATOM   36  C  C5    . DA  A 1 2 ? 8.02425   -6.17605  7.47176   1.000 29.63226 ? 2   DA  A C5    1 
ATOM   37  C  C6    . DA  A 1 2 ? 7.06169   -5.38593  6.78660   1.000 29.63850 ? 2   DA  A C6    1 
ATOM   38  N  N6    . DA  A 1 2 ? 6.98028   -5.31100  5.47665   1.000 30.03751 ? 2   DA  A N6    1 
ATOM   39  N  N1    . DA  A 1 2 ? 6.25387   -4.61819  7.55172   1.000 28.33795 ? 2   DA  A N1    1 
ATOM   40  C  C2    . DA  A 1 2 ? 6.37527   -4.64962  8.86037   1.000 29.84377 ? 2   DA  A C2    1 
ATOM   41  N  N3    . DA  A 1 2 ? 7.22009   -5.36928  9.62327   1.000 31.25348 ? 2   DA  A N3    1 
ATOM   42  C  C4    . DA  A 1 2 ? 7.99254   -6.13939  8.82489   1.000 30.36839 ? 2   DA  A C4    1 
ATOM   43  P  P     . DT  A 1 3 ? 9.20740   -10.21531 13.81180  1.000 55.58542 ? 3   DT  A P     1 
ATOM   44  O  OP1   . DT  A 1 3 ? 9.57923   -10.31082 15.22258  1.000 60.66172 ? 3   DT  A OP1   1 
ATOM   45  O  OP2   . DT  A 1 3 ? 9.18952   -11.36435 12.85970  1.000 51.54490 ? 3   DT  A OP2   1 
ATOM   46  O  "O5'" . DT  A 1 3 ? 7.71031   -9.66930  13.63805  1.000 51.95800 ? 3   DT  A "O5'" 1 
ATOM   47  C  "C5'" . DT  A 1 3 ? 7.33414   -8.41725  14.17859  1.000 50.23647 ? 3   DT  A "C5'" 1 
ATOM   48  C  "C4'" . DT  A 1 3 ? 5.96222   -7.97523  13.64991  1.000 45.56615 ? 3   DT  A "C4'" 1 
ATOM   49  O  "O4'" . DT  A 1 3 ? 6.02366   -7.63251  12.25641  1.000 40.86235 ? 3   DT  A "O4'" 1 
ATOM   50  C  "C3'" . DT  A 1 3 ? 4.82178   -9.00052  13.80644  1.000 44.49139 ? 3   DT  A "C3'" 1 
ATOM   51  O  "O3'" . DT  A 1 3 ? 3.75648   -8.34873  14.51050  1.000 47.63390 ? 3   DT  A "O3'" 1 
ATOM   52  C  "C2'" . DT  A 1 3 ? 4.43638   -9.34586  12.36450  1.000 41.23291 ? 3   DT  A "C2'" 1 
ATOM   53  C  "C1'" . DT  A 1 3 ? 4.82049   -8.05113  11.62733  1.000 40.70319 ? 3   DT  A "C1'" 1 
ATOM   54  N  N1    . DT  A 1 3 ? 5.02342   -8.17414  10.17996  1.000 35.56896 ? 3   DT  A N1    1 
ATOM   55  C  C2    . DT  A 1 3 ? 4.37154   -7.28729  9.34019   1.000 31.75509 ? 3   DT  A C2    1 
ATOM   56  O  O2    . DT  A 1 3 ? 3.62866   -6.41494  9.75143   1.000 33.57563 ? 3   DT  A O2    1 
ATOM   57  N  N3    . DT  A 1 3 ? 4.59909   -7.44780  8.05163   1.000 31.43494 ? 3   DT  A N3    1 
ATOM   58  C  C4    . DT  A 1 3 ? 5.44002   -8.34729  7.44607   1.000 30.99480 ? 3   DT  A C4    1 
ATOM   59  O  O4    . DT  A 1 3 ? 5.58882   -8.38679  6.22970   1.000 34.09001 ? 3   DT  A O4    1 
ATOM   60  C  C5    . DT  A 1 3 ? 6.10056   -9.25939  8.35756   1.000 31.38954 ? 3   DT  A C5    1 
ATOM   61  C  C7    . DT  A 1 3 ? 7.02411   -10.31328 7.82744   1.000 37.50984 ? 3   DT  A C7    1 
ATOM   62  C  C6    . DT  A 1 3 ? 5.86729   -9.13311  9.65989   1.000 33.30309 ? 3   DT  A C6    1 
ATOM   63  P  P     . DG  A 1 4 ? 2.54320   -9.14253  15.19107  1.000 50.91820 ? 4   DG  A P     1 
ATOM   64  O  OP1   . DG  A 1 4 ? 2.05915   -8.30369  16.29695  1.000 50.99746 ? 4   DG  A OP1   1 
ATOM   65  O  OP2   . DG  A 1 4 ? 2.95877   -10.52177 15.51777  1.000 51.65043 ? 4   DG  A OP2   1 
ATOM   66  O  "O5'" . DG  A 1 4 ? 1.46436   -9.17205  14.01499  1.000 47.37245 ? 4   DG  A "O5'" 1 
ATOM   67  C  "C5'" . DG  A 1 4 ? 0.99384   -7.96692  13.48127  1.000 45.84464 ? 4   DG  A "C5'" 1 
ATOM   68  C  "C4'" . DG  A 1 4 ? 0.23131   -8.22694  12.22351  1.000 39.06016 ? 4   DG  A "C4'" 1 
ATOM   69  O  "O4'" . DG  A 1 4 ? 1.14532   -8.70140  11.20786  1.000 38.69360 ? 4   DG  A "O4'" 1 
ATOM   70  C  "C3'" . DG  A 1 4 ? -0.87562  -9.29088  12.35324  1.000 42.66029 ? 4   DG  A "C3'" 1 
ATOM   71  O  "O3'" . DG  A 1 4 ? -1.88684  -8.89663  11.52076  1.000 43.61244 ? 4   DG  A "O3'" 1 
ATOM   72  C  "C2'" . DG  A 1 4 ? -0.17780  -10.51431 11.77253  1.000 41.05437 ? 4   DG  A "C2'" 1 
ATOM   73  C  "C1'" . DG  A 1 4 ? 0.60923   -9.87854  10.65516  1.000 41.21242 ? 4   DG  A "C1'" 1 
ATOM   74  N  N9    . DG  A 1 4 ? 1.69579   -10.72514 10.15972  1.000 36.61481 ? 4   DG  A N9    1 
ATOM   75  C  C8    . DG  A 1 4 ? 2.27033   -11.78434 10.83019  1.000 40.49409 ? 4   DG  A C8    1 
ATOM   76  N  N7    . DG  A 1 4 ? 3.17163   -12.40191 10.12699  1.000 41.97353 ? 4   DG  A N7    1 
ATOM   77  C  C5    . DG  A 1 4 ? 3.17178   -11.73530 8.91389   1.000 36.41404 ? 4   DG  A C5    1 
ATOM   78  C  C6    . DG  A 1 4 ? 3.92633   -11.96953 7.72052   1.000 37.76611 ? 4   DG  A C6    1 
ATOM   79  O  O6    . DG  A 1 4 ? 4.75704   -12.86920 7.52760   1.000 42.03252 ? 4   DG  A O6    1 
ATOM   80  N  N1    . DG  A 1 4 ? 3.61931   -11.06420 6.71381   1.000 34.73412 ? 4   DG  A N1    1 
ATOM   81  C  C2    . DG  A 1 4 ? 2.66878   -10.05013 6.82907   1.000 30.62308 ? 4   DG  A C2    1 
ATOM   82  N  N2    . DG  A 1 4 ? 2.49425   -9.24919  5.77219   1.000 29.19690 ? 4   DG  A N2    1 
ATOM   83  N  N3    . DG  A 1 4 ? 1.93587   -9.86807  7.93494   1.000 32.25029 ? 4   DG  A N3    1 
ATOM   84  C  C4    . DG  A 1 4 ? 2.25441   -10.70272 8.91387   1.000 34.34181 ? 4   DG  A C4    1 
ATOM   85  P  P     . DG  A 1 5 ? -3.43242  -9.26219  11.81080  1.000 46.00708 ? 5   DG  A P     1 
ATOM   86  O  OP1   . DG  A 1 5 ? -3.86130  -8.24181  12.79719  1.000 54.85406 ? 5   DG  A OP1   1 
ATOM   87  O  OP2   . DG  A 1 5 ? -3.73499  -10.68864 12.18067  1.000 46.02476 ? 5   DG  A OP2   1 
ATOM   88  O  "O5'" . DG  A 1 5 ? -4.06909  -8.82329  10.44069  1.000 41.58770 ? 5   DG  A "O5'" 1 
ATOM   89  C  "C5'" . DG  A 1 5 ? -3.54332  -7.71342  9.76036   1.000 44.09459 ? 5   DG  A "C5'" 1 
ATOM   90  C  "C4'" . DG  A 1 5 ? -3.53781  -7.99909  8.29164   1.000 39.59840 ? 5   DG  A "C4'" 1 
ATOM   91  O  "O4'" . DG  A 1 5 ? -2.28724  -8.52455  7.87372   1.000 37.30153 ? 5   DG  A "O4'" 1 
ATOM   92  C  "C3'" . DG  A 1 5 ? -4.48947  -9.07721  7.97025   1.000 45.35490 ? 5   DG  A "C3'" 1 
ATOM   93  O  "O3'" . DG  A 1 5 ? -5.67666  -8.48148  7.93422   1.000 51.77329 ? 5   DG  A "O3'" 1 
ATOM   94  C  "C2'" . DG  A 1 5 ? -4.00759  -9.54050  6.61423   1.000 42.42083 ? 5   DG  A "C2'" 1 
ATOM   95  C  "C1'" . DG  A 1 5 ? -2.50616  -9.46529  6.83383   1.000 37.18392 ? 5   DG  A "C1'" 1 
ATOM   96  N  N9    . DG  A 1 5 ? -1.87659  -10.67535 7.31412   1.000 34.52126 ? 5   DG  A N9    1 
ATOM   97  C  C8    . DG  A 1 5 ? -1.95776  -11.22231 8.56120   1.000 36.93028 ? 5   DG  A C8    1 
ATOM   98  N  N7    . DG  A 1 5 ? -1.16598  -12.24730 8.71602   1.000 37.69637 ? 5   DG  A N7    1 
ATOM   99  C  C5    . DG  A 1 5 ? -0.48475  -12.31096 7.48551   1.000 35.50698 ? 5   DG  A C5    1 
ATOM   100 C  C6    . DG  A 1 5 ? 0.52191   -13.17298 7.02306   1.000 35.33323 ? 5   DG  A C6    1 
ATOM   101 O  O6    . DG  A 1 5 ? 1.06194   -14.07574 7.62948   1.000 39.31796 ? 5   DG  A O6    1 
ATOM   102 N  N1    . DG  A 1 5 ? 0.93644   -12.84883 5.72310   1.000 33.60302 ? 5   DG  A N1    1 
ATOM   103 C  C2    . DG  A 1 5 ? 0.42980   -11.86918 4.96907   1.000 31.33952 ? 5   DG  A C2    1 
ATOM   104 N  N2    . DG  A 1 5 ? 0.87813   -11.77103 3.73154   1.000 31.74039 ? 5   DG  A N2    1 
ATOM   105 N  N3    . DG  A 1 5 ? -0.48371  -11.01946 5.38767   1.000 31.88545 ? 5   DG  A N3    1 
ATOM   106 C  C4    . DG  A 1 5 ? -0.88860  -11.31606 6.65160   1.000 33.55603 ? 5   DG  A C4    1 
ATOM   107 P  P     . DA  B 1 1 ? -0.92819  -9.17652  0.80426   1.000 35.51593 ? 1   DA  B P     1 
ATOM   108 O  OP1   . DA  B 1 1 ? -0.71743  -8.52243  -0.52334  1.000 35.04565 ? 1   DA  B OP1   1 
ATOM   109 O  OP2   . DA  B 1 1 ? 0.20399   -9.72175  1.60905   1.000 35.99460 ? 1   DA  B OP2   1 
ATOM   110 O  "O5'" . DA  B 1 1 ? -1.86331  -8.32488  1.77636   1.000 37.72116 ? 1   DA  B "O5'" 1 
ATOM   111 C  "C5'" . DA  B 1 1 ? -3.20699  -8.00252  1.39060   1.000 36.06764 ? 1   DA  B "C5'" 1 
ATOM   112 C  "C4'" . DA  B 1 1 ? -3.65357  -6.71199  2.05612   1.000 37.42829 ? 1   DA  B "C4'" 1 
ATOM   113 O  "O4'" . DA  B 1 1 ? -3.37514  -6.78019  3.45565   1.000 37.15376 ? 1   DA  B "O4'" 1 
ATOM   114 C  "C3'" . DA  B 1 1 ? -2.97883  -5.42214  1.55957   1.000 43.24302 ? 1   DA  B "C3'" 1 
ATOM   115 O  "O3'" . DA  B 1 1 ? -3.92411  -4.33784  1.69747   1.000 44.01196 ? 1   DA  B "O3'" 1 
ATOM   116 C  "C2'" . DA  B 1 1 ? -1.81730  -5.26125  2.54252   1.000 36.66533 ? 1   DA  B "C2'" 1 
ATOM   117 C  "C1'" . DA  B 1 1 ? -2.46019  -5.74492  3.82658   1.000 40.66137 ? 1   DA  B "C1'" 1 
ATOM   118 N  N9    . DA  B 1 1 ? -1.50049  -6.27445  4.79925   1.000 36.60997 ? 1   DA  B N9    1 
ATOM   119 C  C8    . DA  B 1 1 ? -0.50264  -7.17040  4.56353   1.000 33.23308 ? 1   DA  B C8    1 
ATOM   120 N  N7    . DA  B 1 1 ? 0.20910   -7.45159  5.62870   1.000 31.01063 ? 1   DA  B N7    1 
ATOM   121 C  C5    . DA  B 1 1 ? -0.32663  -6.66184  6.62416   1.000 31.81572 ? 1   DA  B C5    1 
ATOM   122 C  C6    . DA  B 1 1 ? 0.03951   -6.44860  7.99937   1.000 35.45999 ? 1   DA  B C6    1 
ATOM   123 N  N6    . DA  B 1 1 ? 1.03199   -7.11272  8.62709   1.000 32.55976 ? 1   DA  B N6    1 
ATOM   124 N  N1    . DA  B 1 1 ? -0.70136  -5.59612  8.71412   1.000 36.28829 ? 1   DA  B N1    1 
ATOM   125 C  C2    . DA  B 1 1 ? -1.68647  -4.92676  8.08154   1.000 38.87399 ? 1   DA  B C2    1 
ATOM   126 N  N3    . DA  B 1 1 ? -2.10098  -5.01934  6.81418   1.000 40.89848 ? 1   DA  B N3    1 
ATOM   127 C  C4    . DA  B 1 1 ? -1.34442  -5.88324  6.12069   1.000 38.16381 ? 1   DA  B C4    1 
ATOM   128 P  P     . DA  B 1 2 ? -3.62525  -2.86568  1.10276   0.750 47.00038 ? 2   DA  B P     1 
ATOM   129 O  OP1   . DA  B 1 2 ? -4.95005  -2.19842  1.12764   0.750 54.94082 ? 2   DA  B OP1   1 
ATOM   130 O  OP2   . DA  B 1 2 ? -2.80090  -2.88851  -0.12979  0.750 50.47771 ? 2   DA  B OP2   1 
ATOM   131 O  "O5'" . DA  B 1 2 ? -2.70396  -2.17364  2.22321   1.000 47.02773 ? 2   DA  B "O5'" 1 
ATOM   132 C  "C5'" . DA  B 1 2 ? -3.27409  -1.70616  3.42014   1.000 44.94145 ? 2   DA  B "C5'" 1 
ATOM   133 C  "C4'" . DA  B 1 2 ? -2.19719  -1.32234  4.41479   1.000 43.08234 ? 2   DA  B "C4'" 1 
ATOM   134 O  "O4'" . DA  B 1 2 ? -1.32353  -2.43911  4.61136   1.000 38.40446 ? 2   DA  B "O4'" 1 
ATOM   135 C  "C3'" . DA  B 1 2 ? -1.30811  -0.13383  4.02363   1.000 46.15905 ? 2   DA  B "C3'" 1 
ATOM   136 O  "O3'" . DA  B 1 2 ? -1.33307  0.75891   5.07176   1.000 49.28929 ? 2   DA  B "O3'" 1 
ATOM   137 C  "C2'" . DA  B 1 2 ? 0.10877   -0.72915  3.87335   1.000 40.48738 ? 2   DA  B "C2'" 1 
ATOM   138 C  "C1'" . DA  B 1 2 ? 0.00356   -1.97784  4.74163   1.000 39.04043 ? 2   DA  B "C1'" 1 
ATOM   139 N  N9    . DA  B 1 2 ? 0.87152   -3.07366  4.35241   1.000 33.28800 ? 2   DA  B N9    1 
ATOM   140 C  C8    . DA  B 1 2 ? 1.12524   -3.53369  3.10291   1.000 27.09330 ? 2   DA  B C8    1 
ATOM   141 N  N7    . DA  B 1 2 ? 1.94807   -4.54425  3.09507   1.000 29.70615 ? 2   DA  B N7    1 
ATOM   142 C  C5    . DA  B 1 2 ? 2.27182   -4.73359  4.40143   1.000 29.81529 ? 2   DA  B C5    1 
ATOM   143 C  C6    . DA  B 1 2 ? 3.14520   -5.62953  5.05121   1.000 28.10219 ? 2   DA  B C6    1 
ATOM   144 N  N6    . DA  B 1 2 ? 3.82170   -6.58989  4.41164   1.000 28.89496 ? 2   DA  B N6    1 
ATOM   145 N  N1    . DA  B 1 2 ? 3.22566   -5.54716  6.37269   1.000 29.60708 ? 2   DA  B N1    1 
ATOM   146 C  C2    . DA  B 1 2 ? 2.53182   -4.61824  7.02309   1.000 31.17730 ? 2   DA  B C2    1 
ATOM   147 N  N3    . DA  B 1 2 ? 1.70070   -3.72423  6.50522   1.000 31.75034 ? 2   DA  B N3    1 
ATOM   148 C  C4    . DA  B 1 2 ? 1.61577   -3.84548  5.19800   1.000 32.30046 ? 2   DA  B C4    1 
ATOM   149 P  P     . DT  B 1 3 ? -0.69744  2.21592   4.94060   1.000 51.81111 ? 3   DT  B P     1 
ATOM   150 O  OP1   . DT  B 1 3 ? -1.86363  3.02224   5.40336   1.000 52.77883 ? 3   DT  B OP1   1 
ATOM   151 O  OP2   . DT  B 1 3 ? 0.04905   2.47454   3.67357   1.000 49.60215 ? 3   DT  B OP2   1 
ATOM   152 O  "O5'" . DT  B 1 3 ? 0.39905   2.21403   6.09572   1.000 42.08677 ? 3   DT  B "O5'" 1 
ATOM   153 C  "C5'" . DT  B 1 3 ? -0.01703  1.92272   7.42577   1.000 41.86385 ? 3   DT  B "C5'" 1 
ATOM   154 C  "C4'" . DT  B 1 3 ? 1.19111   1.59950   8.29804   1.000 43.27910 ? 3   DT  B "C4'" 1 
ATOM   155 O  "O4'" . DT  B 1 3 ? 1.83056   0.37492   7.84564   1.000 41.62225 ? 3   DT  B "O4'" 1 
ATOM   156 C  "C3'" . DT  B 1 3 ? 2.30026   2.65953   8.32129   1.000 40.60448 ? 3   DT  B "C3'" 1 
ATOM   157 O  "O3'" . DT  B 1 3 ? 2.75609   2.80952   9.68134   1.000 43.39996 ? 3   DT  B "O3'" 1 
ATOM   158 C  "C2'" . DT  B 1 3 ? 3.39703   2.06248   7.41729   1.000 37.75546 ? 3   DT  B "C2'" 1 
ATOM   159 C  "C1'" . DT  B 1 3 ? 3.25850   0.60175   7.79809   1.000 36.12161 ? 3   DT  B "C1'" 1 
ATOM   160 N  N1    . DT  B 1 3 ? 3.85010   -0.40551  6.85536   1.000 33.76611 ? 3   DT  B N1    1 
ATOM   161 C  C2    . DT  B 1 3 ? 4.51669   -1.49147  7.38649   1.000 31.34235 ? 3   DT  B C2    1 
ATOM   162 O  O2    . DT  B 1 3 ? 4.69939   -1.63824  8.59067   1.000 35.94654 ? 3   DT  B O2    1 
ATOM   163 N  N3    . DT  B 1 3 ? 4.97740   -2.37991  6.46651   1.000 29.22273 ? 3   DT  B N3    1 
ATOM   164 C  C4    . DT  B 1 3 ? 4.73962   -2.38523  5.13523   1.000 27.47536 ? 3   DT  B C4    1 
ATOM   165 O  O4    . DT  B 1 3 ? 5.21339   -3.20661  4.40686   1.000 31.36578 ? 3   DT  B O4    1 
ATOM   166 C  C5    . DT  B 1 3 ? 4.00786   -1.23673  4.62689   1.000 29.78205 ? 3   DT  B C5    1 
ATOM   167 C  C7    . DT  B 1 3 ? 3.75865   -1.09823  3.16137   1.000 29.69959 ? 3   DT  B C7    1 
ATOM   168 C  C6    . DT  B 1 3 ? 3.59973   -0.32922  5.50654   1.000 31.98701 ? 3   DT  B C6    1 
ATOM   169 P  P     . DG  B 1 4 ? 3.77698   3.98905   10.09924  1.000 46.56286 ? 4   DG  B P     1 
ATOM   170 O  OP1   . DG  B 1 4 ? 3.56605   4.21353   11.52571  1.000 46.86444 ? 4   DG  B OP1   1 
ATOM   171 O  OP2   . DG  B 1 4 ? 3.71401   5.08740   9.10523   1.000 51.21277 ? 4   DG  B OP2   1 
ATOM   172 O  "O5'" . DG  B 1 4 ? 5.26965   3.39626   9.86739   1.000 42.67635 ? 4   DG  B "O5'" 1 
ATOM   173 C  "C5'" . DG  B 1 4 ? 5.70747   2.26346   10.58698  1.000 40.11332 ? 4   DG  B "C5'" 1 
ATOM   174 C  "C4'" . DG  B 1 4 ? 6.93437   1.67583   9.92514   1.000 35.63409 ? 4   DG  B "C4'" 1 
ATOM   175 O  "O4'" . DG  B 1 4 ? 6.62710   1.18608   8.59633   1.000 35.28873 ? 4   DG  B "O4'" 1 
ATOM   176 C  "C3'" . DG  B 1 4 ? 8.08387   2.67446   9.76336   1.000 40.61878 ? 4   DG  B "C3'" 1 
ATOM   177 O  "O3'" . DG  B 1 4 ? 9.24051   1.97675   10.00355  1.000 36.05476 ? 4   DG  B "O3'" 1 
ATOM   178 C  "C2'" . DG  B 1 4 ? 7.97532   3.03646   8.28944   1.000 33.99946 ? 4   DG  B "C2'" 1 
ATOM   179 C  "C1'" . DG  B 1 4 ? 7.62845   1.67022   7.72546   1.000 29.68469 ? 4   DG  B "C1'" 1 
ATOM   180 N  N9    . DG  B 1 4 ? 7.16996   1.72053   6.35097   1.000 27.93771 ? 4   DG  B N9    1 
ATOM   181 C  C8    . DG  B 1 4 ? 6.53649   2.77413   5.72612   1.000 31.92617 ? 4   DG  B C8    1 
ATOM   182 N  N7    . DG  B 1 4 ? 6.24202   2.52790   4.47636   1.000 32.76762 ? 4   DG  B N7    1 
ATOM   183 C  C5    . DG  B 1 4 ? 6.73378   1.23538   4.25998   1.000 30.66694 ? 4   DG  B C5    1 
ATOM   184 C  C6    . DG  B 1 4 ? 6.79566   0.46675   3.07813   1.000 29.00182 ? 4   DG  B C6    1 
ATOM   185 O  O6    . DG  B 1 4 ? 6.35973   0.74226   1.93588   1.000 31.94003 ? 4   DG  B O6    1 
ATOM   186 N  N1    . DG  B 1 4 ? 7.35691   -0.81282  3.31633   1.000 29.23882 ? 4   DG  B N1    1 
ATOM   187 C  C2    . DG  B 1 4 ? 7.86393   -1.21241  4.53483   1.000 27.26112 ? 4   DG  B C2    1 
ATOM   188 N  N2    . DG  B 1 4 ? 8.36111   -2.47725  4.58700   1.000 27.64226 ? 4   DG  B N2    1 
ATOM   189 N  N3    . DG  B 1 4 ? 7.86875   -0.47336  5.61943   1.000 27.61324 ? 4   DG  B N3    1 
ATOM   190 C  C4    . DG  B 1 4 ? 7.26744   0.72643   5.41927   1.000 29.12040 ? 4   DG  B C4    1 
ATOM   191 P  P     . DG  B 1 5 ? 10.50829  2.69048   10.67258  1.000 44.40956 ? 5   DG  B P     1 
ATOM   192 O  OP1   . DG  B 1 5 ? 10.30727  2.51933   12.14118  1.000 45.43802 ? 5   DG  B OP1   1 
ATOM   193 O  OP2   . DG  B 1 5 ? 10.70336  4.03403   10.09168  1.000 49.08689 ? 5   DG  B OP2   1 
ATOM   194 O  "O5'" . DG  B 1 5 ? 11.68881  1.75801   10.21850  1.000 42.04368 ? 5   DG  B "O5'" 1 
ATOM   195 C  "C5'" . DG  B 1 5 ? 11.88330  0.53690   10.82190  1.000 39.84422 ? 5   DG  B "C5'" 1 
ATOM   196 C  "C4'" . DG  B 1 5 ? 12.51420  -0.37739  9.81918   1.000 36.02071 ? 5   DG  B "C4'" 1 
ATOM   197 O  "O4'" . DG  B 1 5 ? 11.65766  -0.63494  8.74383   1.000 33.74274 ? 5   DG  B "O4'" 1 
ATOM   198 C  "C3'" . DG  B 1 5 ? 13.70090  0.24290   9.19488   1.000 36.86572 ? 5   DG  B "C3'" 1 
ATOM   199 O  "O3'" . DG  B 1 5 ? 14.62264  -0.04447  10.08063  1.000 40.01094 ? 5   DG  B "O3'" 1 
ATOM   200 C  "C2'" . DG  B 1 5 ? 13.86137  -0.56435  7.90156   1.000 35.11555 ? 5   DG  B "C2'" 1 
ATOM   201 C  "C1'" . DG  B 1 5 ? 12.40135  -0.83775  7.57424   1.000 32.07537 ? 5   DG  B "C1'" 1 
ATOM   202 N  N9    . DG  B 1 5 ? 11.79868  -0.02162  6.55921   1.000 29.59576 ? 5   DG  B N9    1 
ATOM   203 C  C8    . DG  B 1 5 ? 11.23521  1.20243   6.72503   1.000 32.41767 ? 5   DG  B C8    1 
ATOM   204 N  N7    . DG  B 1 5 ? 10.72597  1.67043   5.63882   1.000 28.33272 ? 5   DG  B N7    1 
ATOM   205 C  C5    . DG  B 1 5 ? 10.85362  0.64160   4.73245   1.000 31.33510 ? 5   DG  B C5    1 
ATOM   206 C  C6    . DG  B 1 5 ? 10.45626  0.55354   3.39766   1.000 27.21131 ? 5   DG  B C6    1 
ATOM   207 O  O6    . DG  B 1 5 ? 9.82030   1.36834   2.72789   1.000 32.56208 ? 5   DG  B O6    1 
ATOM   208 N  N1    . DG  B 1 5 ? 10.78731  -0.69162  2.83807   1.000 29.32655 ? 5   DG  B N1    1 
ATOM   209 C  C2    . DG  B 1 5 ? 11.50562  -1.66495  3.48649   1.000 28.38364 ? 5   DG  B C2    1 
ATOM   210 N  N2    . DG  B 1 5 ? 11.76698  -2.78686  2.78647   1.000 31.78619 ? 5   DG  B N2    1 
ATOM   211 N  N3    . DG  B 1 5 ? 11.88413  -1.58106  4.71564   1.000 28.42365 ? 5   DG  B N3    1 
ATOM   212 C  C4    . DG  B 1 5 ? 11.51847  -0.41012  5.28481   1.000 29.36731 ? 5   DG  B C4    1 
ATOM   213 P  P     . DA  C 1 1 ? 7.00256   -12.22416 -10.97670 1.000 51.98183 ? 1   DA  C P     1 
ATOM   214 O  OP1   . DA  C 1 1 ? 6.65449   -13.50335 -11.64793 1.000 48.63898 ? 1   DA  C OP1   1 
ATOM   215 O  OP2   . DA  C 1 1 ? 8.05692   -11.26171 -11.40983 1.000 45.75505 ? 1   DA  C OP2   1 
ATOM   216 O  "O5'" . DA  C 1 1 ? 7.03531   -12.37188 -9.42163  1.000 39.06888 ? 1   DA  C "O5'" 1 
ATOM   217 C  "C5'" . DA  C 1 1 ? 6.60455   -13.58896 -8.83292  1.000 45.23039 ? 1   DA  C "C5'" 1 
ATOM   218 C  "C4'" . DA  C 1 1 ? 5.21941   -13.43493 -8.22791  1.000 40.22146 ? 1   DA  C "C4'" 1 
ATOM   219 O  "O4'" . DA  C 1 1 ? 5.19629   -12.43188 -7.19462  1.000 35.37153 ? 1   DA  C "O4'" 1 
ATOM   220 C  "C3'" . DA  C 1 1 ? 4.09948   -13.08379 -9.17140  1.000 41.88459 ? 1   DA  C "C3'" 1 
ATOM   221 O  "O3'" . DA  C 1 1 ? 2.93679   -13.75740 -8.70359  1.000 40.77990 ? 1   DA  C "O3'" 1 
ATOM   222 C  "C2'" . DA  C 1 1 ? 3.97340   -11.55921 -9.01918  1.000 36.02905 ? 1   DA  C "C2'" 1 
ATOM   223 C  "C1'" . DA  C 1 1 ? 4.28558   -11.37844 -7.54523  1.000 34.67237 ? 1   DA  C "C1'" 1 
ATOM   224 N  N9    . DA  C 1 1 ? 4.95236   -10.12483 -7.18783  1.000 33.44419 ? 1   DA  C N9    1 
ATOM   225 C  C8    . DA  C 1 1 ? 5.90851   -9.47125  -7.91704  1.000 33.31257 ? 1   DA  C C8    1 
ATOM   226 N  N7    . DA  C 1 1 ? 6.37831   -8.41125  -7.30820  1.000 28.89672 ? 1   DA  C N7    1 
ATOM   227 C  C5    . DA  C 1 1 ? 5.67524   -8.34602  -6.11347  1.000 26.78480 ? 1   DA  C C5    1 
ATOM   228 C  C6    . DA  C 1 1 ? 5.69345   -7.44792  -5.03354  1.000 29.07057 ? 1   DA  C C6    1 
ATOM   229 N  N6    . DA  C 1 1 ? 6.54016   -6.35002  -4.98869  1.000 28.05287 ? 1   DA  C N6    1 
ATOM   230 N  N1    . DA  C 1 1 ? 4.87119   -7.68925  -3.98662  1.000 31.16474 ? 1   DA  C N1    1 
ATOM   231 C  C2    . DA  C 1 1 ? 4.06511   -8.76709  -4.03968  1.000 32.08962 ? 1   DA  C C2    1 
ATOM   232 N  N3    . DA  C 1 1 ? 3.94581   -9.66651  -5.01023  1.000 32.42789 ? 1   DA  C N3    1 
ATOM   233 C  C4    . DA  C 1 1 ? 4.79466   -9.41699  -6.02247  1.000 28.29414 ? 1   DA  C C4    1 
ATOM   234 P  P     . DA  C 1 2 ? 1.57740   -13.69820 -9.53436  0.750 41.37625 ? 2   DA  C P     1 
ATOM   235 O  OP1   . DA  C 1 2 ? 0.91334   -14.98565 -9.21504  0.750 44.02748 ? 2   DA  C OP1   1 
ATOM   236 O  OP2   . DA  C 1 2 ? 1.73751   -13.34068 -10.95169 0.750 40.70076 ? 2   DA  C OP2   1 
ATOM   237 O  "O5'" . DA  C 1 2 ? 0.73386   -12.59465 -8.79133  1.000 40.20950 ? 2   DA  C "O5'" 1 
ATOM   238 C  "C5'" . DA  C 1 2 ? 0.56787   -12.67380 -7.38573  1.000 40.10057 ? 2   DA  C "C5'" 1 
ATOM   239 C  "C4'" . DA  C 1 2 ? 0.08444   -11.34740 -6.86539  1.000 35.57267 ? 2   DA  C "C4'" 1 
ATOM   240 O  "O4'" . DA  C 1 2 ? 1.15267   -10.37662 -6.99950  1.000 33.81825 ? 2   DA  C "O4'" 1 
ATOM   241 C  "C3'" . DA  C 1 2 ? -1.09797  -10.78460 -7.63621  1.000 41.92306 ? 2   DA  C "C3'" 1 
ATOM   242 O  "O3'" . DA  C 1 2 ? -2.24781  -10.81122 -6.80206  1.000 45.02826 ? 2   DA  C "O3'" 1 
ATOM   243 C  "C2'" . DA  C 1 2 ? -0.68217  -9.34670  -8.00013  1.000 37.82624 ? 2   DA  C "C2'" 1 
ATOM   244 C  "C1'" . DA  C 1 2 ? 0.59629   -9.11953  -7.19089  1.000 35.50830 ? 2   DA  C "C1'" 1 
ATOM   245 N  N9    . DA  C 1 2 ? 1.60597   -8.37237  -7.92756  1.000 30.09737 ? 2   DA  C N9    1 
ATOM   246 C  C8    . DA  C 1 2 ? 2.00816   -8.64856  -9.19014  1.000 32.74993 ? 2   DA  C C8    1 
ATOM   247 N  N7    . DA  C 1 2 ? 2.98041   -7.87559  -9.61270  1.000 32.15558 ? 2   DA  C N7    1 
ATOM   248 C  C5    . DA  C 1 2 ? 3.24889   -7.07197  -8.53885  1.000 27.94006 ? 2   DA  C C5    1 
ATOM   249 C  C6    . DA  C 1 2 ? 4.13866   -5.99737  -8.40375  1.000 27.05997 ? 2   DA  C C6    1 
ATOM   250 N  N6    . DA  C 1 2 ? 4.97785   -5.61917  -9.38193  1.000 33.03692 ? 2   DA  C N6    1 
ATOM   251 N  N1    . DA  C 1 2 ? 4.15401   -5.37309  -7.21919  1.000 30.13221 ? 2   DA  C N1    1 
ATOM   252 C  C2    . DA  C 1 2 ? 3.30461   -5.74863  -6.24873  1.000 30.27136 ? 2   DA  C C2    1 
ATOM   253 N  N3    . DA  C 1 2 ? 2.39737   -6.73116  -6.28371  1.000 29.82340 ? 2   DA  C N3    1 
ATOM   254 C  C4    . DA  C 1 2 ? 2.40785   -7.32790  -7.48107  1.000 31.35170 ? 2   DA  C C4    1 
ATOM   255 P  P     . DT  C 1 3 ? -3.66297  -10.23839 -7.29803  1.000 46.25158 ? 3   DT  C P     1 
ATOM   256 O  OP1   . DT  C 1 3 ? -4.69443  -11.04460 -6.59075  1.000 46.20629 ? 3   DT  C OP1   1 
ATOM   257 O  OP2   . DT  C 1 3 ? -3.64650  -10.21078 -8.78357  1.000 49.94997 ? 3   DT  C OP2   1 
ATOM   258 O  "O5'" . DT  C 1 3 ? -3.70810  -8.72099  -6.79113  1.000 42.36752 ? 3   DT  C "O5'" 1 
ATOM   259 C  "C5'" . DT  C 1 3 ? -3.29891  -8.41542  -5.46738  1.000 42.42249 ? 3   DT  C "C5'" 1 
ATOM   260 C  "C4'" . DT  C 1 3 ? -2.96088  -6.94197  -5.29826  1.000 44.87657 ? 3   DT  C "C4'" 1 
ATOM   261 O  "O4'" . DT  C 1 3 ? -1.75769  -6.61839  -6.01194  1.000 43.01708 ? 3   DT  C "O4'" 1 
ATOM   262 C  "C3'" . DT  C 1 3 ? -4.03126  -5.95728  -5.77043  1.000 45.24833 ? 3   DT  C "C3'" 1 
ATOM   263 O  "O3'" . DT  C 1 3 ? -4.38855  -5.15333  -4.65387  1.000 44.51421 ? 3   DT  C "O3'" 1 
ATOM   264 C  "C2'" . DT  C 1 3 ? -3.32759  -5.14537  -6.88771  1.000 43.70618 ? 3   DT  C "C2'" 1 
ATOM   265 C  "C1'" . DT  C 1 3 ? -1.86304  -5.29236  -6.48898  1.000 40.46249 ? 3   DT  C "C1'" 1 
ATOM   266 N  N1    . DT  C 1 3 ? -0.87500  -5.10939  -7.58682  1.000 39.43243 ? 3   DT  C N1    1 
ATOM   267 C  C2    . DT  C 1 3 ? 0.16225   -4.26175  -7.35665  1.000 31.98954 ? 3   DT  C C2    1 
ATOM   268 O  O2    . DT  C 1 3 ? 0.25947   -3.66233  -6.31579  1.000 38.10347 ? 3   DT  C O2    1 
ATOM   269 N  N3    . DT  C 1 3 ? 1.07587   -4.14164  -8.37781  1.000 33.30168 ? 3   DT  C N3    1 
ATOM   270 C  C4    . DT  C 1 3 ? 1.04164   -4.76470  -9.58532  1.000 34.12657 ? 3   DT  C C4    1 
ATOM   271 O  O4    . DT  C 1 3 ? 1.89677   -4.58931  -10.43709 1.000 38.31185 ? 3   DT  C O4    1 
ATOM   272 C  C5    . DT  C 1 3 ? -0.08045  -5.67594  -9.77201  1.000 36.87664 ? 3   DT  C C5    1 
ATOM   273 C  C7    . DT  C 1 3 ? -0.22331  -6.42445  -11.04752 1.000 39.54606 ? 3   DT  C C7    1 
ATOM   274 C  C6    . DT  C 1 3 ? -0.97200  -5.81480  -8.77136  1.000 35.94002 ? 3   DT  C C6    1 
ATOM   275 P  P     . DG  C 1 4 ? -5.69732  -4.22224  -4.67453  1.000 52.09584 ? 4   DG  C P     1 
ATOM   276 O  OP1   . DG  C 1 4 ? -6.10391  -4.04144  -3.26325  1.000 53.90635 ? 4   DG  C OP1   1 
ATOM   277 O  OP2   . DG  C 1 4 ? -6.64842  -4.62657  -5.73085  1.000 48.34052 ? 4   DG  C OP2   1 
ATOM   278 O  "O5'" . DG  C 1 4 ? -5.13615  -2.82207  -5.12728  1.000 43.43332 ? 4   DG  C "O5'" 1 
ATOM   279 C  "C5'" . DG  C 1 4 ? -3.97908  -2.32320  -4.43571  1.000 44.87098 ? 4   DG  C "C5'" 1 
ATOM   280 C  "C4'" . DG  C 1 4 ? -3.32751  -1.16560  -5.14380  1.000 47.08188 ? 4   DG  C "C4'" 1 
ATOM   281 O  "O4'" . DG  C 1 4 ? -2.75595  -1.59302  -6.40589  1.000 47.09818 ? 4   DG  C "O4'" 1 
ATOM   282 C  "C3'" . DG  C 1 4 ? -4.23430  0.00943   -5.47254  1.000 47.42749 ? 4   DG  C "C3'" 1 
ATOM   283 O  "O3'" . DG  C 1 4 ? -3.44430  1.18279   -5.37367  1.000 47.71432 ? 4   DG  C "O3'" 1 
ATOM   284 C  "C2'" . DG  C 1 4 ? -4.65149  -0.29322  -6.91320  1.000 43.31747 ? 4   DG  C "C2'" 1 
ATOM   285 C  "C1'" . DG  C 1 4 ? -3.38460  -0.89138  -7.47166  1.000 46.17227 ? 4   DG  C "C1'" 1 
ATOM   286 N  N9    . DG  C 1 4 ? -3.59178  -1.81532  -8.57655  1.000 39.96741 ? 4   DG  C N9    1 
ATOM   287 C  C8    . DG  C 1 4 ? -4.70113  -2.57770  -8.85640  1.000 44.04027 ? 4   DG  C C8    1 
ATOM   288 N  N7    . DG  C 1 4 ? -4.55565  -3.30341  -9.93250  1.000 43.41358 ? 4   DG  C N7    1 
ATOM   289 C  C5    . DG  C 1 4 ? -3.29200  -3.01302  -10.37478 1.000 41.90170 ? 4   DG  C C5    1 
ATOM   290 C  C6    . DG  C 1 4 ? -2.56760  -3.49568  -11.48891 1.000 43.16521 ? 4   DG  C C6    1 
ATOM   291 O  O6    . DG  C 1 4 ? -2.91257  -4.31082  -12.34615 1.000 43.97278 ? 4   DG  C O6    1 
ATOM   292 N  N1    . DG  C 1 4 ? -1.30714  -2.91378  -11.56657 1.000 38.93868 ? 4   DG  C N1    1 
ATOM   293 C  C2    . DG  C 1 4 ? -0.80710  -2.00472  -10.68176 1.000 39.64287 ? 4   DG  C C2    1 
ATOM   294 N  N2    . DG  C 1 4 ? 0.40890   -1.54749  -10.93564 1.000 41.72527 ? 4   DG  C N2    1 
ATOM   295 N  N3    . DG  C 1 4 ? -1.46432  -1.57308  -9.63135  1.000 38.08298 ? 4   DG  C N3    1 
ATOM   296 C  C4    . DG  C 1 4 ? -2.68917  -2.09489  -9.55577  1.000 41.86466 ? 4   DG  C C4    1 
ATOM   297 P  P     . DG  C 1 5 ? -4.09941  2.65282   -5.44188  1.000 52.38461 ? 5   DG  C P     1 
ATOM   298 O  OP1   . DG  C 1 5 ? -3.63393  3.31255   -4.19150  1.000 53.32157 ? 5   DG  C OP1   1 
ATOM   299 O  OP2   . DG  C 1 5 ? -5.52639  2.50042   -5.78429  1.000 48.20790 ? 5   DG  C OP2   1 
ATOM   300 O  "O5'" . DG  C 1 5 ? -3.25434  3.36437   -6.59912  1.000 48.85677 ? 5   DG  C "O5'" 1 
ATOM   301 C  "C5'" . DG  C 1 5 ? -1.90408  3.18824   -6.58304  1.000 44.83132 ? 5   DG  C "C5'" 1 
ATOM   302 C  "C4'" . DG  C 1 5 ? -1.31824  3.24645   -7.97649  1.000 41.97438 ? 5   DG  C "C4'" 1 
ATOM   303 O  "O4'" . DG  C 1 5 ? -1.58648  2.02393   -8.68497  1.000 40.90895 ? 5   DG  C "O4'" 1 
ATOM   304 C  "C3'" . DG  C 1 5 ? -1.91485  4.30719   -8.81408  1.000 44.74974 ? 5   DG  C "C3'" 1 
ATOM   305 O  "O3'" . DG  C 1 5 ? -1.19437  5.42319   -8.53771  1.000 47.72633 ? 5   DG  C "O3'" 1 
ATOM   306 C  "C2'" . DG  C 1 5 ? -1.64681  3.80906   -10.23457 1.000 44.66309 ? 5   DG  C "C2'" 1 
ATOM   307 C  "C1'" . DG  C 1 5 ? -1.69003  2.29575   -10.06189 1.000 41.39190 ? 5   DG  C "C1'" 1 
ATOM   308 N  N9    . DG  C 1 5 ? -2.93802  1.68233   -10.46260 1.000 40.11924 ? 5   DG  C N9    1 
ATOM   309 C  C8    . DG  C 1 5 ? -4.12026  1.73226   -9.80338  1.000 41.53561 ? 5   DG  C C8    1 
ATOM   310 N  N7    . DG  C 1 5 ? -5.03816  1.01141   -10.37225 1.000 42.15449 ? 5   DG  C N7    1 
ATOM   311 C  C5    . DG  C 1 5 ? -4.36439  0.40857   -11.42853 1.000 40.93848 ? 5   DG  C C5    1 
ATOM   312 C  C6    . DG  C 1 5 ? -4.84802  -0.47933  -12.40226 1.000 42.70336 ? 5   DG  C C6    1 
ATOM   313 O  O6    . DG  C 1 5 ? -5.98367  -0.94454  -12.49268 1.000 49.42710 ? 5   DG  C O6    1 
ATOM   314 N  N1    . DG  C 1 5 ? -3.83808  -0.85285  -13.30466 1.000 44.70948 ? 5   DG  C N1    1 
ATOM   315 C  C2    . DG  C 1 5 ? -2.56127  -0.37497  -13.28661 1.000 44.57250 ? 5   DG  C C2    1 
ATOM   316 N  N2    . DG  C 1 5 ? -1.72632  -0.84533  -14.22851 1.000 46.68969 ? 5   DG  C N2    1 
ATOM   317 N  N3    . DG  C 1 5 ? -2.09546  0.46140   -12.35370 1.000 43.35187 ? 5   DG  C N3    1 
ATOM   318 C  C4    . DG  C 1 5 ? -3.08941  0.81817   -11.48702 1.000 40.35596 ? 5   DG  C C4    1 
ATOM   319 P  P     . DA  D 1 1 ? 2.57721   3.85925   -14.31655 1.000 53.11227 ? 1   DA  D P     1 
ATOM   320 O  OP1   . DA  D 1 1 ? 3.03333   4.80911   -15.36721 1.000 50.05739 ? 1   DA  D OP1   1 
ATOM   321 O  OP2   . DA  D 1 1 ? 2.41654   2.38992   -14.43431 1.000 45.69181 ? 1   DA  D OP2   1 
ATOM   322 O  "O5'" . DA  D 1 1 ? 3.25986   4.19344   -12.91470 1.000 56.07848 ? 1   DA  D "O5'" 1 
ATOM   323 C  "C5'" . DA  D 1 1 ? 3.14407   5.48571   -12.41565 1.000 48.57745 ? 1   DA  D "C5'" 1 
ATOM   324 C  "C4'" . DA  D 1 1 ? 3.50398   5.51753   -10.94468 1.000 45.39657 ? 1   DA  D "C4'" 1 
ATOM   325 O  "O4'" . DA  D 1 1 ? 2.59530   4.70986   -10.18744 1.000 42.01111 ? 1   DA  D "O4'" 1 
ATOM   326 C  "C3'" . DA  D 1 1 ? 4.89814   5.03398   -10.58448 1.000 46.50689 ? 1   DA  D "C3'" 1 
ATOM   327 O  "O3'" . DA  D 1 1 ? 5.38552   5.90255   -9.60162  1.000 45.33706 ? 1   DA  D "O3'" 1 
ATOM   328 C  "C2'" . DA  D 1 1 ? 4.65493   3.64936   -10.02860 1.000 42.29046 ? 1   DA  D "C2'" 1 
ATOM   329 C  "C1'" . DA  D 1 1 ? 3.33148   3.86767   -9.33148  1.000 40.04734 ? 1   DA  D "C1'" 1 
ATOM   330 N  N9    . DA  D 1 1 ? 2.54412   2.66050   -9.10629  1.000 38.96322 ? 1   DA  D N9    1 
ATOM   331 C  C8    . DA  D 1 1 ? 2.14509   1.74580   -10.03863 1.000 42.03092 ? 1   DA  D C8    1 
ATOM   332 N  N7    . DA  D 1 1 ? 1.42025   0.78145   -9.53646  1.000 37.11755 ? 1   DA  D N7    1 
ATOM   333 C  C5    . DA  D 1 1 ? 1.32770   1.08942   -8.19019  1.000 39.05894 ? 1   DA  D C5    1 
ATOM   334 C  C6    . DA  D 1 1 ? 0.65794   0.48275   -7.10318  1.000 39.59988 ? 1   DA  D C6    1 
ATOM   335 N  N6    . DA  D 1 1 ? -0.03554  -0.64512  -7.20010  1.000 40.28924 ? 1   DA  D N6    1 
ATOM   336 N  N1    . DA  D 1 1 ? 0.75678   1.08440   -5.89215  1.000 42.42957 ? 1   DA  D N1    1 
ATOM   337 C  C2    . DA  D 1 1 ? 1.45698   2.20759   -5.78208  1.000 39.07905 ? 1   DA  D C2    1 
ATOM   338 N  N3    . DA  D 1 1 ? 2.10386   2.88178   -6.71575  1.000 41.57961 ? 1   DA  D N3    1 
ATOM   339 C  C4    . DA  D 1 1 ? 2.01124   2.25636   -7.91402  1.000 37.05420 ? 1   DA  D C4    1 
ATOM   340 P  P     . DA  D 1 2 ? 6.92337   5.87434   -9.16180  0.750 45.34663 ? 2   DA  D P     1 
ATOM   341 O  OP1   . DA  D 1 2 ? 7.16328   7.26913   -8.72141  0.750 50.87009 ? 2   DA  D OP1   1 
ATOM   342 O  OP2   . DA  D 1 2 ? 7.80120   5.31558   -10.21007 0.750 46.59164 ? 2   DA  D OP2   1 
ATOM   343 O  "O5'" . DA  D 1 2 ? 6.92393   4.89539   -7.91343  1.000 43.99220 ? 2   DA  D "O5'" 1 
ATOM   344 C  "C5'" . DA  D 1 2 ? 6.21668   5.27239   -6.76429  1.000 42.08818 ? 2   DA  D "C5'" 1 
ATOM   345 C  "C4'" . DA  D 1 2 ? 6.05214   4.11801   -5.81970  1.000 41.36290 ? 2   DA  D "C4'" 1 
ATOM   346 O  "O4'" . DA  D 1 2 ? 5.32201   3.06274   -6.47243  1.000 42.50997 ? 2   DA  D "O4'" 1 
ATOM   347 C  "C3'" . DA  D 1 2 ? 7.34522   3.48659   -5.28163  1.000 41.26154 ? 2   DA  D "C3'" 1 
ATOM   348 O  "O3'" . DA  D 1 2 ? 7.25745   3.49917   -3.84788  1.000 41.95401 ? 2   DA  D "O3'" 1 
ATOM   349 C  "C2'" . DA  D 1 2 ? 7.31910   2.03177   -5.85436  1.000 40.42077 ? 2   DA  D "C2'" 1 
ATOM   350 C  "C1'" . DA  D 1 2 ? 5.84500   1.80144   -6.10581  1.000 40.71207 ? 2   DA  D "C1'" 1 
ATOM   351 N  N9    . DA  D 1 2 ? 5.52610   0.90019   -7.22919  1.000 35.97299 ? 2   DA  D N9    1 
ATOM   352 C  C8    . DA  D 1 2 ? 6.00487   0.96495   -8.50801  1.000 37.76283 ? 2   DA  D C8    1 
ATOM   353 N  N7    . DA  D 1 2 ? 5.46995   0.06882   -9.30851  1.000 36.12616 ? 2   DA  D N7    1 
ATOM   354 C  C5    . DA  D 1 2 ? 4.57564   -0.60169  -8.49598  1.000 33.53264 ? 2   DA  D C5    1 
ATOM   355 C  C6    . DA  D 1 2 ? 3.72400   -1.71053  -8.71893  1.000 33.83424 ? 2   DA  D C6    1 
ATOM   356 N  N6    . DA  D 1 2 ? 3.58116   -2.30865  -9.90109  1.000 39.58808 ? 2   DA  D N6    1 
ATOM   357 N  N1    . DA  D 1 2 ? 2.99082   -2.12343  -7.70473  1.000 34.20649 ? 2   DA  D N1    1 
ATOM   358 C  C2    . DA  D 1 2 ? 3.10305   -1.54900  -6.52820  1.000 36.45302 ? 2   DA  D C2    1 
ATOM   359 N  N3    . DA  D 1 2 ? 3.90487   -0.53883  -6.18967  1.000 31.99449 ? 2   DA  D N3    1 
ATOM   360 C  C4    . DA  D 1 2 ? 4.58617   -0.11085  -7.22986  1.000 33.87731 ? 2   DA  D C4    1 
ATOM   361 P  P     . DT  D 1 3 ? 8.53253   3.07247   -2.96145  1.000 47.22713 ? 3   DT  D P     1 
ATOM   362 O  OP1   . DT  D 1 3 ? 8.43889   3.78854   -1.66815  1.000 51.55764 ? 3   DT  D OP1   1 
ATOM   363 O  OP2   . DT  D 1 3 ? 9.71957   2.98988   -3.81105  1.000 39.46706 ? 3   DT  D OP2   1 
ATOM   364 O  "O5'" . DT  D 1 3 ? 8.16600   1.56160   -2.56998  1.000 34.51553 ? 3   DT  D "O5'" 1 
ATOM   365 C  "C5'" . DT  D 1 3 ? 7.07445   1.31009   -1.79826  1.000 33.98454 ? 3   DT  D "C5'" 1 
ATOM   366 C  "C4'" . DT  D 1 3 ? 6.87988   -0.17967  -1.77688  1.000 34.79127 ? 3   DT  D "C4'" 1 
ATOM   367 O  "O4'" . DT  D 1 3 ? 6.52487   -0.60892  -3.10624  1.000 33.17477 ? 3   DT  D "O4'" 1 
ATOM   368 C  "C3'" . DT  D 1 3 ? 8.15445   -0.99549  -1.39745  1.000 31.14261 ? 3   DT  D "C3'" 1 
ATOM   369 O  "O3'" . DT  D 1 3 ? 7.75157   -1.86588  -0.32275  1.000 30.35266 ? 3   DT  D "O3'" 1 
ATOM   370 C  "C2'" . DT  D 1 3 ? 8.48404   -1.80873  -2.67447  1.000 32.50487 ? 3   DT  D "C2'" 1 
ATOM   371 C  "C1'" . DT  D 1 3 ? 7.11133   -1.86442  -3.32750  1.000 28.52037 ? 3   DT  D "C1'" 1 
ATOM   372 N  N1    . DT  D 1 3 ? 7.02533   -2.22007  -4.78293  1.000 28.88731 ? 3   DT  D N1    1 
ATOM   373 C  C2    . DT  D 1 3 ? 6.08785   -3.13137  -5.15571  1.000 30.40843 ? 3   DT  D C2    1 
ATOM   374 O  O2    . DT  D 1 3 ? 5.31375   -3.63930  -4.37092  1.000 31.36777 ? 3   DT  D O2    1 
ATOM   375 N  N3    . DT  D 1 3 ? 6.05841   -3.40749  -6.48578  1.000 29.58777 ? 3   DT  D N3    1 
ATOM   376 C  C4    . DT  D 1 3 ? 6.85799   -2.88039  -7.46825  1.000 27.35171 ? 3   DT  D C4    1 
ATOM   377 O  O4    . DT  D 1 3 ? 6.77167   -3.18369  -8.64216  1.000 30.26658 ? 3   DT  D O4    1 
ATOM   378 C  C5    . DT  D 1 3 ? 7.79729   -1.94624  -7.01504  1.000 27.64829 ? 3   DT  D C5    1 
ATOM   379 C  C7    . DT  D 1 3 ? 8.71490   -1.32774  -8.01954  1.000 29.31667 ? 3   DT  D C7    1 
ATOM   380 C  C6    . DT  D 1 3 ? 7.84277   -1.66928  -5.71900  1.000 26.20114 ? 3   DT  D C6    1 
ATOM   381 P  P     . DG  D 1 4 ? 8.73452   -2.87072  0.42331   1.000 29.31063 ? 4   DG  D P     1 
ATOM   382 O  OP1   . DG  D 1 4 ? 8.00266   -3.15083  1.69931   1.000 32.22736 ? 4   DG  D OP1   1 
ATOM   383 O  OP2   . DG  D 1 4 ? 10.10247  -2.22524  0.44771   1.000 29.36914 ? 4   DG  D OP2   1 
ATOM   384 O  "O5'" . DG  D 1 4 ? 8.79107   -4.13066  -0.52763  1.000 27.53853 ? 4   DG  D "O5'" 1 
ATOM   385 C  "C5'" . DG  D 1 4 ? 7.59057   -5.01010  -0.69934  1.000 25.83195 ? 4   DG  D "C5'" 1 
ATOM   386 C  "C4'" . DG  D 1 4 ? 7.92033   -5.96084  -1.80625  1.000 27.81409 ? 4   DG  D "C4'" 1 
ATOM   387 O  "O4'" . DG  D 1 4 ? 8.21394   -5.23365  -3.04518  1.000 30.88799 ? 4   DG  D "O4'" 1 
ATOM   388 C  "C3'" . DG  D 1 4 ? 9.13888   -6.85394  -1.50241  1.000 29.57974 ? 4   DG  D "C3'" 1 
ATOM   389 O  "O3'" . DG  D 1 4 ? 8.86621   -8.13644  -1.96669  1.000 35.14676 ? 4   DG  D "O3'" 1 
ATOM   390 C  "C2'" . DG  D 1 4 ? 10.20253  -6.25572  -2.38606  1.000 28.24220 ? 4   DG  D "C2'" 1 
ATOM   391 C  "C1'" . DG  D 1 4 ? 9.35962   -5.82967  -3.57245  1.000 28.80626 ? 4   DG  D "C1'" 1 
ATOM   392 N  N9    . DG  D 1 4 ? 10.04038  -4.94881  -4.53718  1.000 29.12959 ? 4   DG  D N9    1 
ATOM   393 C  C8    . DG  D 1 4 ? 11.04352  -4.04830  -4.27482  1.000 31.29948 ? 4   DG  D C8    1 
ATOM   394 N  N7    . DG  D 1 4 ? 11.49301  -3.49579  -5.35264  1.000 29.63200 ? 4   DG  D N7    1 
ATOM   395 C  C5    . DG  D 1 4 ? 10.76406  -4.08952  -6.39131  1.000 31.22664 ? 4   DG  D C5    1 
ATOM   396 C  C6    . DG  D 1 4 ? 10.79417  -3.91022  -7.79477  1.000 32.47130 ? 4   DG  D C6    1 
ATOM   397 O  O6    . DG  D 1 4 ? 11.54286  -3.18615  -8.47617  1.000 33.38331 ? 4   DG  D O6    1 
ATOM   398 N  N1    . DG  D 1 4 ? 9.89811   -4.74383  -8.45072  1.000 31.40607 ? 4   DG  D N1    1 
ATOM   399 C  C2    . DG  D 1 4 ? 9.05089   -5.62355  -7.80650  1.000 29.68424 ? 4   DG  D C2    1 
ATOM   400 N  N2    . DG  D 1 4 ? 8.19733   -6.31976  -8.60101  1.000 32.22332 ? 4   DG  D N2    1 
ATOM   401 N  N3    . DG  D 1 4 ? 8.99777   -5.76573  -6.51621  1.000 28.38642 ? 4   DG  D N3    1 
ATOM   402 C  C4    . DG  D 1 4 ? 9.88203   -4.98179  -5.86582  1.000 29.11959 ? 4   DG  D C4    1 
ATOM   403 P  P     . DG  D 1 5 ? 8.53297   -9.31170  -0.94642  1.000 32.93645 ? 5   DG  D P     1 
ATOM   404 O  OP1   . DG  D 1 5 ? 7.32362   -8.85856  -0.22002  1.000 35.89119 ? 5   DG  D OP1   1 
ATOM   405 O  OP2   . DG  D 1 5 ? 9.78075   -9.68185  -0.20323  1.000 36.33518 ? 5   DG  D OP2   1 
ATOM   406 O  "O5'" . DG  D 1 5 ? 8.26546   -10.49769 -1.92634  1.000 33.45988 ? 5   DG  D "O5'" 1 
ATOM   407 C  "C5'" . DG  D 1 5 ? 7.06057   -10.53678 -2.66082  1.000 34.39834 ? 5   DG  D "C5'" 1 
ATOM   408 C  "C4'" . DG  D 1 5 ? 7.32156   -11.11459 -4.02196  1.000 34.47889 ? 5   DG  D "C4'" 1 
ATOM   409 O  "O4'" . DG  D 1 5 ? 7.90627   -10.13951 -4.89934  1.000 33.34994 ? 5   DG  D "O4'" 1 
ATOM   410 C  "C3'" . DG  D 1 5 ? 8.31401   -12.25836 -4.04854  1.000 37.32162 ? 5   DG  D "C3'" 1 
ATOM   411 O  "O3'" . DG  D 1 5 ? 7.94538   -13.02361 -5.13321  1.000 45.09601 ? 5   DG  D "O3'" 1 
ATOM   412 C  "C2'" . DG  D 1 5 ? 9.60220   -11.59955 -4.39510  1.000 40.83202 ? 5   DG  D "C2'" 1 
ATOM   413 C  "C1'" . DG  D 1 5 ? 9.07855   -10.68656 -5.47091  1.000 38.02558 ? 5   DG  D "C1'" 1 
ATOM   414 N  N9    . DG  D 1 5 ? 10.01658  -9.63168  -5.74850  1.000 34.70079 ? 5   DG  D N9    1 
ATOM   415 C  C8    . DG  D 1 5 ? 10.77663  -8.98302  -4.83758  1.000 35.59290 ? 5   DG  D C8    1 
ATOM   416 N  N7    . DG  D 1 5 ? 11.57357  -8.10040  -5.37011  1.000 37.11809 ? 5   DG  D N7    1 
ATOM   417 C  C5    . DG  D 1 5 ? 11.32506  -8.17043  -6.71169  1.000 35.74699 ? 5   DG  D C5    1 
ATOM   418 C  C6    . DG  D 1 5 ? 11.90080  -7.46592  -7.77533  1.000 37.65156 ? 5   DG  D C6    1 
ATOM   419 O  O6    . DG  D 1 5 ? 12.78485  -6.58276  -7.72063  1.000 38.48177 ? 5   DG  D O6    1 
ATOM   420 N  N1    . DG  D 1 5 ? 11.39332  -7.85931  -8.98497  1.000 36.81107 ? 5   DG  D N1    1 
ATOM   421 C  C2    . DG  D 1 5 ? 10.44346  -8.81916  -9.16304  1.000 36.30321 ? 5   DG  D C2    1 
ATOM   422 N  N2    . DG  D 1 5 ? 10.07504  -9.06029  -10.41670 1.000 37.85118 ? 5   DG  D N2    1 
ATOM   423 N  N3    . DG  D 1 5 ? 9.88812   -9.50045  -8.16351  1.000 36.05438 ? 5   DG  D N3    1 
ATOM   424 C  C4    . DG  D 1 5 ? 10.37273  -9.13292  -6.97956  1.000 33.74920 ? 5   DG  D C4    1 
ATOM   425 P  P     . DA  E 1 1 ? -11.77957 1.26098   -3.16963  1.000 72.49185 ? 1   DA  E P     1 
ATOM   426 O  OP1   . DA  E 1 1 ? -12.46289 -0.00168  -2.81741  1.000 73.25642 ? 1   DA  E OP1   1 
ATOM   427 O  OP2   . DA  E 1 1 ? -10.75053 1.32973   -4.24764  1.000 72.52466 ? 1   DA  E OP2   1 
ATOM   428 O  "O5'" . DA  E 1 1 ? -12.89503 2.36103   -3.41678  1.000 66.69148 ? 1   DA  E "O5'" 1 
ATOM   429 C  "C5'" . DA  E 1 1 ? -13.89619 2.12190   -4.37147  1.000 62.26238 ? 1   DA  E "C5'" 1 
ATOM   430 C  "C4'" . DA  E 1 1 ? -14.05385 3.32015   -5.27634  1.000 61.21033 ? 1   DA  E "C4'" 1 
ATOM   431 O  "O4'" . DA  E 1 1 ? -14.50240 4.46556   -4.50032  1.000 62.24785 ? 1   DA  E "O4'" 1 
ATOM   432 C  "C3'" . DA  E 1 1 ? -12.77995 3.76770   -5.99118  1.000 64.40192 ? 1   DA  E "C3'" 1 
ATOM   433 O  "O3'" . DA  E 1 1 ? -13.12276 4.24381   -7.29635  1.000 63.77983 ? 1   DA  E "O3'" 1 
ATOM   434 C  "C2'" . DA  E 1 1 ? -12.25561 4.89050   -5.08083  1.000 63.21513 ? 1   DA  E "C2'" 1 
ATOM   435 C  "C1'" . DA  E 1 1 ? -13.55668 5.52078   -4.60031  1.000 65.73358 ? 1   DA  E "C1'" 1 
ATOM   436 N  N9    . DA  E 1 1 ? -13.48930 6.21526   -3.29911  1.000 64.08423 ? 1   DA  E N9    1 
ATOM   437 C  C8    . DA  E 1 1 ? -13.02032 5.72625   -2.11060  1.000 60.92096 ? 1   DA  E C8    1 
ATOM   438 N  N7    . DA  E 1 1 ? -13.13230 6.57693   -1.11166  1.000 61.68155 ? 1   DA  E N7    1 
ATOM   439 C  C5    . DA  E 1 1 ? -13.72741 7.69506   -1.68384  1.000 62.20504 ? 1   DA  E C5    1 
ATOM   440 C  C6    . DA  E 1 1 ? -14.11102 8.95996   -1.16380  1.000 63.80234 ? 1   DA  E C6    1 
ATOM   441 N  N6    . DA  E 1 1 ? -13.96146 9.31976   0.11628   1.000 66.49368 ? 1   DA  E N6    1 
ATOM   442 N  N1    . DA  E 1 1 ? -14.66847 9.84279   -2.01728  1.000 66.59300 ? 1   DA  E N1    1 
ATOM   443 C  C2    . DA  E 1 1 ? -14.83791 9.48429   -3.29392  1.000 66.87014 ? 1   DA  E C2    1 
ATOM   444 N  N3    . DA  E 1 1 ? -14.52137 8.33809   -3.89125  1.000 65.63067 ? 1   DA  E N3    1 
ATOM   445 C  C4    . DA  E 1 1 ? -13.96123 7.48127   -3.02611  1.000 63.76600 ? 1   DA  E C4    1 
ATOM   446 P  P     . DA  E 1 2 ? -11.98724 4.59629   -8.39081  0.750 66.22702 ? 2   DA  E P     1 
ATOM   447 O  OP1   . DA  E 1 2 ? -12.72882 4.58810   -9.68524  0.750 57.34204 ? 2   DA  E OP1   1 
ATOM   448 O  OP2   . DA  E 1 2 ? -10.75563 3.82381   -8.15226  0.750 58.43547 ? 2   DA  E OP2   1 
ATOM   449 O  "O5'" . DA  E 1 2 ? -11.63212 6.11314   -8.09603  1.000 61.69363 ? 2   DA  E "O5'" 1 
ATOM   450 C  "C5'" . DA  E 1 2 ? -12.63679 7.09947   -8.19546  1.000 65.79927 ? 2   DA  E "C5'" 1 
ATOM   451 C  "C4'" . DA  E 1 2 ? -12.08565 8.40196   -7.68267  1.000 70.52309 ? 2   DA  E "C4'" 1 
ATOM   452 O  "O4'" . DA  E 1 2 ? -12.13033 8.38074   -6.24161  1.000 69.49225 ? 2   DA  E "O4'" 1 
ATOM   453 C  "C3'" . DA  E 1 2 ? -10.62487 8.60041   -8.05947  1.000 67.41867 ? 2   DA  E "C3'" 1 
ATOM   454 O  "O3'" . DA  E 1 2 ? -10.54130 9.42716   -9.25011  1.000 70.60142 ? 2   DA  E "O3'" 1 
ATOM   455 C  "C2'" . DA  E 1 2 ? -9.97607  9.22326   -6.81532  1.000 67.15817 ? 2   DA  E "C2'" 1 
ATOM   456 C  "C1'" . DA  E 1 2 ? -11.04899 9.09280   -5.71408  1.000 66.64250 ? 2   DA  E "C1'" 1 
ATOM   457 N  N9    . DA  E 1 2 ? -10.56049 8.39875   -4.52337  1.000 62.63173 ? 2   DA  E N9    1 
ATOM   458 C  C8    . DA  E 1 2 ? -9.90932  7.19627   -4.46903  1.000 63.35422 ? 2   DA  E C8    1 
ATOM   459 N  N7    . DA  E 1 2 ? -9.56041  6.83347   -3.25500  1.000 61.01818 ? 2   DA  E N7    1 
ATOM   460 C  C5    . DA  E 1 2 ? -10.01422 7.87685   -2.45899  1.000 61.57131 ? 2   DA  E C5    1 
ATOM   461 C  C6    . DA  E 1 2 ? -9.95329  8.11137   -1.07041  1.000 60.94811 ? 2   DA  E C6    1 
ATOM   462 N  N6    . DA  E 1 2 ? -9.37918  7.27075   -0.20359  1.000 63.36274 ? 2   DA  E N6    1 
ATOM   463 N  N1    . DA  E 1 2 ? -10.48149 9.25448   -0.61131  1.000 61.78937 ? 2   DA  E N1    1 
ATOM   464 C  C2    . DA  E 1 2 ? -11.04503 10.10669  -1.47575  1.000 61.61831 ? 2   DA  E C2    1 
ATOM   465 N  N3    . DA  E 1 2 ? -11.16808 9.99569   -2.79543  1.000 63.03213 ? 2   DA  E N3    1 
ATOM   466 C  C4    . DA  E 1 2 ? -10.62377 8.85120   -3.22802  1.000 62.24946 ? 2   DA  E C4    1 
ATOM   467 P  P     . DT  E 1 3 ? -9.88868  10.90605  -9.25645  1.000 75.20115 ? 3   DT  E P     1 
ATOM   468 O  OP1   . DT  E 1 3 ? -10.31721 11.48049  -10.55810 1.000 74.68666 ? 3   DT  E OP1   1 
ATOM   469 O  OP2   . DT  E 1 3 ? -8.43344  10.84124  -8.98054  1.000 70.58133 ? 3   DT  E OP2   1 
ATOM   470 O  "O5'" . DT  E 1 3 ? -10.70689 11.70332  -8.11811  1.000 73.55418 ? 3   DT  E "O5'" 1 
ATOM   471 C  "C5'" . DT  E 1 3 ? -10.72987 13.12102  -8.12492  1.000 73.21506 ? 3   DT  E "C5'" 1 
ATOM   472 C  "C4'" . DT  E 1 3 ? -10.27731 13.67766  -6.78452  1.000 72.87891 ? 3   DT  E "C4'" 1 
ATOM   473 O  "O4'" . DT  E 1 3 ? -9.90245  12.59885  -5.89339  1.000 68.94165 ? 3   DT  E "O4'" 1 
ATOM   474 C  "C3'" . DT  E 1 3 ? -9.05766  14.62135  -6.82378  1.000 71.83164 ? 3   DT  E "C3'" 1 
ATOM   475 O  "O3'" . DT  E 1 3 ? -9.45339  15.91493  -6.34079  1.000 75.23811 ? 3   DT  E "O3'" 1 
ATOM   476 C  "C2'" . DT  E 1 3 ? -8.04169  13.92820  -5.88492  1.000 69.57442 ? 3   DT  E "C2'" 1 
ATOM   477 C  "C1'" . DT  E 1 3 ? -8.98552  13.13478  -4.99394  1.000 69.25474 ? 3   DT  E "C1'" 1 
ATOM   478 N  N1    . DT  E 1 3 ? -8.37724  12.02050  -4.19300  1.000 62.76391 ? 3   DT  E N1    1 
ATOM   479 C  C2    . DT  E 1 3 ? -8.42195  12.08813  -2.81745  1.000 62.49063 ? 3   DT  E C2    1 
ATOM   480 O  O2    . DT  E 1 3 ? -8.89188  13.02807  -2.21624  1.000 66.34110 ? 3   DT  E O2    1 
ATOM   481 N  N3    . DT  E 1 3 ? -7.87571  11.01810  -2.16649  1.000 62.73366 ? 3   DT  E N3    1 
ATOM   482 C  C4    . DT  E 1 3 ? -7.31351  9.89784   -2.73624  1.000 60.81747 ? 3   DT  E C4    1 
ATOM   483 O  O4    . DT  E 1 3 ? -6.84916  8.98319   -2.06540  1.000 57.79770 ? 3   DT  E O4    1 
ATOM   484 C  C5    . DT  E 1 3 ? -7.31957  9.87457   -4.18469  1.000 61.76133 ? 3   DT  E C5    1 
ATOM   485 C  C7    . DT  E 1 3 ? -6.73553  8.70979   -4.91875  1.000 59.20046 ? 3   DT  E C7    1 
ATOM   486 C  C6    . DT  E 1 3 ? -7.85342  10.92499  -4.83328  1.000 62.40219 ? 3   DT  E C6    1 
ATOM   487 P  P     . DG  E 1 4 ? -8.48225  17.19905  -6.44826  1.000 80.82225 ? 4   DG  E P     1 
ATOM   488 O  OP1   . DG  E 1 4 ? -9.24719  18.40936  -6.08755  1.000 77.57353 ? 4   DG  E OP1   1 
ATOM   489 O  OP2   . DG  E 1 4 ? -7.72214  17.13617  -7.71996  1.000 78.56610 ? 4   DG  E OP2   1 
ATOM   490 O  "O5'" . DG  E 1 4 ? -7.44213  16.94778  -5.27320  1.000 78.42501 ? 4   DG  E "O5'" 1 
ATOM   491 C  "C5'" . DG  E 1 4 ? -7.91312  16.70873  -3.94735  1.000 72.56226 ? 4   DG  E "C5'" 1 
ATOM   492 C  "C4'" . DG  E 1 4 ? -6.75602  16.30612  -3.06751  1.000 69.87657 ? 4   DG  E "C4'" 1 
ATOM   493 O  "O4'" . DG  E 1 4 ? -6.42157  14.91112  -3.30115  1.000 69.35538 ? 4   DG  E "O4'" 1 
ATOM   494 C  "C3'" . DG  E 1 4 ? -5.46917  17.09410  -3.35199  1.000 72.95381 ? 4   DG  E "C3'" 1 
ATOM   495 O  "O3'" . DG  E 1 4 ? -4.79135  17.33651  -2.15563  1.000 75.54128 ? 4   DG  E "O3'" 1 
ATOM   496 C  "C2'" . DG  E 1 4 ? -4.68406  16.14190  -4.23539  1.000 69.83378 ? 4   DG  E "C2'" 1 
ATOM   497 C  "C1'" . DG  E 1 4 ? -5.03760  14.83832  -3.55931  1.000 65.50720 ? 4   DG  E "C1'" 1 
ATOM   498 N  N9    . DG  E 1 4 ? -4.74442  13.66580  -4.33528  1.000 64.97966 ? 4   DG  E N9    1 
ATOM   499 C  C8    . DG  E 1 4 ? -4.70972  13.53514  -5.70196  1.000 64.27214 ? 4   DG  E C8    1 
ATOM   500 N  N7    . DG  E 1 4 ? -4.37418  12.33049  -6.09189  1.000 63.96076 ? 4   DG  E N7    1 
ATOM   501 C  C5    . DG  E 1 4 ? -4.17011  11.63532  -4.89793  1.000 62.15154 ? 4   DG  E C5    1 
ATOM   502 C  C6    . DG  E 1 4 ? -3.79252  10.29758  -4.65714  1.000 60.48126 ? 4   DG  E C6    1 
ATOM   503 O  O6    . DG  E 1 4 ? -3.54333  9.38603   -5.47916  1.000 61.99340 ? 4   DG  E O6    1 
ATOM   504 N  N1    . DG  E 1 4 ? -3.71393  10.03804  -3.29053  1.000 57.15343 ? 4   DG  E N1    1 
ATOM   505 C  C2    . DG  E 1 4 ? -3.97135  10.94972  -2.29313  1.000 56.94221 ? 4   DG  E C2    1 
ATOM   506 N  N2    . DG  E 1 4 ? -3.83196  10.51750  -1.03636  1.000 59.55190 ? 4   DG  E N2    1 
ATOM   507 N  N3    . DG  E 1 4 ? -4.31920  12.18317  -2.50600  1.000 62.30600 ? 4   DG  E N3    1 
ATOM   508 C  C4    . DG  E 1 4 ? -4.39648  12.46036  -3.82046  1.000 63.67239 ? 4   DG  E C4    1 
ATOM   509 P  P     . DG  E 1 5 ? -4.33547  18.82836  -1.78136  1.000 81.22398 ? 5   DG  E P     1 
ATOM   510 O  OP1   . DG  E 1 5 ? -5.52919  19.68792  -1.63147  1.000 78.86238 ? 5   DG  E OP1   1 
ATOM   511 O  OP2   . DG  E 1 5 ? -3.25773  19.21405  -2.73470  1.000 80.03032 ? 5   DG  E OP2   1 
ATOM   512 O  "O5'" . DG  E 1 5 ? -3.66671  18.64125  -0.35187  1.000 75.94410 ? 5   DG  E "O5'" 1 
ATOM   513 C  "C5'" . DG  E 1 5 ? -2.30773  18.39894  -0.29864  1.000 75.52679 ? 5   DG  E "C5'" 1 
ATOM   514 C  "C4'" . DG  E 1 5 ? -1.98041  17.29023  0.65510   1.000 72.05706 ? 5   DG  E "C4'" 1 
ATOM   515 O  "O4'" . DG  E 1 5 ? -2.81798  16.12261  0.38709   1.000 74.21656 ? 5   DG  E "O4'" 1 
ATOM   516 C  "C3'" . DG  E 1 5 ? -0.56807  16.77443  0.50765   1.000 72.30417 ? 5   DG  E "C3'" 1 
ATOM   517 O  "O3'" . DG  E 1 5 ? 0.34356   17.59743  1.21246   1.000 78.79658 ? 5   DG  E "O3'" 1 
ATOM   518 C  "C2'" . DG  E 1 5 ? -0.71039  15.39093  1.10331   1.000 70.33063 ? 5   DG  E "C2'" 1 
ATOM   519 C  "C1'" . DG  E 1 5 ? -1.98989  14.96652  0.39391   1.000 70.85066 ? 5   DG  E "C1'" 1 
ATOM   520 N  N9    . DG  E 1 5 ? -1.76494  14.54268  -0.99681  1.000 68.56017 ? 5   DG  E N9    1 
ATOM   521 C  C8    . DG  E 1 5 ? -1.97895  15.28009  -2.14419  1.000 67.84984 ? 5   DG  E C8    1 
ATOM   522 N  N7    . DG  E 1 5 ? -1.70646  14.62698  -3.23765  1.000 66.63174 ? 5   DG  E N7    1 
ATOM   523 C  C5    . DG  E 1 5 ? -1.26640  13.38425  -2.78918  1.000 64.22763 ? 5   DG  E C5    1 
ATOM   524 C  C6    . DG  E 1 5 ? -0.82328  12.24853  -3.51693  1.000 65.29630 ? 5   DG  E C6    1 
ATOM   525 O  O6    . DG  E 1 5 ? -0.72448  12.11210  -4.74847  1.000 66.91772 ? 5   DG  E O6    1 
ATOM   526 N  N1    . DG  E 1 5 ? -0.46054  11.19906  -2.66659  1.000 61.82247 ? 5   DG  E N1    1 
ATOM   527 C  C2    . DG  E 1 5 ? -0.53493  11.24409  -1.29230  1.000 64.13423 ? 5   DG  E C2    1 
ATOM   528 N  N2    . DG  E 1 5 ? -0.15658  10.14338  -0.63568  1.000 64.64287 ? 5   DG  E N2    1 
ATOM   529 N  N3    . DG  E 1 5 ? -0.94005  12.29694  -0.60820  1.000 64.10162 ? 5   DG  E N3    1 
ATOM   530 C  C4    . DG  E 1 5 ? -1.29698  13.32255  -1.41509  1.000 64.63987 ? 5   DG  E C4    1 
ATOM   531 P  P     . DA  F 1 1 ? -0.00873  9.71901   3.83162   1.000 84.79774 ? 1   DA  F P     1 
ATOM   532 O  OP1   . DA  F 1 1 ? 0.28227   9.48387   2.39621   1.000 76.84463 ? 1   DA  F OP1   1 
ATOM   533 O  OP2   . DA  F 1 1 ? 1.03102   9.40937   4.85084   1.000 75.48162 ? 1   DA  F OP2   1 
ATOM   534 O  "O5'" . DA  F 1 1 ? -0.49045  11.23773  4.00027   1.000 74.86919 ? 1   DA  F "O5'" 1 
ATOM   535 C  "C5'" . DA  F 1 1 ? 0.06940   12.05172  5.01544   1.000 72.80343 ? 1   DA  F "C5'" 1 
ATOM   536 C  "C4'" . DA  F 1 1 ? -1.01270  12.75132  5.80417   1.000 71.49557 ? 1   DA  F "C4'" 1 
ATOM   537 O  "O4'" . DA  F 1 1 ? -1.83088  13.55122  4.90625   1.000 70.05883 ? 1   DA  F "O4'" 1 
ATOM   538 C  "C3'" . DA  F 1 1 ? -1.96196  11.81888  6.54496   1.000 74.99512 ? 1   DA  F "C3'" 1 
ATOM   539 O  "O3'" . DA  F 1 1 ? -2.30866  12.38154  7.81441   1.000 77.71506 ? 1   DA  F "O3'" 1 
ATOM   540 C  "C2'" . DA  F 1 1 ? -3.16449  11.73145  5.60904   1.000 75.27512 ? 1   DA  F "C2'" 1 
ATOM   541 C  "C1'" . DA  F 1 1 ? -3.16856  13.09434  4.92518   1.000 73.78708 ? 1   DA  F "C1'" 1 
ATOM   542 N  N9    . DA  F 1 1 ? -3.66566  13.02644  3.54990   1.000 72.00071 ? 1   DA  F N9    1 
ATOM   543 C  C8    . DA  F 1 1 ? -3.22074  12.19726  2.55120   1.000 69.54568 ? 1   DA  F C8    1 
ATOM   544 N  N7    . DA  F 1 1 ? -3.87145  12.33906  1.41469   1.000 68.45361 ? 1   DA  F N7    1 
ATOM   545 C  C5    . DA  F 1 1 ? -4.80465  13.33090  1.68428   1.000 70.24999 ? 1   DA  F C5    1 
ATOM   546 C  C6    . DA  F 1 1 ? -5.79843  13.94686  0.88848   1.000 68.60828 ? 1   DA  F C6    1 
ATOM   547 N  N6    . DA  F 1 1 ? -6.01925  13.63235  -0.39464  1.000 66.25386 ? 1   DA  F N6    1 
ATOM   548 N  N1    . DA  F 1 1 ? -6.56131  14.88704  1.46992   1.000 70.11530 ? 1   DA  F N1    1 
ATOM   549 C  C2    . DA  F 1 1 ? -6.33720  15.19866  2.75510   1.000 71.59026 ? 1   DA  F C2    1 
ATOM   550 N  N3    . DA  F 1 1 ? -5.43400  14.69124  3.59828   1.000 68.93911 ? 1   DA  F N3    1 
ATOM   551 C  C4    . DA  F 1 1 ? -4.69135  13.76490  2.99704   1.000 68.79312 ? 1   DA  F C4    1 
ATOM   552 P  P     . DA  F 1 2 ? -3.09281  11.52086  8.93339   0.750 83.17858 ? 2   DA  F P     1 
ATOM   553 O  OP1   . DA  F 1 2 ? -2.37865  11.76642  10.21075  0.750 82.61835 ? 2   DA  F OP1   1 
ATOM   554 O  OP2   . DA  F 1 2 ? -3.27883  10.11978  8.48320   0.750 79.51913 ? 2   DA  F OP2   1 
ATOM   555 O  "O5'" . DA  F 1 2 ? -4.52873  12.22577  8.99277   1.000 78.37531 ? 2   DA  F "O5'" 1 
ATOM   556 C  "C5'" . DA  F 1 2 ? -5.60333  11.69570  8.23568   1.000 80.97609 ? 2   DA  F "C5'" 1 
ATOM   557 C  "C4'" . DA  F 1 2 ? -6.65701  12.75424  7.93114   1.000 80.94594 ? 2   DA  F "C4'" 1 
ATOM   558 O  "O4'" . DA  F 1 2 ? -6.66643  12.98771  6.50143   1.000 80.60701 ? 2   DA  F "O4'" 1 
ATOM   559 C  "C3'" . DA  F 1 2 ? -8.07741  12.31148  8.24936   1.000 79.66843 ? 2   DA  F "C3'" 1 
ATOM   560 O  "O3'" . DA  F 1 2 ? -8.96846  13.41474  8.39462   1.000 80.77971 ? 2   DA  F "O3'" 1 
ATOM   561 C  "C2'" . DA  F 1 2 ? -8.43955  11.48727  7.02906   1.000 75.06252 ? 2   DA  F "C2'" 1 
ATOM   562 C  "C1'" . DA  F 1 2 ? -7.73038  12.24565  5.90790   1.000 73.94749 ? 2   DA  F "C1'" 1 
ATOM   563 N  N9    . DA  F 1 2 ? -7.19267  11.35097  4.88928   1.000 68.69938 ? 2   DA  F N9    1 
ATOM   564 C  C8    . DA  F 1 2 ? -6.36544  10.28657  5.08521   1.000 66.86916 ? 2   DA  F C8    1 
ATOM   565 N  N7    . DA  F 1 2 ? -6.05919  9.64802   3.98267   1.000 67.19131 ? 2   DA  F N7    1 
ATOM   566 C  C5    . DA  F 1 2 ? -6.74826  10.33359  2.99961   1.000 67.23237 ? 2   DA  F C5    1 
ATOM   567 C  C6    . DA  F 1 2 ? -6.85030  10.14695  1.60888   1.000 65.44902 ? 2   DA  F C6    1 
ATOM   568 N  N6    . DA  F 1 2 ? -6.22119  9.16490   0.95372   1.000 64.55533 ? 2   DA  F N6    1 
ATOM   569 N  N1    . DA  F 1 2 ? -7.62468  11.01111  0.91758   1.000 63.29266 ? 2   DA  F N1    1 
ATOM   570 C  C2    . DA  F 1 2 ? -8.25696  11.98450  1.58064   1.000 66.76284 ? 2   DA  F C2    1 
ATOM   571 N  N3    . DA  F 1 2 ? -8.23779  12.26090  2.88359   1.000 67.84771 ? 2   DA  F N3    1 
ATOM   572 C  C4    . DA  F 1 2 ? -7.45801  11.38351  3.54194   1.000 68.15531 ? 2   DA  F C4    1 
ATOM   573 P  P     . DT  F 1 3 ? -10.44078 13.12168  8.97377   1.000 84.03266 ? 3   DT  F P     1 
ATOM   574 O  OP1   . DT  F 1 3 ? -10.90108 14.25921  9.80840   1.000 78.73746 ? 3   DT  F OP1   1 
ATOM   575 O  OP2   . DT  F 1 3 ? -10.34055 11.75537  9.54733   1.000 82.66294 ? 3   DT  F OP2   1 
ATOM   576 O  "O5'" . DT  F 1 3 ? -11.36514 12.95754  7.67156   1.000 76.63802 ? 3   DT  F "O5'" 1 
ATOM   577 C  "C5'" . DT  F 1 3 ? -11.98922 14.08556  7.08850   1.000 75.78329 ? 3   DT  F "C5'" 1 
ATOM   578 C  "C4'" . DT  F 1 3 ? -12.62454 13.72219  5.75636   1.000 73.48684 ? 3   DT  F "C4'" 1 
ATOM   579 O  "O4'" . DT  F 1 3 ? -11.69627 12.93435  4.96847   1.000 72.03092 ? 3   DT  F "O4'" 1 
ATOM   580 C  "C3'" . DT  F 1 3 ? -13.90894 12.88430  5.84581   1.000 72.28371 ? 3   DT  F "C3'" 1 
ATOM   581 O  "O3'" . DT  F 1 3 ? -14.91882 13.47627  5.05742   1.000 75.90166 ? 3   DT  F "O3'" 1 
ATOM   582 C  "C2'" . DT  F 1 3 ? -13.49572 11.53155  5.26425   1.000 73.45469 ? 3   DT  F "C2'" 1 
ATOM   583 C  "C1'" . DT  F 1 3 ? -12.44384 11.97342  4.26892   1.000 71.25407 ? 3   DT  F "C1'" 1 
ATOM   584 N  N1    . DT  F 1 3 ? -11.55496 10.90821  3.84077   1.000 69.03919 ? 3   DT  F N1    1 
ATOM   585 C  C2    . DT  F 1 3 ? -11.37655 10.68804  2.49578   1.000 66.05895 ? 3   DT  F C2    1 
ATOM   586 O  O2    . DT  F 1 3 ? -11.94379 11.33864  1.63052   1.000 68.90813 ? 3   DT  F O2    1 
ATOM   587 N  N3    . DT  F 1 3 ? -10.53489 9.66875   2.19974   1.000 64.66527 ? 3   DT  F N3    1 
ATOM   588 C  C4    . DT  F 1 3 ? -9.84133  8.87139   3.09168   1.000 64.51054 ? 3   DT  F C4    1 
ATOM   589 O  O4    . DT  F 1 3 ? -9.09325  7.97573   2.72525   1.000 64.33371 ? 3   DT  F O4    1 
ATOM   590 C  C5    . DT  F 1 3 ? -10.07687 9.16068   4.48923   1.000 66.53046 ? 3   DT  F C5    1 
ATOM   591 C  C7    . DT  F 1 3 ? -9.38577  8.36683   5.55633   1.000 67.97702 ? 3   DT  F C7    1 
ATOM   592 C  C6    . DT  F 1 3 ? -10.89990 10.15889  4.78799   1.000 68.04129 ? 3   DT  F C6    1 
ATOM   593 P  P     . DG  F 1 4 ? -16.46109 13.11545  5.32168   1.000 85.24410 ? 4   DG  F P     1 
ATOM   594 O  OP1   . DG  F 1 4 ? -17.27426 14.32151  5.06957   1.000 81.01114 ? 4   DG  F OP1   1 
ATOM   595 O  OP2   . DG  F 1 4 ? -16.50681 12.36076  6.59646   1.000 84.65256 ? 4   DG  F OP2   1 
ATOM   596 O  "O5'" . DG  F 1 4 ? -16.81762 12.04820  4.19754   1.000 83.17210 ? 4   DG  F "O5'" 1 
ATOM   597 C  "C5'" . DG  F 1 4 ? -16.62888 12.34077  2.81910   1.000 79.72537 ? 4   DG  F "C5'" 1 
ATOM   598 C  "C4'" . DG  F 1 4 ? -16.52607 11.04678  2.04799   1.000 75.95790 ? 4   DG  F "C4'" 1 
ATOM   599 O  "O4'" . DG  F 1 4 ? -15.38137 10.31642  2.54327   1.000 72.73713 ? 4   DG  F "O4'" 1 
ATOM   600 C  "C3'" . DG  F 1 4 ? -17.72031 10.09503  2.24900   1.000 77.16094 ? 4   DG  F "C3'" 1 
ATOM   601 O  "O3'" . DG  F 1 4 ? -17.89869 9.32581   1.11402   1.000 77.74089 ? 4   DG  F "O3'" 1 
ATOM   602 C  "C2'" . DG  F 1 4 ? -17.22960 9.20867   3.36927   1.000 75.41583 ? 4   DG  F "C2'" 1 
ATOM   603 C  "C1'" . DG  F 1 4 ? -15.81474 9.02677   2.90204   1.000 72.88397 ? 4   DG  F "C1'" 1 
ATOM   604 N  N9    . DG  F 1 4 ? -14.94673 8.47348   3.91498   1.000 70.33576 ? 4   DG  F N9    1 
ATOM   605 C  C8    . DG  F 1 4 ? -15.09233 8.58089   5.27587   1.000 73.42032 ? 4   DG  F C8    1 
ATOM   606 N  N7    . DG  F 1 4 ? -14.17155 7.94219   5.94031   1.000 70.17804 ? 4   DG  F N7    1 
ATOM   607 C  C5    . DG  F 1 4 ? -13.39834 7.35408   4.95830   1.000 69.24209 ? 4   DG  F C5    1 
ATOM   608 C  C6    . DG  F 1 4 ? -12.25919 6.54562   5.07157   1.000 67.70834 ? 4   DG  F C6    1 
ATOM   609 O  O6    . DG  F 1 4 ? -11.69812 6.15870   6.10200   1.000 68.60322 ? 4   DG  F O6    1 
ATOM   610 N  N1    . DG  F 1 4 ? -11.77229 6.16568   3.82032   1.000 65.60996 ? 4   DG  F N1    1 
ATOM   611 C  C2    . DG  F 1 4 ? -12.31659 6.53963   2.61292   1.000 64.27949 ? 4   DG  F C2    1 
ATOM   612 N  N2    . DG  F 1 4 ? -11.70793 6.07644   1.50788   1.000 63.33860 ? 4   DG  F N2    1 
ATOM   613 N  N3    . DG  F 1 4 ? -13.36984 7.31001   2.49437   1.000 66.20490 ? 4   DG  F N3    1 
ATOM   614 C  C4    . DG  F 1 4 ? -13.87034 7.66712   3.70603   1.000 69.63716 ? 4   DG  F C4    1 
ATOM   615 P  P     . DG  F 1 5 ? -19.27256 9.38669   0.30728   1.000 75.82598 ? 5   DG  F P     1 
ATOM   616 O  OP1   . DG  F 1 5 ? -19.30003 10.71023  -0.35020  1.000 79.43373 ? 5   DG  F OP1   1 
ATOM   617 O  OP2   . DG  F 1 5 ? -20.41066 8.97533   1.16211   1.000 71.38120 ? 5   DG  F OP2   1 
ATOM   618 O  "O5'" . DG  F 1 5 ? -19.05533 8.29437   -0.81321  1.000 75.74454 ? 5   DG  F "O5'" 1 
ATOM   619 C  "C5'" . DG  F 1 5 ? -17.87653 8.34245   -1.55952  1.000 70.86676 ? 5   DG  F "C5'" 1 
ATOM   620 C  "C4'" . DG  F 1 5 ? -17.12371 7.04232   -1.44384  1.000 68.17632 ? 5   DG  F "C4'" 1 
ATOM   621 O  "O4'" . DG  F 1 5 ? -16.42341 6.97614   -0.20755  1.000 70.27842 ? 5   DG  F "O4'" 1 
ATOM   622 C  "C3'" . DG  F 1 5 ? -17.99782 5.82954   -1.41553  1.000 71.49194 ? 5   DG  F "C3'" 1 
ATOM   623 O  "O3'" . DG  F 1 5 ? -18.32629 5.52967   -2.71991  1.000 73.80447 ? 5   DG  F "O3'" 1 
ATOM   624 C  "C2'" . DG  F 1 5 ? -17.07124 4.76961   -0.80466  1.000 70.86823 ? 5   DG  F "C2'" 1 
ATOM   625 C  "C1'" . DG  F 1 5 ? -16.13076 5.61448   0.06521   1.000 68.02002 ? 5   DG  F "C1'" 1 
ATOM   626 N  N9    . DG  F 1 5 ? -16.31774 5.43326   1.48572   1.000 66.10489 ? 5   DG  F N9    1 
ATOM   627 C  C8    . DG  F 1 5 ? -17.32023 5.96949   2.23680   1.000 71.68153 ? 5   DG  F C8    1 
ATOM   628 N  N7    . DG  F 1 5 ? -17.23159 5.68338   3.49858   1.000 72.82819 ? 5   DG  F N7    1 
ATOM   629 C  C5    . DG  F 1 5 ? -16.06845 4.93598   3.59508   1.000 69.88949 ? 5   DG  F C5    1 
ATOM   630 C  C6    . DG  F 1 5 ? -15.46288 4.36535   4.73042   1.000 71.20854 ? 5   DG  F C6    1 
ATOM   631 O  O6    . DG  F 1 5 ? -15.86953 4.39738   5.91083   1.000 74.57084 ? 5   DG  F O6    1 
ATOM   632 N  N1    . DG  F 1 5 ? -14.30497 3.67773   4.40228   1.000 66.81597 ? 5   DG  F N1    1 
ATOM   633 C  C2    . DG  F 1 5 ? -13.77946 3.57828   3.13422   1.000 67.87801 ? 5   DG  F C2    1 
ATOM   634 N  N2    . DG  F 1 5 ? -12.64795 2.88202   3.01857   1.000 67.91772 ? 5   DG  F N2    1 
ATOM   635 N  N3    . DG  F 1 5 ? -14.33540 4.11923   2.05598   1.000 67.92724 ? 5   DG  F N3    1 
ATOM   636 C  C4    . DG  F 1 5 ? -15.48244 4.77613   2.36506   1.000 68.06006 ? 5   DG  F C4    1 
HETATM 637 C  C     . ACT G 2 . ? 4.55884   -10.88180 3.36769   1.000 35.25040 ? 101 ACT A C     1 
HETATM 638 O  O     . ACT G 2 . ? 3.93616   -9.82131  3.43578   1.000 34.64817 ? 101 ACT A O     1 
HETATM 639 O  OXT   . ACT G 2 . ? 4.84777   -11.66429 4.32996   1.000 41.16592 ? 101 ACT A OXT   1 
HETATM 640 C  CH3   . ACT G 2 . ? 5.00968   -11.29481 1.91606   1.000 37.42929 ? 101 ACT A CH3   1 
HETATM 641 MG MG    . MG  H 3 . ? 3.41478   -7.29845  -0.05769  1.000 29.06686 ? 101 MG  B MG    1 
HETATM 642 O  O     . HOH I 4 . ? 2.61939   -12.25749 14.15547  1.000 59.43589 ? 201 HOH A O     1 
HETATM 643 O  O     . HOH I 4 . ? 6.97774   -9.48508  4.32631   1.000 40.41287 ? 202 HOH A O     1 
HETATM 644 O  O     . HOH I 4 . ? 6.73401   -13.71370 9.10840   1.000 52.01101 ? 203 HOH A O     1 
HETATM 645 O  O     . HOH I 4 . ? 6.91224   -11.82227 11.26064  1.000 46.61392 ? 204 HOH A O     1 
HETATM 646 O  O     . HOH I 4 . ? 9.69656   -8.13860  4.47511   1.000 41.71994 ? 205 HOH A O     1 
HETATM 647 O  O     . HOH I 4 . ? 6.89820   -4.80337  12.42700  1.000 42.43819 ? 206 HOH A O     1 
HETATM 648 O  O     . HOH I 4 . ? 2.35962   -14.05578 1.66240   1.000 43.92910 ? 207 HOH A O     1 
HETATM 649 O  O     . HOH I 4 . ? -1.41204  -10.53140 15.42047  1.000 61.69000 ? 208 HOH A O     1 
HETATM 650 O  O     . HOH I 4 . ? 5.32161   -5.40211  16.44498  1.000 62.07224 ? 209 HOH A O     1 
HETATM 651 O  O     . HOH I 4 . ? 2.59960   -3.88209  14.45980  1.000 64.96312 ? 210 HOH A O     1 
HETATM 652 O  O     . HOH I 4 . ? -3.16818  -12.29479 17.26056  1.000 64.04417 ? 211 HOH A O     1 
HETATM 653 O  O     . HOH J 4 . ? 4.71366   2.31860   1.20060   1.000 50.57898 ? 201 HOH B O     1 
HETATM 654 O  O     . HOH J 4 . ? 9.31382   3.75970   2.97514   1.000 41.23565 ? 202 HOH B O     1 
HETATM 655 O  O     . HOH J 4 . ? -0.30872  -4.84936  11.16651  1.000 46.28411 ? 203 HOH B O     1 
HETATM 656 O  O     . HOH J 4 . ? 2.52774   -8.42144  1.50026   1.000 31.68787 ? 204 HOH B O     1 
HETATM 657 O  O     . HOH J 4 . ? 1.84540   -8.06633  -1.30533  1.000 31.19131 ? 205 HOH B O     1 
HETATM 658 O  O     . HOH J 4 . ? 0.52048   -1.95855  8.41451   1.000 37.35451 ? 206 HOH B O     1 
HETATM 659 O  O     . HOH J 4 . ? 5.31389   -3.77641  1.71927   1.000 28.31538 ? 207 HOH B O     1 
HETATM 660 O  O     . HOH J 4 . ? 5.84175   4.74165   2.88343   1.000 49.34170 ? 208 HOH B O     1 
HETATM 661 O  O     . HOH J 4 . ? 1.46033   -11.73965 0.07094   1.000 41.92282 ? 209 HOH B O     1 
HETATM 662 O  O     . HOH J 4 . ? 2.13332   -5.58112  0.42050   1.000 28.97638 ? 210 HOH B O     1 
HETATM 663 O  O     . HOH J 4 . ? 9.67081   4.35816   5.56108   1.000 40.25093 ? 211 HOH B O     1 
HETATM 664 O  O     . HOH J 4 . ? 4.65646   -6.48042  1.43607   1.000 29.12988 ? 212 HOH B O     1 
HETATM 665 O  O     . HOH J 4 . ? 11.41813  1.16315   -0.52696  1.000 41.69171 ? 213 HOH B O     1 
HETATM 666 O  O     . HOH J 4 . ? 1.10010   -1.26083  0.21215   1.000 40.22468 ? 214 HOH B O     1 
HETATM 667 O  O     . HOH J 4 . ? 0.42467   -12.17978 -2.64444  1.000 43.89618 ? 215 HOH B O     1 
HETATM 668 O  O     . HOH K 4 . ? 0.20049   -0.28277  -14.64323 1.000 51.79174 ? 101 HOH C O     1 
HETATM 669 O  O     . HOH K 4 . ? -6.98357  -5.80641  -7.64966  1.000 51.72570 ? 102 HOH C O     1 
HETATM 670 O  O     . HOH K 4 . ? 1.47544   -11.17761 -11.71934 1.000 45.62409 ? 103 HOH C O     1 
HETATM 671 O  O     . HOH K 4 . ? -3.49258  -7.88643  -9.74079  1.000 46.79311 ? 104 HOH C O     1 
HETATM 672 O  O     . HOH K 4 . ? -3.62084  -4.56521  -2.22100  1.000 50.88986 ? 105 HOH C O     1 
HETATM 673 O  O     . HOH K 4 . ? 2.52674   -11.73719 -4.11477  1.000 42.43784 ? 106 HOH C O     1 
HETATM 674 O  O     . HOH K 4 . ? -4.95447  2.67332   -1.89430  1.000 60.66839 ? 107 HOH C O     1 
HETATM 675 O  O     . HOH K 4 . ? 2.92856   -5.39188  -12.83452 1.000 48.52121 ? 108 HOH C O     1 
HETATM 676 O  O     . HOH K 4 . ? 4.16382   -6.24100  -1.71605  1.000 29.66129 ? 109 HOH C O     1 
HETATM 677 O  O     . HOH K 4 . ? 4.42734   -9.10760  -11.69885 1.000 45.74479 ? 110 HOH C O     1 
HETATM 678 O  O     . HOH K 4 . ? 0.81785   -7.00434  -3.87493  1.000 33.73893 ? 111 HOH C O     1 
HETATM 679 O  O     . HOH K 4 . ? 0.69811   -3.46344  -13.61052 1.000 51.14238 ? 112 HOH C O     1 
HETATM 680 O  O     . HOH K 4 . ? 6.46954   -8.76269  -11.52816 1.000 47.99908 ? 113 HOH C O     1 
HETATM 681 O  O     . HOH K 4 . ? 4.74689   -5.81358  -12.34969 1.000 51.59439 ? 114 HOH C O     1 
HETATM 682 O  O     . HOH K 4 . ? 0.76638   -3.19964  -3.37183  1.000 39.50214 ? 115 HOH C O     1 
HETATM 683 O  O     . HOH K 4 . ? -6.72240  -9.95786  -9.69627  1.000 57.46055 ? 116 HOH C O     1 
HETATM 684 O  O     . HOH K 4 . ? -1.72835  0.68703   -2.19268  1.000 55.42870 ? 117 HOH C O     1 
HETATM 685 O  O     . HOH K 4 . ? 3.65593   -14.15640 -4.19550  1.000 46.42951 ? 118 HOH C O     1 
HETATM 686 O  O     . HOH K 4 . ? 2.32619   -8.35290  -13.38212 1.000 53.62945 ? 119 HOH C O     1 
HETATM 687 O  O     . HOH K 4 . ? 3.70278   -11.35447 -1.29049  1.000 32.42647 ? 120 HOH C O     1 
HETATM 688 O  O     . HOH K 4 . ? 3.48471   -10.21260 -13.25538 1.000 50.04679 ? 121 HOH C O     1 
HETATM 689 O  O     . HOH K 4 . ? -1.24062  -14.10032 -4.08534  1.000 49.73651 ? 122 HOH C O     1 
HETATM 690 O  O     . HOH K 4 . ? -9.15821  -7.34301  -2.20215  1.000 60.37607 ? 123 HOH C O     1 
HETATM 691 O  O     . HOH L 4 . ? 5.18097   0.33005   -11.78420 1.000 46.18264 ? 101 HOH D O     1 
HETATM 692 O  O     . HOH L 4 . ? 10.26306  -9.91043  2.28883   1.000 50.34308 ? 102 HOH D O     1 
HETATM 693 O  O     . HOH L 4 . ? 7.04267   -7.77695  2.11533   1.000 34.68993 ? 103 HOH D O     1 
HETATM 694 O  O     . HOH L 4 . ? 12.19613  -9.49125  -1.17907  1.000 54.37723 ? 104 HOH D O     1 
HETATM 695 O  O     . HOH L 4 . ? 14.52511  -5.72440  -9.62447  1.000 50.39168 ? 105 HOH D O     1 
HETATM 696 O  O     . HOH L 4 . ? 3.30019   -3.74586  -2.53667  1.000 34.47208 ? 106 HOH D O     1 
HETATM 697 O  O     . HOH L 4 . ? 12.11279  -3.30285  -1.14947  1.000 34.41524 ? 107 HOH D O     1 
HETATM 698 O  O     . HOH L 4 . ? 9.90149   -4.58442  -11.23825 1.000 45.48063 ? 108 HOH D O     1 
HETATM 699 O  O     . HOH L 4 . ? 7.61718   -2.62892  -11.25796 1.000 42.33907 ? 109 HOH D O     1 
HETATM 700 O  O     . HOH L 4 . ? 13.53655  -6.69254  -3.92795  1.000 41.11426 ? 110 HOH D O     1 
HETATM 701 O  O     . HOH L 4 . ? 4.51044   -8.79002  -0.56675  1.000 31.95425 ? 111 HOH D O     1 
HETATM 702 O  O     . HOH L 4 . ? 8.68676   -5.67426  2.81582   1.000 32.45498 ? 112 HOH D O     1 
HETATM 703 O  O     . HOH L 4 . ? 3.77778   0.21508   -3.39535  1.000 42.98009 ? 113 HOH D O     1 
HETATM 704 O  O     . HOH L 4 . ? 10.99526  3.94719   0.02640   1.000 40.29317 ? 114 HOH D O     1 
HETATM 705 O  O     . HOH L 4 . ? 10.57835  0.39581   -5.32332  1.000 40.18406 ? 115 HOH D O     1 
HETATM 706 O  O     . HOH L 4 . ? 0.21702   -0.28638  -3.09527  1.000 47.65410 ? 116 HOH D O     1 
HETATM 707 O  O     . HOH L 4 . ? 10.41102  -1.76713  -11.52416 1.000 56.09526 ? 117 HOH D O     1 
HETATM 708 O  O     . HOH L 4 . ? 3.81355   -2.35831  -0.06089  1.000 34.56928 ? 118 HOH D O     1 
HETATM 709 O  O     . HOH L 4 . ? 12.10252  0.08568   -2.31958  1.000 49.68655 ? 119 HOH D O     1 
HETATM 710 O  O     . HOH L 4 . ? 4.64003   -13.79173 -1.46524  1.000 47.35009 ? 120 HOH D O     1 
HETATM 711 O  O     . HOH M 4 . ? -10.09621 2.05659   -7.17994  1.000 61.19420 ? 101 HOH E O     1 
HETATM 712 O  O     . HOH M 4 . ? -4.70986  7.29426   -7.06456  1.000 55.49396 ? 102 HOH E O     1 
HETATM 713 O  O     . HOH M 4 . ? -4.72414  19.91738  -5.15222  1.000 77.10166 ? 103 HOH E O     1 
HETATM 714 O  O     . HOH N 4 . ? -1.64060  8.83475   9.44850   1.000 73.82975 ? 101 HOH F O     1 
HETATM 715 O  O     . HOH N 4 . ? -19.41765 6.21592   5.21486   1.000 71.71993 ? 102 HOH F O     1 
# 
loop_
_atom_site_anisotrop.id 
_atom_site_anisotrop.type_symbol 
_atom_site_anisotrop.pdbx_label_atom_id 
_atom_site_anisotrop.pdbx_label_alt_id 
_atom_site_anisotrop.pdbx_label_comp_id 
_atom_site_anisotrop.pdbx_label_asym_id 
_atom_site_anisotrop.pdbx_label_seq_id 
_atom_site_anisotrop.pdbx_PDB_ins_code 
_atom_site_anisotrop.U[1][1] 
_atom_site_anisotrop.U[2][2] 
_atom_site_anisotrop.U[3][3] 
_atom_site_anisotrop.U[1][2] 
_atom_site_anisotrop.U[1][3] 
_atom_site_anisotrop.U[2][3] 
_atom_site_anisotrop.pdbx_auth_seq_id 
_atom_site_anisotrop.pdbx_auth_comp_id 
_atom_site_anisotrop.pdbx_auth_asym_id 
_atom_site_anisotrop.pdbx_auth_atom_id 
1   P  P     . DA  A 1 ? 0.47811 0.59903 0.43623 -0.01012 -0.07816 0.00124  1   DA  A P     
2   O  OP1   . DA  A 1 ? 0.59216 0.70613 0.52807 0.00855  -0.09278 0.01373  1   DA  A OP1   
3   O  OP2   . DA  A 1 ? 0.43332 0.53022 0.39870 -0.01526 -0.06446 0.00211  1   DA  A OP2   
4   O  "O5'" . DA  A 1 ? 0.43818 0.57013 0.38368 -0.02702 -0.07847 -0.00935 1   DA  A "O5'" 
5   C  "C5'" . DA  A 1 ? 0.43492 0.59635 0.37415 -0.02594 -0.09273 -0.01354 1   DA  A "C5'" 
6   C  "C4'" . DA  A 1 ? 0.51896 0.67208 0.41524 -0.03136 -0.09780 -0.01012 1   DA  A "C4'" 
7   O  "O4'" . DA  A 1 ? 0.50599 0.65179 0.39828 -0.05044 -0.08255 -0.02394 1   DA  A "O4'" 
8   C  "C3'" . DA  A 1 ? 0.52524 0.64377 0.38856 -0.02051 -0.10080 0.01160  1   DA  A "C3'" 
9   O  "O3'" . DA  A 1 ? 0.62071 0.74723 0.44952 -0.01867 -0.11362 0.01977  1   DA  A "O3'" 
10  C  "C2'" . DA  A 1 ? 0.50312 0.59497 0.36183 -0.03522 -0.08203 0.00915  1   DA  A "C2'" 
11  C  "C1'" . DA  A 1 ? 0.50446 0.61981 0.36653 -0.05228 -0.07501 -0.01124 1   DA  A "C1'" 
12  N  N9    . DA  A 1 ? 0.41390 0.51811 0.29344 -0.06506 -0.05556 -0.02242 1   DA  A N9    
13  C  C8    . DA  A 1 ? 0.39617 0.48752 0.30625 -0.06343 -0.04619 -0.02203 1   DA  A C8    
14  N  N7    . DA  A 1 ? 0.40165 0.48779 0.32382 -0.07472 -0.03045 -0.03229 1   DA  A N7    
15  C  C5    . DA  A 1 ? 0.41610 0.51379 0.31475 -0.08456 -0.02799 -0.04318 1   DA  A C5    
16  C  C6    . DA  A 1 ? 0.39881 0.50054 0.29648 -0.09693 -0.01252 -0.05983 1   DA  A C6    
17  N  N6    . DA  A 1 ? 0.37292 0.46663 0.30120 -0.10044 0.00260  -0.06739 1   DA  A N6    
18  N  N1    . DA  A 1 ? 0.46649 0.58403 0.33188 -0.10385 -0.01382 -0.06968 1   DA  A N1    
19  C  C2    . DA  A 1 ? 0.48778 0.61634 0.32389 -0.09883 -0.03138 -0.06049 1   DA  A C2    
20  N  N3    . DA  A 1 ? 0.47710 0.60263 0.31479 -0.08609 -0.04760 -0.04334 1   DA  A N3    
21  C  C4    . DA  A 1 ? 0.42558 0.53587 0.29593 -0.07957 -0.04412 -0.03723 1   DA  A C4    
22  P  P     . DA  A 2 ? 0.66108 0.75518 0.45282 -0.00563 -0.12293 0.04700  2   DA  A P     
23  O  OP1   . DA  A 2 ? 0.68520 0.80118 0.46148 0.00909  -0.14480 0.05740  2   DA  A OP1   
24  O  OP2   . DA  A 2 ? 0.61114 0.66690 0.41405 0.00094  -0.11495 0.05495  2   DA  A OP2   
25  O  "O5'" . DA  A 2 ? 0.69280 0.77845 0.44709 -0.02417 -0.11364 0.04990  2   DA  A "O5'" 
26  C  "C5'" . DA  A 2 ? 0.67298 0.73670 0.43117 -0.03733 -0.09497 0.04679  2   DA  A "C5'" 
27  C  "C4'" . DA  A 2 ? 0.68515 0.75993 0.41553 -0.05562 -0.08422 0.04089  2   DA  A "C4'" 
28  O  "O4'" . DA  A 2 ? 0.61054 0.69148 0.37085 -0.06848 -0.06575 0.01827  2   DA  A "O4'" 
29  C  "C3'" . DA  A 2 ? 0.68137 0.72524 0.37828 -0.06163 -0.07739 0.06449  2   DA  A "C3'" 
30  O  "O3'" . DA  A 2 ? 0.76305 0.82352 0.41905 -0.07274 -0.07418 0.06784  2   DA  A "O3'" 
31  C  "C2'" . DA  A 2 ? 0.63613 0.66240 0.35990 -0.07229 -0.05784 0.05689  2   DA  A "C2'" 
32  C  "C1'" . DA  A 2 ? 0.58333 0.63810 0.34126 -0.07704 -0.04996 0.02688  2   DA  A "C1'" 
33  N  N9    . DA  A 2 ? 0.48620 0.52880 0.28452 -0.07421 -0.04352 0.02067  2   DA  A N9    
34  C  C8    . DA  A 2 ? 0.44585 0.47302 0.26222 -0.06021 -0.05260 0.02833  2   DA  A C8    
35  N  N7    . DA  A 2 ? 0.44134 0.46254 0.28885 -0.06152 -0.04368 0.02120  2   DA  A N7    
36  C  C5    . DA  A 2 ? 0.41276 0.44541 0.26772 -0.07625 -0.02803 0.00829  2   DA  A C5    
37  C  C6    . DA  A 2 ? 0.40228 0.43536 0.28849 -0.08276 -0.01383 -0.00165 2   DA  A C6    
38  N  N6    . DA  A 2 ? 0.40097 0.42608 0.31424 -0.07614 -0.01465 -0.00002 2   DA  A N6    
39  N  N1    . DA  A 2 ? 0.38112 0.42681 0.26879 -0.09477 0.00081  -0.01424 2   DA  A N1    
40  C  C2    . DA  A 2 ? 0.40656 0.46418 0.26319 -0.10114 0.00203  -0.01766 2   DA  A C2    
41  N  N3    . DA  A 2 ? 0.43555 0.49522 0.25673 -0.09743 -0.01135 -0.00744 2   DA  A N3    
42  C  C4    . DA  A 2 ? 0.42804 0.47295 0.25288 -0.08425 -0.02641 0.00660  2   DA  A C4    
43  P  P     . DT  A 3 ? 0.82127 0.85404 0.43669 -0.08099 -0.06729 0.09835  3   DT  A P     
44  O  OP1   . DT  A 3 ? 0.89376 0.95050 0.46061 -0.08347 -0.07453 0.10736  3   DT  A OP1   
45  O  OP2   . DT  A 3 ? 0.78050 0.76903 0.40894 -0.07027 -0.07426 0.11948  3   DT  A OP2   
46  O  "O5'" . DT  A 3 ? 0.77077 0.80170 0.40169 -0.10066 -0.03982 0.08592  3   DT  A "O5'" 
47  C  "C5'" . DT  A 3 ? 0.73639 0.80157 0.37080 -0.11187 -0.02523 0.05797  3   DT  A "C5'" 
48  C  "C4'" . DT  A 3 ? 0.66905 0.72886 0.33340 -0.12435 -0.00125 0.04730  3   DT  A "C4'" 
49  O  "O4'" . DT  A 3 ? 0.59768 0.64435 0.31056 -0.11675 -0.00358 0.03732  3   DT  A "O4'" 
50  C  "C3'" . DT  A 3 ? 0.66771 0.70560 0.31715 -0.13639 0.01126  0.07298  3   DT  A "C3'" 
51  O  "O3'" . DT  A 3 ? 0.70031 0.76400 0.34555 -0.15174 0.03560  0.05984  3   DT  A "O3'" 
52  C  "C2'" . DT  A 3 ? 0.62214 0.63068 0.31384 -0.13279 0.00977  0.07610  3   DT  A "C2'" 
53  C  "C1'" . DT  A 3 ? 0.59601 0.62315 0.32738 -0.12492 0.00951  0.04603  3   DT  A "C1'" 
54  N  N1    . DT  A 3 ? 0.52553 0.53272 0.29320 -0.11470 0.00102  0.04541  3   DT  A N1    
55  C  C2    . DT  A 3 ? 0.46094 0.47594 0.26967 -0.11687 0.01183  0.02841  3   DT  A C2    
56  O  O2    . DT  A 3 ? 0.47346 0.50896 0.29330 -0.12565 0.02823  0.01327  3   DT  A O2    
57  N  N3    . DT  A 3 ? 0.45331 0.45291 0.28816 -0.10738 0.00329  0.02971  3   DT  A N3    
58  C  C4    . DT  A 3 ? 0.45742 0.43519 0.28505 -0.09465 -0.01369 0.04199  3   DT  A C4    
59  O  O4    . DT  A 3 ? 0.49193 0.46022 0.34312 -0.08599 -0.01903 0.03959  3   DT  A O4    
60  C  C5    . DT  A 3 ? 0.47865 0.44641 0.26759 -0.09110 -0.02441 0.05847  3   DT  A C5    
61  C  C7    . DT  A 3 ? 0.56732 0.50960 0.34828 -0.07433 -0.04281 0.07217  3   DT  A C7    
62  C  C6    . DT  A 3 ? 0.50739 0.49008 0.26789 -0.10141 -0.01745 0.06106  3   DT  A C6    
63  P  P     . DG  A 4 ? 0.75082 0.81181 0.37203 -0.16982 0.05474  0.08302  4   DG  A P     
64  O  OP1   . DG  A 4 ? 0.74512 0.84664 0.34592 -0.17915 0.07471  0.06419  4   DG  A OP1   
65  O  OP2   . DG  A 4 ? 0.78210 0.81386 0.36651 -0.16899 0.04063  0.12034  4   DG  A OP2   
66  O  "O5'" . DG  A 4 ? 0.69359 0.73968 0.36667 -0.17585 0.06579  0.08037  4   DG  A "O5'" 
67  C  "C5'" . DG  A 4 ? 0.65309 0.71990 0.36890 -0.17407 0.07730  0.05029  4   DG  A "C5'" 
68  C  "C4'" . DG  A 4 ? 0.55816 0.60688 0.31906 -0.17606 0.07857  0.05404  4   DG  A "C4'" 
69  O  "O4'" . DG  A 4 ? 0.56080 0.57881 0.33056 -0.16242 0.05538  0.06083  4   DG  A "O4'" 
70  C  "C3'" . DG  A 4 ? 0.60851 0.64636 0.36603 -0.19409 0.08949  0.07857  4   DG  A "C3'" 
71  O  "O3'" . DG  A 4 ? 0.60144 0.64860 0.40704 -0.19858 0.09943  0.06773  4   DG  A "O3'" 
72  C  "C2'" . DG  A 4 ? 0.60728 0.60021 0.35239 -0.18848 0.06685  0.10189  4   DG  A "C2'" 
73  C  "C1'" . DG  A 4 ? 0.60136 0.58907 0.37545 -0.16965 0.05157  0.08265  4   DG  A "C1'" 
74  N  N9    . DG  A 4 ? 0.55909 0.51259 0.31951 -0.15589 0.02841  0.09564  4   DG  A N9    
75  C  C8    . DG  A 4 ? 0.62928 0.55931 0.35001 -0.15444 0.01787  0.12013  4   DG  A C8    
76  N  N7    . DG  A 4 ? 0.65741 0.55839 0.37901 -0.13837 -0.00201 0.12593  4   DG  A N7    
77  C  C5    . DG  A 4 ? 0.57176 0.47896 0.33286 -0.13060 -0.00369 0.10466  4   DG  A C5    
78  C  C6    . DG  A 4 ? 0.58931 0.47782 0.36782 -0.11306 -0.01955 0.09913  4   DG  A C6    
79  O  O6    . DG  A 4 ? 0.65740 0.51806 0.42158 -0.09950 -0.03544 0.11062  4   DG  A O6    
80  N  N1    . DG  A 4 ? 0.53292 0.43864 0.34818 -0.11102 -0.01481 0.07915  4   DG  A N1    
81  C  C2    . DG  A 4 ? 0.46398 0.39847 0.30109 -0.12285 0.00213  0.06614  4   DG  A C2    
82  N  N2    . DG  A 4 ? 0.43022 0.37685 0.30228 -0.11744 0.00329  0.05101  4   DG  A N2    
83  N  N3    . DG  A 4 ? 0.48337 0.43432 0.30767 -0.13791 0.01747  0.06907  4   DG  A N3    
84  C  C4    . DG  A 4 ? 0.52714 0.46511 0.31259 -0.14140 0.01410  0.08765  4   DG  A C4    
85  P  P     . DG  A 5 ? 0.62031 0.68550 0.44226 -0.22035 0.12220  0.07747  5   DG  A P     
86  O  OP1   . DG  A 5 ? 0.71918 0.82821 0.53682 -0.22212 0.14537  0.05823  5   DG  A OP1   
87  O  OP2   . DG  A 5 ? 0.63728 0.67767 0.43379 -0.23782 0.12161  0.11046  5   DG  A OP2   
88  O  "O5'" . DG  A 5 ? 0.54400 0.61164 0.42449 -0.21614 0.11911  0.06394  5   DG  A "O5'" 
89  C  "C5'" . DG  A 5 ? 0.56557 0.63955 0.47027 -0.19751 0.11180  0.04085  5   DG  A "C5'" 
90  C  "C4'" . DG  A 5 ? 0.50553 0.55791 0.44113 -0.19137 0.09453  0.04308  5   DG  A "C4'" 
91  O  "O4'" . DG  A 5 ? 0.49553 0.51457 0.40719 -0.17974 0.07287  0.04995  5   DG  A "O4'" 
92  C  "C3'" . DG  A 5 ? 0.57810 0.62034 0.52485 -0.20886 0.09511  0.06013  5   DG  A "C3'" 
93  O  "O3'" . DG  A 5 ? 0.63485 0.71256 0.61973 -0.21600 0.11178  0.05101  5   DG  A "O3'" 
94  C  "C2'" . DG  A 5 ? 0.54751 0.55879 0.50550 -0.19938 0.07190  0.06152  5   DG  A "C2'" 
95  C  "C1'" . DG  A 5 ? 0.49909 0.49099 0.42275 -0.18249 0.05930  0.06065  5   DG  A "C1'" 
96  N  N9    . DG  A 5 ? 0.48996 0.44780 0.37389 -0.18549 0.04943  0.08048  5   DG  A N9    
97  C  C8    . DG  A 5 ? 0.53250 0.48848 0.38220 -0.19734 0.05832  0.09699  5   DG  A C8    
98  N  N7    . DG  A 5 ? 0.56497 0.48427 0.38305 -0.19324 0.04364  0.11492  5   DG  A N7    
99  C  C5    . DG  A 5 ? 0.53878 0.43763 0.37270 -0.17633 0.02517  0.10554  5   DG  A C5    
100 C  C6    . DG  A 5 ? 0.55489 0.41530 0.37231 -0.16206 0.00513  0.11363  5   DG  A C6    
101 O  O6    . DG  A 5 ? 0.62507 0.45791 0.41093 -0.16020 -0.00249 0.13274  5   DG  A O6    
102 N  N1    . DG  A 5 ? 0.52573 0.38379 0.36724 -0.14672 -0.00600 0.09715  5   DG  A N1    
103 C  C2    . DG  A 5 ? 0.47661 0.36238 0.35176 -0.14615 -0.00020 0.07943  5   DG  A C2    
104 N  N2    . DG  A 5 ? 0.47871 0.35805 0.36924 -0.13194 -0.01203 0.06898  5   DG  A N2    
105 N  N3    . DG  A 5 ? 0.46629 0.38561 0.35960 -0.15762 0.01678  0.07271  5   DG  A N3    
106 C  C4    . DG  A 5 ? 0.49312 0.41729 0.36458 -0.17210 0.02912  0.08506  5   DG  A C4    
107 P  P     . DA  B 1 ? 0.46785 0.42033 0.46127 -0.12620 -0.00551 0.03349  1   DA  B P     
108 O  OP1   . DA  B 1 ? 0.45148 0.41603 0.46406 -0.11247 -0.01319 0.02602  1   DA  B OP1   
109 O  OP2   . DA  B 1 ? 0.49279 0.42374 0.45110 -0.12041 -0.00906 0.03976  1   DA  B OP2   
110 O  "O5'" . DA  B 1 ? 0.47942 0.46230 0.49151 -0.13771 0.01379  0.03132  1   DA  B "O5'" 
111 C  "C5'" . DA  B 1 ? 0.43865 0.44533 0.48644 -0.14704 0.02005  0.02860  1   DA  B "C5'" 
112 C  "C4'" . DA  B 1 ? 0.43738 0.47682 0.50789 -0.14550 0.03783  0.02028  1   DA  B "C4'" 
113 O  "O4'" . DA  B 1 ? 0.44286 0.48167 0.48714 -0.15196 0.05014  0.02122  1   DA  B "O4'" 
114 C  "C3'" . DA  B 1 ? 0.50285 0.55199 0.58821 -0.12735 0.03668  0.01109  1   DA  B "C3'" 
115 O  "O3'" . DA  B 1 ? 0.49002 0.56885 0.61338 -0.12644 0.05035  0.00330  1   DA  B "O3'" 
116 C  "C2'" . DA  B 1 ? 0.43344 0.47230 0.48737 -0.12358 0.03972  0.00796  1   DA  B "C2'" 
117 C  "C1'" . DA  B 1 ? 0.48724 0.53191 0.52579 -0.13911 0.05328  0.01064  1   DA  B "C1'" 
118 N  N9    . DA  B 1 ? 0.45537 0.48459 0.45105 -0.14035 0.05108  0.01530  1   DA  B N9    
119 C  C8    . DA  B 1 ? 0.43116 0.43283 0.39872 -0.13482 0.03507  0.02498  1   DA  B C8    
120 N  N7    . DA  B 1 ? 0.41623 0.41269 0.34933 -0.13558 0.03515  0.02910  1   DA  B N7    
121 C  C5    . DA  B 1 ? 0.41694 0.43960 0.35232 -0.14288 0.05280  0.01951  1   DA  B C5    
122 C  C6    . DA  B 1 ? 0.46948 0.50426 0.37358 -0.14663 0.06068  0.01610  1   DA  B C6    
123 N  N6    . DA  B 1 ? 0.45053 0.47199 0.31461 -0.14384 0.04958  0.02664  1   DA  B N6    
124 N  N1    . DA  B 1 ? 0.46730 0.52986 0.38163 -0.15271 0.07998  0.00183  1   DA  B N1    
125 C  C2    . DA  B 1 ? 0.48063 0.55775 0.43865 -0.15267 0.09007  -0.00767 1   DA  B C2    
126 N  N3    . DA  B 1 ? 0.49765 0.56749 0.48881 -0.14900 0.08252  -0.00328 1   DA  B N3    
127 C  C4    . DA  B 1 ? 0.47730 0.51968 0.45307 -0.14453 0.06354  0.00950  1   DA  B C4    
128 P  P     . DA  B 2 ? 0.51467 0.60401 0.66712 -0.10952 0.05124  -0.00413 2   DA  B P     
129 O  OP1   . DA  B 2 ? 0.59162 0.70943 0.78645 -0.10995 0.06272  -0.00846 2   DA  B OP1   
130 O  OP2   . DA  B 2 ? 0.56483 0.64076 0.71234 -0.09835 0.03458  0.00234  2   DA  B OP2   
131 O  "O5'" . DA  B 2 ? 0.52252 0.60707 0.65725 -0.10693 0.06116  -0.01545 2   DA  B "O5'" 
132 C  "C5'" . DA  B 2 ? 0.48922 0.58990 0.62844 -0.11272 0.07967  -0.02728 2   DA  B "C5'" 
133 C  "C4'" . DA  B 2 ? 0.47761 0.57073 0.58859 -0.11202 0.08310  -0.03839 2   DA  B "C4'" 
134 O  "O4'" . DA  B 2 ? 0.43838 0.51355 0.50726 -0.11649 0.07107  -0.02748 2   DA  B "O4'" 
135 C  "C3'" . DA  B 2 ? 0.51318 0.59994 0.64072 -0.10035 0.07932  -0.04784 2   DA  B "C3'" 
136 O  "O3'" . DA  B 2 ? 0.54883 0.64440 0.67955 -0.10132 0.09341  -0.06795 2   DA  B "O3'" 
137 C  "C2'" . DA  B 2 ? 0.45803 0.52778 0.55253 -0.09905 0.06363  -0.04057 2   DA  B "C2'" 
138 C  "C1'" . DA  B 2 ? 0.45379 0.52062 0.50895 -0.10945 0.06360  -0.03369 2   DA  B "C1'" 
139 N  N9    . DA  B 2 ? 0.39647 0.44493 0.42341 -0.10741 0.04715  -0.01955 2   DA  B N9    
140 C  C8    . DA  B 2 ? 0.31974 0.35637 0.35330 -0.10028 0.03425  -0.00923 2   DA  B C8    
141 N  N7    . DA  B 2 ? 0.36818 0.38840 0.37211 -0.09781 0.02219  -0.00040 2   DA  B N7    
142 C  C5    . DA  B 2 ? 0.37812 0.40004 0.35468 -0.10363 0.02597  -0.00233 2   DA  B C5    
143 C  C6    . DA  B 2 ? 0.37269 0.38266 0.31241 -0.10230 0.01641  0.00602  2   DA  B C6    
144 N  N6    . DA  B 2 ? 0.39354 0.38362 0.32073 -0.09359 0.00176  0.01694  2   DA  B N6    
145 N  N1    . DA  B 2 ? 0.39655 0.41606 0.31232 -0.10920 0.02252  0.00296  2   DA  B N1    
146 C  C2    . DA  B 2 ? 0.40604 0.44555 0.33300 -0.11666 0.03849  -0.01117 2   DA  B C2    
147 N  N3    . DA  B 2 ? 0.39733 0.44740 0.36164 -0.11705 0.04940  -0.02166 2   DA  B N3    
148 C  C4    . DA  B 2 ? 0.39975 0.44010 0.38741 -0.11043 0.04158  -0.01482 2   DA  B C4    
149 P  P     . DT  B 3 ? 0.57416 0.66329 0.73113 -0.09273 0.09488  -0.08352 3   DT  B P     
150 O  OP1   . DT  B 3 ? 0.57129 0.67486 0.75921 -0.08985 0.11343  -0.09921 3   DT  B OP1   
151 O  OP2   . DT  B 3 ? 0.54551 0.62109 0.71805 -0.08497 0.08071  -0.07022 3   DT  B OP2   
152 O  "O5'" . DT  B 3 ? 0.46412 0.55123 0.58375 -0.09948 0.09341  -0.09794 3   DT  B "O5'" 
153 C  "C5'" . DT  B 3 ? 0.46598 0.56719 0.55747 -0.10775 0.10551  -0.11014 3   DT  B "C5'" 
154 C  "C4'" . DT  B 3 ? 0.49873 0.59895 0.54673 -0.11352 0.09626  -0.11554 3   DT  B "C4'" 
155 O  "O4'" . DT  B 3 ? 0.48975 0.58005 0.51165 -0.11390 0.07955  -0.09123 3   DT  B "O4'" 
156 C  "C3'" . DT  B 3 ? 0.46275 0.55698 0.52306 -0.11128 0.08942  -0.13323 3   DT  B "C3'" 
157 O  "O3'" . DT  B 3 ? 0.50533 0.61177 0.53191 -0.11855 0.09172  -0.15395 3   DT  B "O3'" 
158 C  "C2'" . DT  B 3 ? 0.43192 0.51563 0.48699 -0.10789 0.06961  -0.11249 3   DT  B "C2'" 
159 C  "C1'" . DT  B 3 ? 0.42445 0.51017 0.43784 -0.11126 0.06476  -0.09456 3   DT  B "C1'" 
160 N  N1    . DT  B 3 ? 0.40135 0.47487 0.40674 -0.10570 0.04870  -0.07072 3   DT  B N1    
161 C  C2    . DT  B 3 ? 0.38468 0.45625 0.34993 -0.10663 0.03753  -0.05946 3   DT  B C2    
162 O  O2    . DT  B 3 ? 0.45019 0.53168 0.38395 -0.11248 0.03884  -0.06595 3   DT  B O2    
163 N  N3    . DT  B 3 ? 0.36332 0.42144 0.32556 -0.09920 0.02448  -0.04079 3   DT  B N3    
164 C  C4    . DT  B 3 ? 0.33535 0.38453 0.32406 -0.09277 0.02226  -0.03253 3   DT  B C4    
165 O  O4    . DT  B 3 ? 0.39070 0.42918 0.37188 -0.08559 0.01099  -0.01950 3   DT  B O4    
166 C  C5    . DT  B 3 ? 0.34987 0.40447 0.37725 -0.09305 0.03342  -0.04184 3   DT  B C5    
167 C  C7    . DT  B 3 ? 0.34132 0.39055 0.39658 -0.08550 0.03016  -0.03174 3   DT  B C7    
168 C  C6    . DT  B 3 ? 0.37177 0.43644 0.40715 -0.09882 0.04588  -0.05963 3   DT  B C6    
169 P  P     . DG  B 4 ? 0.54242 0.64776 0.57900 -0.12114 0.08677  -0.18182 4   DG  B P     
170 O  OP1   . DG  B 4 ? 0.55097 0.67322 0.55645 -0.12774 0.09669  -0.20800 4   DG  B OP1   
171 O  OP2   . DG  B 4 ? 0.58887 0.67728 0.67971 -0.11531 0.08925  -0.18582 4   DG  B OP2   
172 O  "O5'" . DG  B 4 ? 0.49953 0.60533 0.51665 -0.12261 0.06365  -0.16763 4   DG  B "O5'" 
173 C  "C5'" . DG  B 4 ? 0.47966 0.59715 0.44732 -0.12531 0.05378  -0.15610 4   DG  B "C5'" 
174 C  "C4'" . DG  B 4 ? 0.42429 0.53953 0.39013 -0.12078 0.03321  -0.13718 4   DG  B "C4'" 
175 O  "O4'" . DG  B 4 ? 0.41787 0.51738 0.40555 -0.11266 0.03218  -0.11321 4   DG  B "O4'" 
176 C  "C3'" . DG  B 4 ? 0.47681 0.59737 0.46915 -0.12369 0.02381  -0.15362 4   DG  B "C3'" 
177 O  "O3'" . DG  B 4 ? 0.42219 0.55661 0.39112 -0.12231 0.00524  -0.14429 4   DG  B "O3'" 
178 C  "C2'" . DG  B 4 ? 0.38346 0.48777 0.42059 -0.11736 0.02633  -0.13969 4   DG  B "C2'" 
179 C  "C1'" . DG  B 4 ? 0.33774 0.43594 0.35420 -0.10908 0.02235  -0.11103 4   DG  B "C1'" 
180 N  N9    . DG  B 4 ? 0.30989 0.39446 0.35715 -0.10198 0.02594  -0.09522 4   DG  B N9    
181 C  C8    . DG  B 4 ? 0.35004 0.42596 0.43706 -0.10135 0.03685  -0.10072 4   DG  B C8    
182 N  N7    . DG  B 4 ? 0.35769 0.42570 0.46162 -0.09373 0.03572  -0.08126 4   DG  B N7    
183 C  C5    . DG  B 4 ? 0.34040 0.41008 0.41473 -0.08929 0.02409  -0.06511 4   DG  B C5    
184 C  C6    . DG  B 4 ? 0.32132 0.38530 0.39531 -0.08045 0.01733  -0.04513 4   DG  B C6    
185 O  O6    . DG  B 4 ? 0.35235 0.41182 0.44941 -0.07530 0.01975  -0.03538 4   DG  B O6    
186 N  N1    . DG  B 4 ? 0.33597 0.39905 0.37593 -0.07655 0.00621  -0.03616 4   DG  B N1    
187 C  C2    . DG  B 4 ? 0.31841 0.38783 0.32954 -0.08043 0.00110  -0.04224 4   DG  B C2    
188 N  N2    . DG  B 4 ? 0.33450 0.39877 0.31701 -0.07352 -0.01048 -0.02920 4   DG  B N2    
189 N  N3    . DG  B 4 ? 0.32044 0.39977 0.32897 -0.08935 0.00615  -0.05977 4   DG  B N3    
190 C  C4    . DG  B 4 ? 0.32916 0.40719 0.37009 -0.09365 0.01830  -0.07219 4   DG  B C4    
191 P  P     . DG  B 5 ? 0.51991 0.67590 0.49155 -0.13049 -0.00829 -0.16674 5   DG  B P     
192 O  OP1   . DG  B 5 ? 0.54298 0.71505 0.46842 -0.13667 -0.00855 -0.18277 5   DG  B OP1   
193 O  OP2   . DG  B 5 ? 0.56503 0.71284 0.58720 -0.13665 -0.00273 -0.18375 5   DG  B OP2   
194 O  "O5'" . DG  B 5 ? 0.48796 0.65618 0.45333 -0.12203 -0.02807 -0.14364 5   DG  B "O5'" 
195 C  "C5'" . DG  B 5 ? 0.47225 0.64852 0.39313 -0.11550 -0.03896 -0.12733 5   DG  B "C5'" 
196 C  "C4'" . DG  B 5 ? 0.42224 0.59442 0.35196 -0.10163 -0.04949 -0.10068 5   DG  B "C4'" 
197 O  "O4'" . DG  B 5 ? 0.39673 0.54311 0.34222 -0.09594 -0.03739 -0.08626 5   DG  B "O4'" 
198 C  "C3'" . DG  B 5 ? 0.41405 0.60420 0.38247 -0.10169 -0.05850 -0.10603 5   DG  B "C3'" 
199 O  "O3'" . DG  B 5 ? 0.45182 0.66881 0.39961 -0.10169 -0.07579 -0.11009 5   DG  B "O3'" 
200 C  "C2'" . DG  B 5 ? 0.39147 0.56997 0.37279 -0.08651 -0.05950 -0.08079 5   DG  B "C2'" 
201 C  "C1'" . DG  B 5 ? 0.36659 0.51395 0.33817 -0.08605 -0.04378 -0.07327 5   DG  B "C1'" 
202 N  N9    . DG  B 5 ? 0.32754 0.46140 0.33556 -0.08871 -0.02994 -0.07536 5   DG  B N9    
203 C  C8    . DG  B 5 ? 0.35711 0.48664 0.38797 -0.09970 -0.01772 -0.09348 5   DG  B C8    
204 N  N7    . DG  B 5 ? 0.29984 0.41557 0.36110 -0.09739 -0.00806 -0.08670 5   DG  B N7    
205 C  C5    . DG  B 5 ? 0.34205 0.45336 0.39518 -0.08521 -0.01341 -0.06469 5   DG  B C5    
206 C  C6    . DG  B 5 ? 0.28755 0.38791 0.35844 -0.07773 -0.00859 -0.04974 5   DG  B C6    
207 O  O6    . DG  B 5 ? 0.34909 0.44087 0.44724 -0.07975 0.00138  -0.04921 5   DG  B O6    
208 N  N1    . DG  B 5 ? 0.32149 0.41997 0.37282 -0.06540 -0.01729 -0.03383 5   DG  B N1    
209 C  C2    . DG  B 5 ? 0.31673 0.42167 0.34005 -0.05963 -0.02948 -0.03082 5   DG  B C2    
210 N  N2    . DG  B 5 ? 0.36644 0.46422 0.37707 -0.04567 -0.03641 -0.01676 5   DG  B N2    
211 N  N3    . DG  B 5 ? 0.31874 0.43505 0.32618 -0.06584 -0.03501 -0.04082 5   DG  B N3    
212 C  C4    . DG  B 5 ? 0.32459 0.44475 0.34648 -0.07932 -0.02639 -0.05850 5   DG  B C4    
213 P  P     . DA  C 1 ? 0.72051 0.65706 0.59749 0.05104  -0.08856 -0.04500 1   DA  C P     
214 O  OP1   . DA  C 1 ? 0.69595 0.60068 0.55143 0.05497  -0.10079 -0.06579 1   DA  C OP1   
215 O  OP2   . DA  C 1 ? 0.62571 0.60391 0.50886 0.06459  -0.07720 -0.03716 1   DA  C OP2   
216 O  "O5'" . DA  C 1 ? 0.56135 0.47451 0.44859 0.04140  -0.08673 -0.03423 1   DA  C "O5'" 
217 C  "C5'" . DA  C 1 ? 0.65828 0.52488 0.53540 0.03502  -0.09563 -0.03940 1   DA  C "C5'" 
218 C  "C4'" . DA  C 1 ? 0.59343 0.45172 0.48308 0.00867  -0.09640 -0.03185 1   DA  C "C4'" 
219 O  "O4'" . DA  C 1 ? 0.51957 0.39847 0.42592 -0.00037 -0.08590 -0.01609 1   DA  C "O4'" 
220 C  "C3'" . DA  C 1 ? 0.60588 0.48233 0.50322 -0.00266 -0.10048 -0.03748 1   DA  C "C3'" 
221 O  "O3'" . DA  C 1 ? 0.59875 0.44906 0.50164 -0.02407 -0.10647 -0.03818 1   DA  C "O3'" 
222 C  "C2'" . DA  C 1 ? 0.51027 0.42920 0.42947 -0.00637 -0.08940 -0.02327 1   DA  C "C2'" 
223 C  "C1'" . DA  C 1 ? 0.49393 0.40350 0.41998 -0.01215 -0.08125 -0.01200 1   DA  C "C1'" 
224 N  N9    . DA  C 1 ? 0.46347 0.40368 0.40358 -0.00728 -0.07017 -0.00251 1   DA  C N9    
225 C  C8    . DA  C 1 ? 0.45265 0.41885 0.39424 0.00768  -0.06621 -0.00178 1   DA  C C8    
226 N  N7    . DA  C 1 ? 0.38442 0.37087 0.34265 0.00602  -0.05669 0.00692  1   DA  C N7    
227 C  C5    . DA  C 1 ? 0.35931 0.33372 0.32467 -0.00927 -0.05403 0.01023  1   DA  C C5    
228 C  C6    . DA  C 1 ? 0.37975 0.36468 0.36012 -0.01794 -0.04506 0.01527  1   DA  C C6    
229 N  N6    . DA  C 1 ? 0.35396 0.36257 0.34935 -0.01344 -0.03806 0.01817  1   DA  C N6    
230 N  N1    . DA  C 1 ? 0.41089 0.38254 0.39068 -0.03214 -0.04277 0.01626  1   DA  C N1    
231 C  C2    . DA  C 1 ? 0.43413 0.38249 0.40264 -0.03926 -0.04915 0.01493  1   DA  C C2    
232 N  N3    . DA  C 1 ? 0.44724 0.38053 0.40434 -0.03406 -0.05919 0.00964  1   DA  C N3    
233 C  C4    . DA  C 1 ? 0.39122 0.33846 0.34536 -0.01775 -0.06142 0.00617  1   DA  C C4    
234 P  P     . DA  C 2 ? 0.59772 0.46238 0.51201 -0.03999 -0.11500 -0.04561 2   DA  C P     
235 O  OP1   . DA  C 2 ? 0.64692 0.46835 0.55757 -0.05622 -0.12437 -0.05321 2   DA  C OP1   
236 O  OP2   . DA  C 2 ? 0.58293 0.47536 0.48816 -0.02696 -0.12072 -0.05593 2   DA  C OP2   
237 O  "O5'" . DA  C 2 ? 0.56312 0.45782 0.50683 -0.05540 -0.10474 -0.02916 2   DA  C "O5'" 
238 C  "C5'" . DA  C 2 ? 0.56413 0.44414 0.51537 -0.06766 -0.09567 -0.01765 2   DA  C "C5'" 
239 C  "C4'" . DA  C 2 ? 0.48593 0.40257 0.46311 -0.07357 -0.08322 -0.00616 2   DA  C "C4'" 
240 O  "O4'" . DA  C 2 ? 0.45773 0.39422 0.43300 -0.05578 -0.07617 -0.00208 2   DA  C "O4'" 
241 C  "C3'" . DA  C 2 ? 0.54774 0.49573 0.54941 -0.08170 -0.08731 -0.00761 2   DA  C "C3'" 
242 O  "O3'" . DA  C 2 ? 0.57782 0.53072 0.60233 -0.10233 -0.08167 -0.00254 2   DA  C "O3'" 
243 C  "C2'" . DA  C 2 ? 0.48018 0.46271 0.49433 -0.06758 -0.07970 -0.00015 2   DA  C "C2'" 
244 C  "C1'" . DA  C 2 ? 0.45902 0.43007 0.46007 -0.05761 -0.06969 0.00413  2   DA  C "C1'" 
245 N  N9    . DA  C 2 ? 0.38607 0.37470 0.38279 -0.03990 -0.06775 0.00640  2   DA  C N9    
246 C  C8    . DA  C 2 ? 0.42315 0.41719 0.40401 -0.02774 -0.07619 0.00088  2   DA  C C8    
247 N  N7    . DA  C 2 ? 0.40974 0.42243 0.38959 -0.01408 -0.07004 0.00668  2   DA  C N7    
248 C  C5    . DA  C 2 ? 0.34938 0.36563 0.34659 -0.01832 -0.05857 0.01469  2   DA  C C5    
249 C  C6    . DA  C 2 ? 0.32860 0.36215 0.33742 -0.01180 -0.04860 0.02278  2   DA  C C6    
250 N  N6    . DA  C 2 ? 0.39992 0.45160 0.40374 0.00072  -0.04725 0.02709  2   DA  C N6    
251 N  N1    . DA  C 2 ? 0.36267 0.39476 0.38746 -0.01973 -0.03977 0.02530  2   DA  C N1    
252 C  C2    . DA  C 2 ? 0.36812 0.38647 0.39559 -0.03232 -0.03892 0.02190  2   DA  C C2    
253 N  N3    . DA  C 2 ? 0.37000 0.37382 0.38933 -0.04035 -0.04613 0.01764  2   DA  C N3    
254 C  C4    . DA  C 2 ? 0.39413 0.39685 0.40024 -0.03322 -0.05665 0.01382  2   DA  C C4    
255 P  P     . DT  C 3 ? 0.56902 0.55951 0.62882 -0.11309 -0.08465 -0.00207 3   DT  C P     
256 O  OP1   . DT  C 3 ? 0.56713 0.54807 0.64044 -0.13751 -0.08358 -0.00191 3   DT  C OP1   
257 O  OP2   . DT  C 3 ? 0.61337 0.61773 0.66677 -0.10269 -0.10028 -0.00969 3   DT  C OP2   
258 O  "O5'" . DT  C 3 ? 0.50092 0.52331 0.58554 -0.10558 -0.06905 0.00805  3   DT  C "O5'" 
259 C  "C5'" . DT  C 3 ? 0.50524 0.51910 0.58753 -0.10765 -0.05288 0.01306  3   DT  C "C5'" 
260 C  "C4'" . DT  C 3 ? 0.52296 0.55981 0.62233 -0.09512 -0.04151 0.01763  3   DT  C "C4'" 
261 O  "O4'" . DT  C 3 ? 0.50685 0.53901 0.58859 -0.07790 -0.04596 0.01843  3   DT  C "O4'" 
262 C  "C3'" . DT  C 3 ? 0.50282 0.57505 0.64136 -0.09389 -0.04018 0.02080  3   DT  C "C3'" 
263 O  "O3'" . DT  C 3 ? 0.48237 0.56624 0.64273 -0.09719 -0.02269 0.02142  3   DT  C "O3'" 
264 C  "C2'" . DT  C 3 ? 0.48084 0.56251 0.61728 -0.07526 -0.04624 0.02583  3   DT  C "C2'" 
265 C  "C1'" . DT  C 3 ? 0.45774 0.51555 0.56410 -0.06823 -0.04176 0.02444  3   DT  C "C1'" 
266 N  N1    . DT  C 3 ? 0.44983 0.50893 0.53950 -0.05313 -0.04871 0.02759  3   DT  C N1    
267 C  C2    . DT  C 3 ? 0.35508 0.41506 0.44531 -0.04428 -0.03971 0.03213  3   DT  C C2    
268 O  O2    . DT  C 3 ? 0.42890 0.48709 0.53177 -0.04825 -0.02825 0.03132  3   DT  C O2    
269 N  N3    . DT  C 3 ? 0.37482 0.44003 0.45046 -0.03173 -0.04412 0.03646  3   DT  C N3    
270 C  C4    . DT  C 3 ? 0.38986 0.45987 0.44692 -0.02567 -0.05615 0.03505  3   DT  C C4    
271 O  O4    . DT  C 3 ? 0.44460 0.52335 0.48773 -0.01405 -0.05701 0.03918  3   DT  C O4    
272 C  C5    . DT  C 3 ? 0.42674 0.49272 0.48168 -0.03531 -0.06741 0.02696  3   DT  C C5    
273 C  C7    . DT  C 3 ? 0.46633 0.53666 0.49959 -0.03075 -0.08266 0.02030  3   DT  C C7    
274 C  C6    . DT  C 3 ? 0.41064 0.47122 0.48370 -0.04937 -0.06327 0.02452  3   DT  C C6    
275 P  P     . DG  C 4 ? 0.55042 0.67040 0.75859 -0.09739 -0.01627 0.02312  4   DG  C P     
276 O  OP1   . DG  C 4 ? 0.56846 0.69301 0.78672 -0.10693 0.00284  0.01854  4   DG  C OP1   
277 O  OP2   . DG  C 4 ? 0.49058 0.63051 0.71563 -0.10085 -0.03199 0.02508  4   DG  C OP2   
278 O  "O5'" . DG  C 4 ? 0.43368 0.56073 0.65585 -0.07832 -0.01326 0.02811  4   DG  C "O5'" 
279 C  "C5'" . DG  C 4 ? 0.46368 0.57201 0.66921 -0.07322 -0.00304 0.02543  4   DG  C "C5'" 
280 C  "C4'" . DG  C 4 ? 0.48724 0.59771 0.70394 -0.05770 -0.00374 0.03272  4   DG  C "C4'" 
281 O  "O4'" . DG  C 4 ? 0.49540 0.60321 0.69090 -0.05093 -0.01866 0.04056  4   DG  C "O4'" 
282 C  "C3'" . DG  C 4 ? 0.46961 0.60155 0.73087 -0.04882 -0.00014 0.03859  4   DG  C "C3'" 
283 O  "O3'" . DG  C 4 ? 0.47328 0.59524 0.74441 -0.03941 0.00785  0.04129  4   DG  C "O3'" 
284 C  "C2'" . DG  C 4 ? 0.41221 0.55957 0.67408 -0.04319 -0.01816 0.05027  4   DG  C "C2'" 
285 C  "C1'" . DG  C 4 ? 0.46843 0.59741 0.68850 -0.04132 -0.02581 0.05204  4   DG  C "C1'" 
286 N  N9    . DG  C 4 ? 0.39423 0.53016 0.59420 -0.04167 -0.04329 0.05393  4   DG  C N9    
287 C  C8    . DG  C 4 ? 0.43877 0.58879 0.64577 -0.05041 -0.05416 0.04955  4   DG  C C8    
288 N  N7    . DG  C 4 ? 0.43852 0.59032 0.62068 -0.04879 -0.07037 0.04881  4   DG  C N7    
289 C  C5    . DG  C 4 ? 0.43146 0.57191 0.58871 -0.03730 -0.06823 0.05404  4   DG  C C5    
290 C  C6    . DG  C 4 ? 0.45908 0.59879 0.58221 -0.02941 -0.07893 0.05418  4   DG  C C6    
291 O  O6    . DG  C 4 ? 0.47321 0.61942 0.57813 -0.03085 -0.09440 0.04735  4   DG  C O6    
292 N  N1    . DG  C 4 ? 0.41193 0.54466 0.52291 -0.01928 -0.06944 0.06167  4   DG  C N1    
293 C  C2    . DG  C 4 ? 0.41729 0.54199 0.54697 -0.01872 -0.05397 0.06680  4   DG  C C2    
294 N  N2    . DG  C 4 ? 0.44827 0.57028 0.56682 -0.01097 -0.04748 0.07376  4   DG  C N2    
295 N  N3    . DG  C 4 ? 0.38901 0.51093 0.54703 -0.02586 -0.04516 0.06372  4   DG  C N3    
296 C  C4    . DG  C 4 ? 0.42975 0.56109 0.59983 -0.03385 -0.05204 0.05823  4   DG  C C4    
297 P  P     . DG  C 5 ? 0.51300 0.64489 0.83248 -0.02760 0.01558  0.04623  5   DG  C P     
298 O  OP1   . DG  C 5 ? 0.52823 0.64481 0.85294 -0.03057 0.03224  0.03094  5   DG  C OP1   
299 O  OP2   . DG  C 5 ? 0.44155 0.60067 0.78946 -0.02563 0.01052  0.04963  5   DG  C OP2   
300 O  "O5'" . DG  C 5 ? 0.47116 0.59595 0.78923 -0.01630 0.00816  0.06492  5   DG  C "O5'" 
301 C  "C5'" . DG  C 5 ? 0.43568 0.54366 0.72404 -0.01967 0.00873  0.06440  5   DG  C "C5'" 
302 C  "C4'" . DG  C 5 ? 0.40227 0.51511 0.67745 -0.01172 -0.00196 0.08429  5   DG  C "C4'" 
303 O  "O4'" . DG  C 5 ? 0.39441 0.51895 0.64098 -0.01338 -0.01574 0.08464  5   DG  C "O4'" 
304 C  "C3'" . DG  C 5 ? 0.42333 0.54589 0.73106 0.00034  -0.00462 0.10402  5   DG  C "C3'" 
305 O  "O3'" . DG  C 5 ? 0.46077 0.56586 0.78674 0.00216  0.00605  0.10846  5   DG  C "O3'" 
306 C  "C2'" . DG  C 5 ? 0.42643 0.56367 0.70689 0.00581  -0.01890 0.12113  5   DG  C "C2'" 
307 C  "C1'" . DG  C 5 ? 0.39575 0.53567 0.64128 -0.00324 -0.02639 0.10398  5   DG  C "C1'" 
308 N  N9    . DG  C 5 ? 0.37128 0.53106 0.62200 -0.00400 -0.03886 0.10222  5   DG  C N9    
309 C  C8    . DG  C 5 ? 0.37578 0.54520 0.65718 -0.00784 -0.03655 0.09449  5   DG  C C8    
310 N  N7    . DG  C 5 ? 0.37682 0.56734 0.65753 -0.01053 -0.05081 0.09356  5   DG  C N7    
311 C  C5    . DG  C 5 ? 0.37421 0.56492 0.61634 -0.00810 -0.06319 0.09821  5   DG  C C5    
312 C  C6    . DG  C 5 ? 0.39711 0.60557 0.61987 -0.00995 -0.08217 0.09616  5   DG  C C6    
313 O  O6    . DG  C 5 ? 0.47041 0.69842 0.70917 -0.01642 -0.09285 0.09043  5   DG  C O6    
314 N  N1    . DG  C 5 ? 0.43800 0.64156 0.61920 -0.00449 -0.08806 0.09903  5   DG  C N1    
315 C  C2    . DG  C 5 ? 0.44636 0.63468 0.61251 0.00166  -0.07641 0.10618  5   DG  C C2    
316 N  N2    . DG  C 5 ? 0.48505 0.67644 0.61249 0.00724  -0.08208 0.10748  5   DG  C N2    
317 N  N3    . DG  C 5 ? 0.42912 0.60128 0.61677 0.00125  -0.05972 0.10896  5   DG  C N3    
318 C  C4    . DG  C 5 ? 0.37855 0.55213 0.60267 -0.00326 -0.05481 0.10407  5   DG  C C4    
319 P  P     . DA  D 1 ? 0.55752 0.72656 0.73394 0.02256  -0.02188 0.18439  1   DA  D P     
320 O  OP1   . DA  D 1 ? 0.51363 0.69512 0.69322 0.02855  -0.01776 0.21677  1   DA  D OP1   
321 O  OP2   . DA  D 1 ? 0.47349 0.64914 0.61345 0.02237  -0.03246 0.16254  1   DA  D OP2   
322 O  "O5'" . DA  D 1 ? 0.59604 0.74074 0.79395 0.01208  -0.00849 0.16849  1   DA  D "O5'" 
323 C  "C5'" . DA  D 1 ? 0.49263 0.62162 0.73147 0.00952  0.00052  0.17778  1   DA  D "C5'" 
324 C  "C4'" . DA  D 1 ? 0.45463 0.56333 0.70688 -0.00106 0.00907  0.15299  1   DA  D "C4'" 
325 O  "O4'" . DA  D 1 ? 0.41478 0.52061 0.66084 -0.00288 0.00398  0.13140  1   DA  D "O4'" 
326 C  "C3'" . DA  D 1 ? 0.47486 0.58481 0.70738 -0.00804 0.01401  0.14231  1   DA  D "C3'" 
327 O  "O3'" . DA  D 1 ? 0.45620 0.54939 0.71701 -0.01747 0.02370  0.13423  1   DA  D "O3'" 
328 C  "C2'" . DA  D 1 ? 0.43129 0.54133 0.63422 -0.00893 0.00678  0.11932  1   DA  D "C2'" 
329 C  "C1'" . DA  D 1 ? 0.39933 0.49913 0.62315 -0.01057 0.00592  0.11052  1   DA  D "C1'" 
330 N  N9    . DA  D 1 ? 0.39186 0.49400 0.59456 -0.01140 -0.00259 0.09664  1   DA  D N9    
331 C  C8    . DA  D 1 ? 0.43478 0.54913 0.61307 -0.00643 -0.01435 0.09987  1   DA  D C8    
332 N  N7    . DA  D 1 ? 0.37734 0.48765 0.54530 -0.01163 -0.01990 0.08496  1   DA  D N7    
333 C  C5    . DA  D 1 ? 0.40084 0.49826 0.58495 -0.01948 -0.01006 0.07298  1   DA  D C5    
334 C  C6    . DA  D 1 ? 0.41046 0.50067 0.59348 -0.02851 -0.00792 0.05756  1   DA  D C6    
335 N  N6    . DA  D 1 ? 0.42397 0.51541 0.59142 -0.03301 -0.01642 0.05200  1   DA  D N6    
336 N  N1    . DA  D 1 ? 0.44417 0.52598 0.64199 -0.03407 0.00387  0.04771  1   DA  D N1    
337 C  C2    . DA  D 1 ? 0.39721 0.47485 0.61277 -0.03175 0.01142  0.05082  1   DA  D C2    
338 N  N3    . DA  D 1 ? 0.42530 0.50612 0.64841 -0.02534 0.01042  0.06609  1   DA  D N3    
339 C  C4    . DA  D 1 ? 0.37021 0.46256 0.57513 -0.01889 0.00001  0.07802  1   DA  D C4    
340 P  P     . DA  D 2 ? 0.45635 0.55337 0.71325 -0.02669 0.02967  0.12681  2   DA  D P     
341 O  OP1   . DA  D 2 ? 0.51837 0.59845 0.81599 -0.03565 0.03871  0.13032  2   DA  D OP1   
342 O  OP2   . DA  D 2 ? 0.47238 0.59311 0.70479 -0.02159 0.02868  0.14021  2   DA  D OP2   
343 O  "O5'" . DA  D 2 ? 0.44747 0.53912 0.68490 -0.03079 0.02585  0.09771  2   DA  D "O5'" 
344 C  "C5'" . DA  D 2 ? 0.42365 0.49815 0.67735 -0.03640 0.02870  0.08053  2   DA  D "C5'" 
345 C  "C4'" . DA  D 2 ? 0.42416 0.49767 0.64977 -0.03851 0.02399  0.05988  2   DA  D "C4'" 
346 O  "O4'" . DA  D 2 ? 0.44480 0.52404 0.64633 -0.03094 0.01586  0.06458  2   DA  D "O4'" 
347 C  "C3'" . DA  D 2 ? 0.42718 0.50790 0.63268 -0.04245 0.02149  0.04991  2   DA  D "C3'" 
348 O  "O3'" . DA  D 2 ? 0.43936 0.51119 0.64351 -0.05080 0.02320  0.02913  2   DA  D "O3'" 
349 C  "C2'" . DA  D 2 ? 0.42636 0.51387 0.59558 -0.03343 0.01243  0.05233  2   DA  D "C2'" 
350 C  "C1'" . DA  D 2 ? 0.43264 0.51304 0.60119 -0.03094 0.00987  0.05418  2   DA  D "C1'" 
351 N  N9    . DA  D 2 ? 0.37770 0.46504 0.52407 -0.02226 0.00135  0.06233  2   DA  D N9    
352 C  C8    . DA  D 2 ? 0.39766 0.49937 0.53779 -0.01409 -0.00040 0.07671  2   DA  D C8    
353 N  N7    . DA  D 2 ? 0.38322 0.48874 0.50067 -0.00768 -0.00940 0.07736  2   DA  D N7    
354 C  C5    . DA  D 2 ? 0.35663 0.44797 0.46949 -0.01359 -0.01362 0.06424  2   DA  D C5    
355 C  C6    . DA  D 2 ? 0.36845 0.45435 0.46275 -0.01399 -0.02364 0.05718  2   DA  D C6    
356 N  N6    . DA  D 2 ? 0.44492 0.53912 0.52013 -0.00686 -0.03295 0.05971  2   DA  D N6    
357 N  N1    . DA  D 2 ? 0.37644 0.44967 0.47357 -0.02327 -0.02331 0.04729  2   DA  D N1    
358 C  C2    . DA  D 2 ? 0.40200 0.46948 0.51356 -0.02993 -0.01394 0.04251  2   DA  D C2    
359 N  N3    . DA  D 2 ? 0.33937 0.40994 0.46632 -0.02962 -0.00563 0.04455  2   DA  D N3    
360 C  C4    . DA  D 2 ? 0.35884 0.44048 0.48785 -0.02200 -0.00620 0.05620  2   DA  D C4    
361 P  P     . DT  D 3 ? 0.50841 0.58867 0.69733 -0.05614 0.01924  0.01646  3   DT  D P     
362 O  OP1   . DT  D 3 ? 0.56187 0.63461 0.76248 -0.06694 0.02367  -0.00291 3   DT  D OP1   
363 O  OP2   . DT  D 3 ? 0.40378 0.50136 0.59441 -0.05227 0.01718  0.02836  3   DT  D OP2   
364 O  "O5'" . DT  D 3 ? 0.36137 0.43841 0.51165 -0.05103 0.01143  0.01185  3   DT  D "O5'" 
365 C  "C5'" . DT  D 3 ? 0.36110 0.42695 0.50320 -0.05493 0.01357  0.00314  3   DT  D "C5'" 
366 C  "C4'" . DT  D 3 ? 0.38438 0.44516 0.49237 -0.05038 0.00546  0.00552  3   DT  D "C4'" 
367 O  "O4'" . DT  D 3 ? 0.36445 0.42548 0.47057 -0.04196 0.00150  0.01781  3   DT  D "O4'" 
368 C  "C3'" . DT  D 3 ? 0.34427 0.40999 0.42901 -0.04636 -0.00306 0.00378  3   DT  D "C3'" 
369 O  "O3'" . DT  D 3 ? 0.34674 0.40156 0.40496 -0.05032 -0.00603 -0.00164 3   DT  D "O3'" 
370 C  "C2'" . DT  D 3 ? 0.36461 0.43184 0.43859 -0.03385 -0.00938 0.01453  3   DT  D "C2'" 
371 C  "C1'" . DT  D 3 ? 0.31602 0.37393 0.39369 -0.03479 -0.00752 0.01917  3   DT  D "C1'" 
372 N  N1    . DT  D 3 ? 0.32063 0.38269 0.39428 -0.02502 -0.01171 0.02833  3   DT  D N1    
373 C  C2    . DT  D 3 ? 0.34877 0.39917 0.40743 -0.02428 -0.01775 0.02798  3   DT  D C2    
374 O  O2    . DT  D 3 ? 0.36767 0.40478 0.41939 -0.03219 -0.01845 0.02310  3   DT  D O2    
375 N  N3    . DT  D 3 ? 0.33833 0.39525 0.39062 -0.01541 -0.02258 0.03339  3   DT  D N3    
376 C  C4    . DT  D 3 ? 0.30223 0.37761 0.35940 -0.00675 -0.02015 0.04132  3   DT  D C4    
377 O  O4    . DT  D 3 ? 0.34021 0.42352 0.38626 0.00132  -0.02424 0.04529  3   DT  D O4    
378 C  C5    . DT  D 3 ? 0.29605 0.38271 0.37176 -0.00920 -0.01228 0.04418  3   DT  D C5    
379 C  C7    . DT  D 3 ? 0.30670 0.41591 0.39129 -0.00271 -0.00723 0.05549  3   DT  D C7    
380 C  C6    . DT  D 3 ? 0.27767 0.35651 0.36136 -0.01828 -0.00948 0.03643  3   DT  D C6    
381 P  P     . DG  D 4 ? 0.34321 0.39790 0.37256 -0.04593 -0.01625 -0.00214 4   DG  D P     
382 O  OP1   . DG  D 4 ? 0.38941 0.43535 0.39974 -0.05574 -0.01351 -0.00713 4   DG  D OP1   
383 O  OP2   . DG  D 4 ? 0.33189 0.40806 0.37594 -0.04363 -0.01904 -0.00567 4   DG  D OP2   
384 O  "O5'" . DG  D 4 ? 0.33057 0.37273 0.34302 -0.03358 -0.02433 0.00745  4   DG  D "O5'" 
385 C  "C5'" . DG  D 4 ? 0.32109 0.34110 0.31930 -0.03648 -0.02510 0.01124  4   DG  D "C5'" 
386 C  "C4'" . DG  D 4 ? 0.35283 0.36351 0.34047 -0.02338 -0.03336 0.01548  4   DG  D "C4'" 
387 O  "O4'" . DG  D 4 ? 0.37935 0.40798 0.38626 -0.01676 -0.03032 0.01685  4   DG  D "O4'" 
388 C  "C3'" . DG  D 4 ? 0.38276 0.38948 0.35165 -0.01056 -0.04287 0.01663  4   DG  D "C3'" 
389 O  "O3'" . DG  D 4 ? 0.46838 0.44884 0.41820 -0.00339 -0.05039 0.01847  4   DG  D "O3'" 
390 C  "C2'" . DG  D 4 ? 0.35146 0.38410 0.33751 0.00040  -0.04156 0.01572  4   DG  D "C2'" 
391 C  "C1'" . DG  D 4 ? 0.35434 0.38836 0.35182 -0.00174 -0.03622 0.01722  4   DG  D "C1'" 
392 N  N9    . DG  D 4 ? 0.34299 0.40373 0.36008 0.00383  -0.03069 0.02036  4   DG  D N9    
393 C  C8    . DG  D 4 ? 0.35573 0.44081 0.39270 0.00231  -0.02616 0.02123  4   DG  D C8    
394 N  N7    . DG  D 4 ? 0.32319 0.42857 0.37412 0.00719  -0.02070 0.02731  4   DG  D N7    
395 C  C5    . DG  D 4 ? 0.35194 0.44715 0.38738 0.01410  -0.02278 0.02934  4   DG  D C5    
396 C  C6    . DG  D 4 ? 0.36273 0.47319 0.39784 0.02182  -0.01931 0.03597  4   DG  D C6    
397 O  O6    . DG  D 4 ? 0.36059 0.49775 0.41008 0.02451  -0.01163 0.04446  4   DG  D O6    
398 N  N1    . DG  D 4 ? 0.36186 0.45593 0.37549 0.02626  -0.02592 0.03217  4   DG  D N1    
399 C  C2    . DG  D 4 ? 0.35471 0.41927 0.35390 0.02147  -0.03391 0.02434  4   DG  D C2    
400 N  N2    . DG  D 4 ? 0.39618 0.44873 0.37942 0.02348  -0.04068 0.02015  4   DG  D N2    
401 N  N3    . DG  D 4 ? 0.34268 0.39286 0.34302 0.01360  -0.03504 0.02153  4   DG  D N3    
402 C  C4    . DG  D 4 ? 0.34084 0.40808 0.35749 0.01126  -0.02968 0.02371  4   DG  D C4    
403 P  P     . DG  D 5 ? 0.45939 0.40848 0.38356 -0.00739 -0.05680 0.02397  5   DG  D P     
404 O  OP1   . DG  D 5 ? 0.49600 0.44407 0.42364 -0.02741 -0.04819 0.02536  5   DG  D OP1   
405 O  OP2   . DG  D 5 ? 0.50496 0.45808 0.41753 0.00459  -0.06445 0.02751  5   DG  D OP2   
406 O  "O5'" . DG  D 5 ? 0.47936 0.39957 0.39238 0.00115  -0.06439 0.02230  5   DG  D "O5'" 
407 C  "C5'" . DG  D 5 ? 0.49195 0.40390 0.41113 -0.00934 -0.06233 0.01894  5   DG  D "C5'" 
408 C  "C4'" . DG  D 5 ? 0.49676 0.40165 0.41163 0.00487  -0.06890 0.01066  5   DG  D "C4'" 
409 O  "O4'" . DG  D 5 ? 0.46609 0.40583 0.39523 0.01407  -0.06378 0.00761  5   DG  D "O4'" 
410 C  "C3'" . DG  D 5 ? 0.54645 0.42814 0.44347 0.02372  -0.07805 0.00834  5   DG  D "C3'" 
411 O  "O3'" . DG  D 5 ? 0.65405 0.51610 0.54330 0.02886  -0.08407 -0.00229 5   DG  D "O3'" 
412 C  "C2'" . DG  D 5 ? 0.57623 0.49256 0.48264 0.04062  -0.07485 0.00638  5   DG  D "C2'" 
413 C  "C1'" . DG  D 5 ? 0.52768 0.46924 0.44788 0.03526  -0.06807 0.00250  5   DG  D "C1'" 
414 N  N9    . DG  D 5 ? 0.46690 0.44793 0.40365 0.04217  -0.06059 0.00482  5   DG  D N9    
415 C  C8    . DG  D 5 ? 0.46792 0.46803 0.41640 0.04047  -0.05733 0.00998  5   DG  D C8    
416 N  N7    . DG  D 5 ? 0.46975 0.50469 0.43589 0.04550  -0.05065 0.01116  5   DG  D N7    
417 C  C5    . DG  D 5 ? 0.45183 0.49196 0.41443 0.05214  -0.04847 0.00841  5   DG  D C5    
418 C  C6    . DG  D 5 ? 0.46108 0.53461 0.43489 0.05886  -0.04051 0.01111  5   DG  D C6    
419 O  O6    . DG  D 5 ? 0.45416 0.55923 0.44874 0.05848  -0.03303 0.01705  5   DG  D O6    
420 N  N1    . DG  D 5 ? 0.45651 0.52676 0.41538 0.06514  -0.04170 0.00670  5   DG  D N1    
421 C  C2    . DG  D 5 ? 0.46757 0.50529 0.40649 0.06380  -0.05086 -0.00189 5   DG  D C2    
422 N  N2    . DG  D 5 ? 0.49017 0.53267 0.41533 0.06978  -0.05255 -0.00798 5   DG  D N2    
423 N  N3    . DG  D 5 ? 0.47785 0.48171 0.41033 0.05561  -0.05800 -0.00392 5   DG  D N3    
424 C  C4    . DG  D 5 ? 0.44381 0.45130 0.38719 0.05088  -0.05571 0.00261  5   DG  D C4    
425 P  P     . DA  E 1 ? 0.64988 0.95755 1.14693 -0.05652 0.04606  0.01476  1   DA  E P     
426 O  OP1   . DA  E 1 ? 0.65519 0.98149 1.14673 -0.08018 0.04631  0.01207  1   DA  E OP1   
427 O  OP2   . DA  E 1 ? 0.66972 0.94905 1.13684 -0.04841 0.02696  0.02687  1   DA  E OP2   
428 O  "O5'" . DA  E 1 ? 0.54526 0.88733 1.10138 -0.03636 0.04927  0.01651  1   DA  E "O5'" 
429 C  "C5'" . DA  E 1 ? 0.47045 0.84573 1.04951 -0.03387 0.03114  0.02674  1   DA  E "C5'" 
430 C  "C4'" . DA  E 1 ? 0.44639 0.82523 1.05408 -0.00689 0.02085  0.03944  1   DA  E "C4'" 
431 O  "O4'" . DA  E 1 ? 0.44866 0.82903 1.08745 0.00992  0.04066  0.02983  1   DA  E "O4'" 
432 C  "C3'" . DA  E 1 ? 0.50498 0.84946 1.09255 0.00277  0.01111  0.05264  1   DA  E "C3'" 
433 O  "O3'" . DA  E 1 ? 0.48798 0.84608 1.08930 0.01933  -0.00987 0.07242  1   DA  E "O3'" 
434 C  "C2'" . DA  E 1 ? 0.49574 0.81243 1.09372 0.01448  0.03328  0.04251  1   DA  E "C2'" 
435 C  "C1'" . DA  E 1 ? 0.50537 0.84871 1.14350 0.02607  0.04423  0.03383  1   DA  E "C1'" 
436 N  N9    . DA  E 1 ? 0.48606 0.81546 1.13339 0.03010  0.07043  0.01269  1   DA  E N9    
437 C  C8    . DA  E 1 ? 0.45821 0.77745 1.07906 0.01350  0.08869  -0.00628 1   DA  E C8    
438 N  N7    . DA  E 1 ? 0.46572 0.77742 1.10047 0.02248  0.10979  -0.02547 1   DA  E N7    
439 C  C5    . DA  E 1 ? 0.45799 0.77181 1.13372 0.04680  0.10517  -0.01836 1   DA  E C5    
440 C  C6    . DA  E 1 ? 0.47062 0.77521 1.17836 0.06676  0.11953  -0.03190 1   DA  E C6    
441 N  N6    . DA  E 1 ? 0.50989 0.80442 1.21214 0.06495  0.14277  -0.05926 1   DA  E N6    
442 N  N1    . DA  E 1 ? 0.49372 0.79946 1.23704 0.08882  0.10830  -0.01668 1   DA  E N1    
443 C  C2    . DA  E 1 ? 0.49244 0.81171 1.23662 0.09062  0.08445  0.00994  1   DA  E C2    
444 N  N3    . DA  E 1 ? 0.48258 0.81345 1.19763 0.07322  0.06922  0.02214  1   DA  E N3    
445 C  C4    . DA  E 1 ? 0.47145 0.79703 1.15434 0.05167  0.08090  0.00670  1   DA  E C4    
446 P  P     . DA  E 2 ? 0.53507 0.86872 1.11254 0.02912  -0.02504 0.09354  2   DA  E P     
447 O  OP1   . DA  E 2 ? 0.41127 0.77358 0.99389 0.03844  -0.04900 0.11047  2   DA  E OP1   
448 O  OP2   . DA  E 2 ? 0.46678 0.76593 0.98757 0.01270  -0.02245 0.08596  2   DA  E OP2   
449 O  "O5'" . DA  E 2 ? 0.47941 0.78498 1.07969 0.04943  -0.01073 0.09813  2   DA  E "O5'" 
450 C  "C5'" . DA  E 2 ? 0.51461 0.83207 1.15340 0.06835  -0.00919 0.10232  2   DA  E "C5'" 
451 C  "C4'" . DA  E 2 ? 0.58141 0.86072 1.23743 0.08205  0.00723  0.10079  2   DA  E "C4'" 
452 O  "O4'" . DA  E 2 ? 0.56779 0.84078 1.23180 0.07430  0.03088  0.07210  2   DA  E "O4'" 
453 C  "C3'" . DA  E 2 ? 0.56302 0.80635 1.19223 0.07950  0.00537  0.11328  2   DA  E "C3'" 
454 O  "O3'" . DA  E 2 ? 0.60543 0.83948 1.23762 0.09528  -0.00834 0.14268  2   DA  E "O3'" 
455 C  "C2'" . DA  E 2 ? 0.56747 0.77767 1.20657 0.07747  0.02912  0.09166  2   DA  E "C2'" 
456 C  "C1'" . DA  E 2 ? 0.54688 0.77843 1.20680 0.07575  0.04422  0.06538  2   DA  E "C1'" 
457 N  N9    . DA  E 2 ? 0.50458 0.73233 1.14280 0.05708  0.06059  0.03982  2   DA  E N9    
458 C  C8    . DA  E 2 ? 0.53135 0.75676 1.11906 0.03578  0.05504  0.03762  2   DA  E C8    
459 N  N7    . DA  E 2 ? 0.51291 0.72839 1.07712 0.02175  0.07129  0.01453  2   DA  E N7    
460 C  C5    . DA  E 2 ? 0.50720 0.72150 1.11073 0.03437  0.08988  -0.00222 2   DA  E C5    
461 C  C6    . DA  E 2 ? 0.50253 0.71071 1.10250 0.02942  0.11241  -0.03111 2   DA  E C6    
462 N  N6    . DA  E 2 ? 0.55083 0.75350 1.10316 0.00929  0.11906  -0.04474 2   DA  E N6    
463 N  N1    . DA  E 2 ? 0.50091 0.70565 1.14116 0.04663  0.12627  -0.04521 2   DA  E N1    
464 C  C2    . DA  E 2 ? 0.48797 0.68985 1.16338 0.06672  0.11628  -0.02836 2   DA  E C2    
465 N  N3    . DA  E 2 ? 0.50183 0.71023 1.18287 0.07309  0.09485  0.00180  2   DA  E N3    
466 C  C4    . DA  E 2 ? 0.50000 0.71770 1.14749 0.05643  0.08325  0.01251  2   DA  E C4    
467 P  P     . DT  E 3 ? 0.67281 0.86205 1.32245 0.10799  0.00133  0.15411  3   DT  E P     
468 O  OP1   . DT  E 3 ? 0.66310 0.85985 1.31480 0.12227  -0.01560 0.18533  3   DT  E OP1   
469 O  OP2   . DT  E 3 ? 0.63196 0.79024 1.25956 0.09679  0.00920  0.15222  3   DT  E OP2   
470 O  "O5'" . DT  E 3 ? 0.64012 0.82252 1.33209 0.11726  0.01972  0.12982  3   DT  E "O5'" 
471 C  "C5'" . DT  E 3 ? 0.63692 0.78703 1.35789 0.13245  0.02618  0.13651  3   DT  E "C5'" 
472 C  "C4'" . DT  E 3 ? 0.63863 0.75631 1.37413 0.12864  0.04910  0.10578  3   DT  E "C4'" 
473 O  "O4'" . DT  E 3 ? 0.59209 0.72279 1.30460 0.11096  0.05828  0.08059  3   DT  E "O4'" 
474 C  "C3'" . DT  E 3 ? 0.64253 0.70915 1.37761 0.12601  0.05481  0.11264  3   DT  E "C3'" 
475 O  "O3'" . DT  E 3 ? 0.68271 0.72216 1.45383 0.13849  0.06562  0.10173  3   DT  E "O3'" 
476 C  "C2'" . DT  E 3 ? 0.62487 0.68196 1.33668 0.10751  0.06643  0.08724  3   DT  E "C2'" 
477 C  "C1'" . DT  E 3 ? 0.60832 0.70163 1.32142 0.10490  0.07457  0.05982  3   DT  E "C1'" 
478 N  N1    . DT  E 3 ? 0.53214 0.63743 1.21516 0.08576  0.08235  0.03819  3   DT  E N1    
479 C  C2    . DT  E 3 ? 0.53042 0.63117 1.21276 0.07937  0.10208  0.00210  3   DT  E C2    
480 O  O2    . DT  E 3 ? 0.57483 0.66184 1.28399 0.08991  0.11406  -0.01515 3   DT  E O2    
481 N  N3    . DT  E 3 ? 0.54823 0.65592 1.17944 0.05704  0.10461  -0.01266 3   DT  E N3    
482 C  C4    . DT  E 3 ? 0.53661 0.65234 1.12184 0.04203  0.09007  0.00293  3   DT  E C4    
483 O  O4    . DT  E 3 ? 0.51146 0.62997 1.05462 0.02430  0.09306  -0.01059 3   DT  E O4    
484 C  C5    . DT  E 3 ? 0.54556 0.66638 1.13471 0.05005  0.07084  0.03649  3   DT  E C5    
485 C  C7    . DT  E 3 ? 0.52635 0.65564 1.06736 0.03683  0.05499  0.05140  3   DT  E C7    
486 C  C6    . DT  E 3 ? 0.53935 0.65661 1.17505 0.07077  0.06776  0.05321  3   DT  E C6    
487 P  P     . DG  E 4 ? 0.76764 0.75333 1.54990 0.13720  0.07053  0.10983  4   DG  E P     
488 O  OP1   . DG  E 4 ? 0.71938 0.68702 1.54104 0.15385  0.07787  0.09993  4   DG  E OP1   
489 O  OP2   . DG  E 4 ? 0.74793 0.72915 1.50807 0.13234  0.05629  0.14896  4   DG  E OP2   
490 O  "O5'" . DG  E 4 ? 0.74942 0.71345 1.51691 0.11874  0.08570  0.07583  4   DG  E "O5'" 
491 C  "C5'" . DG  E 4 ? 0.67022 0.64408 1.44273 0.11740  0.10116  0.03451  4   DG  E "C5'" 
492 C  "C4'" . DG  E 4 ? 0.64996 0.60740 1.39763 0.09801  0.11101  0.00844  4   DG  E "C4'" 
493 O  "O4'" . DG  E 4 ? 0.64401 0.63142 1.35976 0.08799  0.10444  0.01594  4   DG  E "O4'" 
494 C  "C3'" . DG  E 4 ? 0.70420 0.61799 1.44973 0.08756  0.10914  0.01825  4   DG  E "C3'" 
495 O  "O3'" . DG  E 4 ? 0.74656 0.63895 1.48471 0.07438  0.12196  -0.01993 4   DG  E "O3'" 
496 C  "C2'" . DG  E 4 ? 0.67069 0.59678 1.38590 0.07832  0.09679  0.04669  4   DG  E "C2'" 
497 C  "C1'" . DG  E 4 ? 0.61251 0.57555 1.30092 0.07228  0.09990  0.02482  4   DG  E "C1'" 
498 N  N9    . DG  E 4 ? 0.61097 0.60209 1.25588 0.06235  0.08548  0.04691  4   DG  E N9    
499 C  C8    . DG  E 4 ? 0.60031 0.60100 1.24073 0.06844  0.06992  0.08560  4   DG  E C8    
500 N  N7    . DG  E 4 ? 0.60357 0.62885 1.19779 0.05660  0.06001  0.09226  4   DG  E N7    
501 C  C5    . DG  E 4 ? 0.58767 0.61752 1.15628 0.04196  0.06927  0.05898  4   DG  E C5    
502 C  C6    . DG  E 4 ? 0.57669 0.62488 1.09643 0.02641  0.06490  0.05053  4   DG  E C6    
503 O  O6    . DG  E 4 ? 0.60117 0.66519 1.08910 0.02213  0.05186  0.06751  4   DG  E O6    
504 N  N1    . DG  E 4 ? 0.53940 0.58540 1.04678 0.01597  0.07745  0.01799  4   DG  E N1    
505 C  C2    . DG  E 4 ? 0.53218 0.56313 1.06822 0.01986  0.09279  -0.00693 4   DG  E C2    
506 N  N2    . DG  E 4 ? 0.57174 0.60680 1.08415 0.00818  0.10319  -0.03657 4   DG  E N2    
507 N  N3    . DG  E 4 ? 0.59088 0.60297 1.17350 0.03465  0.09742  -0.00333 4   DG  E N3    
508 C  C4    . DG  E 4 ? 0.60344 0.61473 1.20109 0.04511  0.08491  0.03165  4   DG  E C4    
509 P  P     . DG  E 5 ? 0.82524 0.67488 1.58602 0.07184  0.12770  -0.03319 5   DG  E P     
510 O  OP1   . DG  E 5 ? 0.78460 0.63171 1.58011 0.09194  0.13267  -0.03955 5   DG  E OP1   
511 O  OP2   . DG  E 5 ? 0.81855 0.64700 1.57525 0.06195  0.11783  -0.00101 5   DG  E OP2   
512 O  "O5'" . DG  E 5 ? 0.76798 0.61114 1.50640 0.05480  0.13926  -0.08039 5   DG  E "O5'" 
513 C  "C5'" . DG  E 5 ? 0.77535 0.60646 1.48787 0.03387  0.13501  -0.08135 5   DG  E "C5'" 
514 C  "C4'" . DG  E 5 ? 0.73754 0.58807 1.41223 0.02074  0.14003  -0.11095 5   DG  E "C4'" 
515 O  "O4'" . DG  E 5 ? 0.75688 0.64346 1.41955 0.03004  0.13924  -0.09976 5   DG  E "O4'" 
516 C  "C3'" . DG  E 5 ? 0.75298 0.59889 1.39537 -0.00133 0.13143  -0.10420 5   DG  E "C3'" 
517 O  "O3'" . DG  E 5 ? 0.84244 0.66951 1.48197 -0.01561 0.13266  -0.12769 5   DG  E "O3'" 
518 C  "C2'" . DG  E 5 ? 0.73108 0.61512 1.32604 -0.00838 0.13139  -0.11680 5   DG  E "C2'" 
519 C  "C1'" . DG  E 5 ? 0.72500 0.63372 1.33328 0.01072  0.13018  -0.09336 5   DG  E "C1'" 
520 N  N9    . DG  E 5 ? 0.69534 0.61257 1.29706 0.01253  0.11548  -0.04939 5   DG  E N9    
521 C  C8    . DG  E 5 ? 0.67982 0.58105 1.31711 0.02589  0.10979  -0.01639 5   DG  E C8    
522 N  N7    . DG  E 5 ? 0.66588 0.58463 1.28119 0.02429  0.09692  0.01771  5   DG  E N7    
523 C  C5    . DG  E 5 ? 0.64362 0.58773 1.20901 0.00956  0.09389  0.00538  5   DG  E C5    
524 C  C6    . DG  E 5 ? 0.66280 0.63086 1.18729 0.00288  0.08189  0.02584  5   DG  E C6    
525 O  O6    . DG  E 5 ? 0.68201 0.65755 1.20301 0.00806  0.07171  0.05850  5   DG  E O6    
526 N  N1    . DG  E 5 ? 0.62743 0.61107 1.11047 -0.01031 0.08247  0.00422  5   DG  E N1    
527 C  C2    . DG  E 5 ? 0.65938 0.64010 1.13733 -0.01695 0.09313  -0.03061 5   DG  E C2    
528 N  N2    . DG  E 5 ? 0.67497 0.67219 1.10896 -0.02877 0.09112  -0.04297 5   DG  E N2    
529 N  N3    . DG  E 5 ? 0.65370 0.61596 1.16591 -0.01151 0.10494  -0.05206 5   DG  E N3    
530 C  C4    . DG  E 5 ? 0.65210 0.59523 1.20870 0.00214  0.10472  -0.03336 5   DG  E C4    
531 P  P     . DA  F 1 ? 0.94726 0.95986 1.31480 -0.05570 0.12000  -0.14469 1   DA  F P     
532 O  OP1   . DA  F 1 ? 0.84482 0.85338 1.22155 -0.05139 0.10682  -0.10951 1   DA  F OP1   
533 O  OP2   . DA  F 1 ? 0.84154 0.85687 1.16955 -0.07048 0.11685  -0.16443 1   DA  F OP2   
534 O  "O5'" . DA  F 1 ? 0.81200 0.80245 1.23023 -0.04557 0.13230  -0.16433 1   DA  F "O5'" 
535 C  "C5'" . DA  F 1 ? 0.79085 0.76544 1.20992 -0.05289 0.13885  -0.19929 1   DA  F "C5'" 
536 C  "C4'" . DA  F 1 ? 0.76619 0.74084 1.20948 -0.04175 0.15762  -0.22954 1   DA  F "C4'" 
537 O  "O4'" . DA  F 1 ? 0.73467 0.69393 1.23331 -0.02311 0.16124  -0.21458 1   DA  F "O4'" 
538 C  "C3'" . DA  F 1 ? 0.80769 0.81908 1.22271 -0.04061 0.16853  -0.23724 1   DA  F "C3'" 
539 O  "O3'" . DA  F 1 ? 0.84176 0.85686 1.25419 -0.03959 0.18591  -0.27930 1   DA  F "O3'" 
540 C  "C2'" . DA  F 1 ? 0.79508 0.81780 1.24723 -0.02410 0.17101  -0.21224 1   DA  F "C2'" 
541 C  "C1'" . DA  F 1 ? 0.76917 0.75755 1.27686 -0.01039 0.17075  -0.21045 1   DA  F "C1'" 
542 N  N9    . DA  F 1 ? 0.73614 0.72621 1.27335 0.00190  0.16086  -0.17178 1   DA  F N9    
543 C  C8    . DA  F 1 ? 0.70963 0.70729 1.22550 -0.00425 0.14402  -0.13695 1   DA  F C8    
544 N  N7    . DA  F 1 ? 0.68413 0.68551 1.23129 0.00988  0.13731  -0.10807 1   DA  F N7    
545 C  C5    . DA  F 1 ? 0.69272 0.68806 1.28841 0.02758  0.15016  -0.12290 1   DA  F C5    
546 C  C6    . DA  F 1 ? 0.65407 0.65147 1.30126 0.04981  0.14937  -0.10489 1   DA  F C6    
547 N  N6    . DA  F 1 ? 0.61836 0.62663 1.27236 0.05618  0.13364  -0.06653 1   DA  F N6    
548 N  N1    . DA  F 1 ? 0.66278 0.65284 1.34846 0.06488  0.16345  -0.12759 1   DA  F N1    
549 C  C2    . DA  F 1 ? 0.68927 0.67078 1.36005 0.05712  0.17781  -0.16740 1   DA  F C2    
550 N  N3    . DA  F 1 ? 0.67001 0.65009 1.29928 0.03840  0.18204  -0.19054 1   DA  F N3    
551 C  C4    . DA  F 1 ? 0.67866 0.66589 1.26927 0.02328  0.16580  -0.16366 1   DA  F C4    
552 P  P     . DA  F 2 ? 0.91018 0.96586 1.28437 -0.04304 0.20132  -0.29467 2   DA  F P     
553 O  OP1   . DA  F 2 ? 0.91572 0.97093 1.25247 -0.05473 0.20545  -0.33188 2   DA  F OP1   
554 O  OP2   . DA  F 2 ? 0.86540 0.94515 1.21081 -0.04979 0.19260  -0.25976 2   DA  F OP2   
555 O  "O5'" . DA  F 2 ? 0.82937 0.89492 1.25361 -0.02260 0.22230  -0.30899 2   DA  F "O5'" 
556 C  "C5'" . DA  F 2 ? 0.84604 0.93520 1.29547 -0.01271 0.22388  -0.28057 2   DA  F "C5'" 
557 C  "C4'" . DA  F 2 ? 0.82670 0.91139 1.33748 0.01010  0.23407  -0.28724 2   DA  F "C4'" 
558 O  "O4'" . DA  F 2 ? 0.81417 0.88165 1.36687 0.02117  0.21987  -0.25436 2   DA  F "O4'" 
559 C  "C3'" . DA  F 2 ? 0.79426 0.92152 1.31126 0.01666  0.24631  -0.28369 2   DA  F "C3'" 
560 O  "O3'" . DA  F 2 ? 0.79705 0.91916 1.35305 0.03549  0.25374  -0.29628 2   DA  F "O3'" 
561 C  "C2'" . DA  F 2 ? 0.72437 0.86836 1.25930 0.01803  0.23425  -0.24428 2   DA  F "C2'" 
562 C  "C1'" . DA  F 2 ? 0.71298 0.81666 1.28002 0.02708  0.21843  -0.22823 2   DA  F "C1'" 
563 N  N9    . DA  F 2 ? 0.65439 0.75690 1.19898 0.01644  0.19661  -0.19099 2   DA  F N9    
564 C  C8    . DA  F 2 ? 0.64928 0.75436 1.13707 -0.00420 0.18693  -0.18273 2   DA  F C8    
565 N  N7    . DA  F 2 ? 0.65695 0.75965 1.13637 -0.00778 0.16780  -0.14972 2   DA  F N7    
566 C  C5    . DA  F 2 ? 0.64062 0.74182 1.17209 0.01064  0.16397  -0.13378 2   DA  F C5    
567 C  C6    . DA  F 2 ? 0.61291 0.71477 1.15909 0.01690  0.14597  -0.09937 2   DA  F C6    
568 N  N6    . DA  F 2 ? 0.61380 0.71654 1.12246 0.00474  0.12943  -0.07755 2   DA  F N6    
569 N  N1    . DA  F 2 ? 0.56743 0.66984 1.16757 0.03763  0.14535  -0.08884 2   DA  F N1    
570 C  C2    . DA  F 2 ? 0.59885 0.69880 1.23904 0.05235  0.16253  -0.11258 2   DA  F C2    
571 N  N3    . DA  F 2 ? 0.61593 0.71413 1.24784 0.04873  0.18185  -0.14909 2   DA  F N3    
572 C  C4    . DA  F 2 ? 0.63840 0.73875 1.21244 0.02646  0.18113  -0.15742 2   DA  F C4    
573 P  P     . DT  F 3 ? 0.82063 0.98925 1.38299 0.04330  0.26984  -0.30064 3   DT  F P     
574 O  OP1   . DT  F 3 ? 0.75109 0.91248 1.32809 0.05690  0.28332  -0.33264 3   DT  F OP1   
575 O  OP2   . DT  F 3 ? 0.80875 1.01089 1.32117 0.02276  0.27511  -0.29584 3   DT  F OP2   
576 O  "O5'" . DT  F 3 ? 0.70640 0.89010 1.31539 0.05715  0.25902  -0.26485 3   DT  F "O5'" 
577 C  "C5'" . DT  F 3 ? 0.68339 0.85184 1.34418 0.08049  0.25564  -0.26100 3   DT  F "C5'" 
578 C  "C4'" . DT  F 3 ? 0.63822 0.82298 1.33095 0.08921  0.23973  -0.22249 3   DT  F "C4'" 
579 O  "O4'" . DT  F 3 ? 0.63049 0.80423 1.30213 0.07451  0.22344  -0.19851 3   DT  F "O4'" 
580 C  "C3'" . DT  F 3 ? 0.60199 0.84358 1.30088 0.08942  0.24557  -0.21283 3   DT  F "C3'" 
581 O  "O3'" . DT  F 3 ? 0.62729 0.88081 1.37581 0.11166  0.23849  -0.19705 3   DT  F "O3'" 
582 C  "C2'" . DT  F 3 ? 0.62150 0.87732 1.29212 0.06903  0.23239  -0.18727 3   DT  F "C2'" 
583 C  "C1'" . DT  F 3 ? 0.60629 0.81799 1.28305 0.07194  0.21416  -0.17130 3   DT  F "C1'" 
584 N  N1    . DT  F 3 ? 0.59041 0.79969 1.23308 0.05256  0.20244  -0.15442 3   DT  F N1    
585 C  C2    . DT  F 3 ? 0.55030 0.75439 1.20525 0.05551  0.18093  -0.12221 3   DT  F C2    
586 O  O2    . DT  F 3 ? 0.57488 0.77714 1.26617 0.07329  0.17057  -0.10533 3   DT  F O2    
587 N  N3    . DT  F 3 ? 0.54453 0.74754 1.16492 0.03721  0.17139  -0.10972 3   DT  F N3    
588 C  C4    . DT  F 3 ? 0.55779 0.76149 1.13182 0.01652  0.17976  -0.12385 3   DT  F C4    
589 O  O4    . DT  F 3 ? 0.57323 0.76679 1.10437 0.00093  0.16465  -0.10767 3   DT  F O4    
590 C  C5    . DT  F 3 ? 0.58455 0.79558 1.14773 0.01453  0.20261  -0.15628 3   DT  F C5    
591 C  C7    . DT  F 3 ? 0.62133 0.83415 1.12734 -0.00695 0.21098  -0.17060 3   DT  F C7    
592 C  C6    . DT  F 3 ? 0.59202 0.80495 1.18829 0.03230  0.21247  -0.17049 3   DT  F C6    
593 P  P     . DG  F 4 ? 0.71798 1.03130 1.48961 0.11953  0.24864  -0.19595 4   DG  F P     
594 O  OP1   . DG  F 4 ? 0.64846 0.95943 1.47016 0.14864  0.24995  -0.19927 4   DG  F OP1   
595 O  OP2   . DG  F 4 ? 0.71466 1.05445 1.44731 0.10140  0.26885  -0.21647 4   DG  F OP2   
596 O  "O5'" . DG  F 4 ? 0.68041 1.02365 1.45609 0.11037  0.22852  -0.16011 4   DG  F "O5'" 
597 C  "C5'" . DG  F 4 ? 0.63583 0.96044 1.43294 0.12032  0.20443  -0.13218 4   DG  F "C5'" 
598 C  "C4'" . DG  F 4 ? 0.58772 0.93385 1.36450 0.10136  0.18709  -0.10661 4   DG  F "C4'" 
599 O  "O4'" . DG  F 4 ? 0.57029 0.89491 1.29850 0.07816  0.19075  -0.11373 4   DG  F "O4'" 
600 C  "C3'" . DG  F 4 ? 0.58047 0.98710 1.36420 0.09217  0.19101  -0.10253 4   DG  F "C3'" 
601 O  "O3'" . DG  F 4 ? 0.58151 1.00568 1.36661 0.08450  0.16780  -0.07566 4   DG  F "O3'" 
602 C  "C2'" . DG  F 4 ? 0.57296 0.98175 1.31075 0.06718  0.20745  -0.11789 4   DG  F "C2'" 
603 C  "C1'" . DG  F 4 ? 0.56698 0.92974 1.27255 0.05723  0.19425  -0.11031 4   DG  F "C1'" 
604 N  N9    . DG  F 4 ? 0.55543 0.90367 1.21333 0.03729  0.20738  -0.12636 4   DG  F N9    
605 C  C8    . DG  F 4 ? 0.59719 0.95478 1.23766 0.03321  0.23132  -0.15227 4   DG  F C8    
606 N  N7    . DG  F 4 ? 0.57709 0.92044 1.16891 0.01354  0.23655  -0.15970 4   DG  F N7    
607 C  C5    . DG  F 4 ? 0.57583 0.89983 1.15522 0.00438  0.21554  -0.13772 4   DG  F C5    
608 C  C6    . DG  F 4 ? 0.57838 0.88245 1.11176 -0.01526 0.21011  -0.13366 4   DG  F C6    
609 O  O6    . DG  F 4 ? 0.60493 0.90514 1.09653 -0.02950 0.22239  -0.14789 4   DG  F O6    
610 N  N1    . DG  F 4 ? 0.55560 0.84539 1.09190 -0.01711 0.18700  -0.10942 4   DG  F N1    
611 C  C2    . DG  F 4 ? 0.52397 0.81904 1.09932 -0.00210 0.17066  -0.09099 4   DG  F C2    
612 N  N2    . DG  F 4 ? 0.51941 0.80102 1.08616 -0.00631 0.14909  -0.06920 4   DG  F N2    
613 N  N3    . DG  F 4 ? 0.52814 0.84180 1.14554 0.01631  0.17455  -0.09338 4   DG  F N3    
614 C  C4    . DG  F 4 ? 0.56670 0.89398 1.18522 0.01858  0.19762  -0.11738 4   DG  F C4    
615 P  P     . DG  F 5 ? 0.52593 0.99891 1.35621 0.09819  0.15522  -0.05998 5   DG  F P     
616 O  OP1   . DG  F 5 ? 0.56891 1.01749 1.43173 0.12734  0.14676  -0.05338 5   DG  F OP1   
617 O  OP2   . DG  F 5 ? 0.44680 0.97290 1.29248 0.09287  0.17308  -0.07173 5   DG  F OP2   
618 O  "O5'" . DG  F 5 ? 0.52810 1.01016 1.33968 0.08058  0.12908  -0.03576 5   DG  F "O5'" 
619 C  "C5'" . DG  F 5 ? 0.48952 0.92728 1.27582 0.07888  0.11346  -0.02304 5   DG  F "C5'" 
620 C  "C4'" . DG  F 5 ? 0.47328 0.90351 1.21360 0.04986  0.10988  -0.02132 5   DG  F "C4'" 
621 O  "O4'" . DG  F 5 ? 0.51701 0.92428 1.22897 0.03916  0.13187  -0.04146 5   DG  F "O4'" 
622 C  "C3'" . DG  F 5 ? 0.50053 0.97651 1.23934 0.02950  0.10639  -0.01822 5   DG  F "C3'" 
623 O  "O3'" . DG  F 5 ? 0.52074 1.01337 1.27013 0.03129  0.07996  0.00066  5   DG  F "O3'" 
624 C  "C2'" . DG  F 5 ? 0.51689 0.97017 1.20561 0.00234  0.11242  -0.02312 5   DG  F "C2'" 
625 C  "C1'" . DG  F 5 ? 0.49897 0.91252 1.17296 0.01110  0.13085  -0.03952 5   DG  F "C1'" 
626 N  N9    . DG  F 5 ? 0.47626 0.89941 1.13602 0.00118  0.15661  -0.05900 5   DG  F N9    
627 C  C8    . DG  F 5 ? 0.52745 0.98089 1.21524 0.01166  0.17524  -0.07234 5   DG  F C8    
628 N  N7    . DG  F 5 ? 0.54938 1.00623 1.21153 -0.00024 0.19730  -0.08823 5   DG  F N7    
629 C  C5    . DG  F 5 ? 0.53881 0.96359 1.15308 -0.01939 0.19217  -0.08497 5   DG  F C5    
630 C  C6    . DG  F 5 ? 0.57454 0.98860 1.14246 -0.03749 0.20775  -0.09569 5   DG  F C6    
631 O  O6    . DG  F 5 ? 0.61427 1.04680 1.17228 -0.04092 0.23028  -0.11035 5   DG  F O6    
632 N  N1    . DG  F 5 ? 0.54276 0.92408 1.07186 -0.05206 0.19463  -0.08668 5   DG  F N1    
633 C  C2    . DG  F 5 ? 0.56102 0.92264 1.09540 -0.04906 0.17064  -0.07058 5   DG  F C2    
634 N  N2    . DG  F 5 ? 0.58494 0.91712 1.07851 -0.06340 0.16173  -0.06473 5   DG  F N2    
635 N  N3    . DG  F 5 ? 0.54459 0.91664 1.11970 -0.03242 0.15611  -0.06008 5   DG  F N3    
636 C  C4    . DG  F 5 ? 0.52298 0.92650 1.13649 -0.01842 0.16761  -0.06772 5   DG  F C4    
637 C  C     . ACT G . ? 0.52599 0.41835 0.39500 -0.07853 -0.03592 0.05607  101 ACT A C     
638 O  O     . ACT G . ? 0.50296 0.42190 0.39161 -0.08705 -0.02401 0.04698  101 ACT A O     
639 O  OXT   . ACT G . ? 0.61594 0.49140 0.45678 -0.07989 -0.03985 0.06986  101 ACT A OXT   
640 C  CH3   . ACT G . ? 0.55473 0.43303 0.43439 -0.06327 -0.04698 0.05011  101 ACT A CH3   
641 MG MG    . MG  H . ? 0.38707 0.35461 0.36273 -0.07074 -0.02014 0.02063  101 MG  B MG    
642 O  O     . HOH I . ? 0.89532 0.85756 0.50542 -0.16914 0.02816  0.15571  201 HOH A O     
643 O  O     . HOH I . ? 0.57811 0.51771 0.43968 -0.05681 -0.04298 0.04577  202 HOH A O     
644 O  O     . HOH I . ? 0.80523 0.66015 0.51080 -0.07652 -0.05950 0.13740  203 HOH A O     
645 O  O     . HOH I . ? 0.72032 0.65742 0.39338 -0.09126 -0.04512 0.12027  204 HOH A O     
646 O  O     . HOH I . ? 0.57110 0.56518 0.44889 -0.03379 -0.05665 0.03058  205 HOH A O     
647 O  O     . HOH I . ? 0.58556 0.68578 0.34111 -0.11654 0.00079  -0.02504 206 HOH A O     
648 O  O     . HOH I . ? 0.66705 0.46359 0.53846 -0.10206 -0.05082 0.06868  207 HOH A O     
649 O  O     . HOH I . ? 0.87739 0.94061 0.52594 -0.22467 0.11669  0.12363  208 HOH A O     
650 O  O     . HOH I . ? 0.86318 1.01451 0.48076 -0.14793 0.03292  -0.01834 209 HOH A O     
651 O  O     . HOH I . ? 0.86320 1.00302 0.60209 -0.15527 0.08123  -0.05094 210 HOH A O     
652 O  O     . HOH I . ? 0.91615 0.98504 0.53220 -0.25275 0.14701  0.17614  211 HOH A O     
653 O  O     . HOH J . ? 0.57203 0.62576 0.72398 -0.07423 0.03633  -0.03712 201 HOH B O     
654 O  O     . HOH J . ? 0.44345 0.52629 0.59703 -0.09456 0.01805  -0.07210 202 HOH B O     
655 O  O     . HOH J . ? 0.60062 0.69863 0.45933 -0.15972 0.09873  -0.01703 203 HOH B O     
656 O  O     . HOH J . ? 0.43545 0.38317 0.38537 -0.09018 -0.01494 0.02974  204 HOH B O     
657 O  O     . HOH J . ? 0.41264 0.37029 0.40220 -0.07934 -0.02549 0.02193  205 HOH B O     
658 O  O     . HOH J . ? 0.45129 0.54235 0.42566 -0.12781 0.08481  -0.05819 206 HOH B O     
659 O  O     . HOH J . ? 0.34819 0.37214 0.35553 -0.06872 -0.00124 -0.00237 207 HOH B O     
660 O  O     . HOH J . ? 0.54555 0.59728 0.73194 -0.08895 0.04739  -0.07901 208 HOH B O     
661 O  O     . HOH J . ? 0.59833 0.46771 0.52684 -0.10092 -0.03981 0.04179  209 HOH B O     
662 O  O     . HOH J . ? 0.36221 0.36188 0.37687 -0.08262 -0.00073 0.01275  210 HOH B O     
663 O  O     . HOH J . ? 0.43533 0.53065 0.56337 -0.11269 0.01648  -0.11797 211 HOH B O     
664 O  O     . HOH J . ? 0.38640 0.36974 0.35066 -0.06878 -0.01514 0.01630  212 HOH B O     
665 O  O     . HOH J . ? 0.44612 0.55813 0.57984 -0.05903 -0.00317 -0.01098 213 HOH B O     
666 O  O     . HOH J . ? 0.45412 0.50511 0.56913 -0.07688 0.02929  -0.00755 214 HOH B O     
667 O  O     . HOH J . ? 0.61482 0.48224 0.57079 -0.09956 -0.05781 0.02282  215 HOH B O     
668 O  O     . HOH K . ? 0.56018 0.74490 0.66276 0.01684  -0.06721 0.12076  101 HOH C O     
669 O  O     . HOH K . ? 0.53762 0.68149 0.74623 -0.10354 -0.06517 0.02296  102 HOH C O     
670 O  O     . HOH K . ? 0.61283 0.57895 0.54173 -0.02138 -0.11143 -0.03698 103 HOH C O     
671 O  O     . HOH K . ? 0.54497 0.60883 0.62413 -0.07754 -0.09415 0.00646  104 HOH C O     
672 O  O     . HOH K . ? 0.57206 0.64296 0.71856 -0.10247 0.00605  0.01577  105 HOH C O     
673 O  O     . HOH K . ? 0.59872 0.47494 0.53877 -0.05912 -0.06788 0.01102  106 HOH C O     
674 O  O     . HOH K . ? 0.61434 0.74757 0.94322 -0.04782 0.05612  -0.00016 107 HOH C O     
675 O  O     . HOH K . ? 0.58448 0.68263 0.57647 0.00825  -0.06990 0.03525  108 HOH C O     
676 O  O     . HOH K . ? 0.37946 0.36785 0.37968 -0.05389 -0.02339 0.01684  109 HOH C O     
677 O  O     . HOH K . ? 0.59838 0.61224 0.52748 0.01560  -0.08139 -0.01200 110 HOH C O     
678 O  O     . HOH K . ? 0.41934 0.41055 0.45204 -0.07041 -0.03261 0.01793  111 HOH C O     
679 O  O     . HOH K . ? 0.58565 0.72719 0.63033 0.00239  -0.07652 0.06475  112 HOH C O     
680 O  O     . HOH K . ? 0.62399 0.65173 0.54803 0.03618  -0.06791 -0.00747 113 HOH C O     
681 O  O     . HOH K . ? 0.63309 0.71948 0.60780 0.01893  -0.05968 0.02902  114 HOH C O     
682 O  O     . HOH K . ? 0.45177 0.49519 0.55394 -0.06243 -0.00503 0.01916  115 HOH C O     
683 O  O     . HOH K . ? 0.66112 0.73625 0.78586 -0.13177 -0.11922 -0.01209 116 HOH C O     
684 O  O     . HOH K . ? 0.60043 0.68636 0.81926 -0.06036 0.03282  0.00758  117 HOH C O     
685 O  O     . HOH K . ? 0.68804 0.48968 0.58638 -0.04293 -0.08649 0.00631  118 HOH C O     
686 O  O     . HOH K . ? 0.68064 0.73563 0.62140 0.00447  -0.09667 -0.00681 119 HOH C O     
687 O  O     . HOH K . ? 0.47874 0.35425 0.39907 -0.06088 -0.05379 0.02991  120 HOH C O     
688 O  O     . HOH K . ? 0.66320 0.67295 0.56539 0.01593  -0.10128 -0.03322 121 HOH C O     
689 O  O     . HOH K . ? 0.69911 0.52723 0.66342 -0.12397 -0.07979 0.00973  122 HOH C O     
690 O  O     . HOH K . ? 0.63696 0.77982 0.87724 -0.17603 0.00368  0.02073  123 HOH C O     
691 O  O     . HOH L . ? 0.50501 0.64122 0.60850 0.00714  -0.01612 0.10426  101 HOH D O     
692 O  O     . HOH L . ? 0.69183 0.64649 0.57449 -0.00344 -0.07065 0.03918  102 HOH D O     
693 O  O     . HOH L . ? 0.47564 0.44559 0.39683 -0.04824 -0.03608 0.02466  103 HOH D O     
694 O  O     . HOH L . ? 0.71325 0.70831 0.64453 0.03763  -0.07123 0.02186  104 HOH D O     
695 O  O     . HOH L . ? 0.57474 0.75148 0.58844 0.07598  -0.01502 0.02574  105 HOH D O     
696 O  O     . HOH L . ? 0.40840 0.43401 0.46737 -0.05478 -0.00883 0.01545  106 HOH D O     
697 O  O     . HOH L . ? 0.38887 0.48708 0.43168 -0.01665 -0.03107 0.00692  107 HOH D O     
698 O  O     . HOH L . ? 0.53401 0.66411 0.52994 0.04334  -0.02248 0.04212  108 HOH D O     
699 O  O     . HOH L . ? 0.48235 0.60895 0.51740 0.02010  -0.02104 0.06501  109 HOH D O     
700 O  O     . HOH L . ? 0.49108 0.57951 0.49157 0.04204  -0.04696 0.01526  110 HOH D O     
701 O  O     . HOH L . ? 0.44334 0.38116 0.38962 -0.05628 -0.03671 0.02518  111 HOH D O     
702 O  O     . HOH L . ? 0.42169 0.44362 0.36785 -0.04639 -0.03299 0.00767  112 HOH D O     
703 O  O     . HOH L . ? 0.47780 0.53526 0.61998 -0.04701 0.01042  0.02056  113 HOH D O     
704 O  O     . HOH L . ? 0.41124 0.51180 0.60790 -0.08302 0.01328  -0.02876 114 HOH D O     
705 O  O     . HOH L . ? 0.42567 0.54344 0.55770 -0.02585 0.00325  0.04058  115 HOH D O     
706 O  O     . HOH L . ? 0.52443 0.59164 0.69455 -0.05634 0.01549  0.01734  116 HOH D O     
707 O  O     . HOH L . ? 0.63675 0.80638 0.68824 0.02811  -0.00143 0.07739  117 HOH D O     
708 O  O     . HOH L . ? 0.40435 0.43930 0.46983 -0.06676 0.00884  -0.00085 118 HOH D O     
709 O  O     . HOH L . ? 0.54631 0.67147 0.67008 -0.03891 -0.00718 0.01012  119 HOH D O     
710 O  O     . HOH L . ? 0.70423 0.50845 0.58640 -0.04492 -0.07458 0.03393  120 HOH D O     
711 O  O     . HOH M . ? 0.52904 0.80590 0.99016 -0.01973 -0.01567 0.06305  101 HOH E O     
712 O  O     . HOH M . ? 0.51210 0.63393 0.96249 0.02268  0.02313  0.09149  102 HOH E O     
713 O  O     . HOH M . ? 0.76504 0.60748 1.55700 0.09613  0.09761  0.07859  103 HOH E O     
714 O  O     . HOH N . ? 0.82103 0.90889 1.07528 -0.07640 0.17568  -0.25900 101 HOH F O     
715 O  O     . HOH N . ? 0.49334 1.03083 1.20086 0.01215  0.23992  -0.11224 102 HOH F O     
# 
loop_
_pdbx_poly_seq_scheme.asym_id 
_pdbx_poly_seq_scheme.entity_id 
_pdbx_poly_seq_scheme.seq_id 
_pdbx_poly_seq_scheme.mon_id 
_pdbx_poly_seq_scheme.ndb_seq_num 
_pdbx_poly_seq_scheme.pdb_seq_num 
_pdbx_poly_seq_scheme.auth_seq_num 
_pdbx_poly_seq_scheme.pdb_mon_id 
_pdbx_poly_seq_scheme.auth_mon_id 
_pdbx_poly_seq_scheme.pdb_strand_id 
_pdbx_poly_seq_scheme.pdb_ins_code 
_pdbx_poly_seq_scheme.hetero 
A 1 1 DA 1 1 1 DA DA A . n 
A 1 2 DA 2 2 2 DA DA A . n 
A 1 3 DT 3 3 3 DT DT A . n 
A 1 4 DG 4 4 4 DG DG A . n 
A 1 5 DG 5 5 5 DG DG A . n 
B 1 1 DA 1 1 1 DA DA B . n 
B 1 2 DA 2 2 2 DA DA B . n 
B 1 3 DT 3 3 3 DT DT B . n 
B 1 4 DG 4 4 4 DG DG B . n 
B 1 5 DG 5 5 5 DG DG B . n 
C 1 1 DA 1 1 1 DA DA C . n 
C 1 2 DA 2 2 2 DA DA C . n 
C 1 3 DT 3 3 3 DT DT C . n 
C 1 4 DG 4 4 4 DG DG C . n 
C 1 5 DG 5 5 5 DG DG C . n 
D 1 1 DA 1 1 1 DA DA D . n 
D 1 2 DA 2 2 2 DA DA D . n 
D 1 3 DT 3 3 3 DT DT D . n 
D 1 4 DG 4 4 4 DG DG D . n 
D 1 5 DG 5 5 5 DG DG D . n 
E 1 1 DA 1 1 1 DA DA E . n 
E 1 2 DA 2 2 2 DA DA E . n 
E 1 3 DT 3 3 3 DT DT E . n 
E 1 4 DG 4 4 4 DG DG E . n 
E 1 5 DG 5 5 5 DG DG E . n 
F 1 1 DA 1 1 1 DA DA F . n 
F 1 2 DA 2 2 2 DA DA F . n 
F 1 3 DT 3 3 3 DT DT F . n 
F 1 4 DG 4 4 4 DG DG F . n 
F 1 5 DG 5 5 5 DG DG F . n 
# 
loop_
_pdbx_nonpoly_scheme.asym_id 
_pdbx_nonpoly_scheme.entity_id 
_pdbx_nonpoly_scheme.mon_id 
_pdbx_nonpoly_scheme.ndb_seq_num 
_pdbx_nonpoly_scheme.pdb_seq_num 
_pdbx_nonpoly_scheme.auth_seq_num 
_pdbx_nonpoly_scheme.pdb_mon_id 
_pdbx_nonpoly_scheme.auth_mon_id 
_pdbx_nonpoly_scheme.pdb_strand_id 
_pdbx_nonpoly_scheme.pdb_ins_code 
G 2 ACT 1  101 101 ACT ACT A . 
H 3 MG  1  101 1   MG  MG  B . 
I 4 HOH 1  201 76  HOH HOH A . 
I 4 HOH 2  202 43  HOH HOH A . 
I 4 HOH 3  203 65  HOH HOH A . 
I 4 HOH 4  204 64  HOH HOH A . 
I 4 HOH 5  205 42  HOH HOH A . 
I 4 HOH 6  206 61  HOH HOH A . 
I 4 HOH 7  207 48  HOH HOH A . 
I 4 HOH 8  208 84  HOH HOH A . 
I 4 HOH 9  209 60  HOH HOH A . 
I 4 HOH 10 210 89  HOH HOH A . 
I 4 HOH 11 211 86  HOH HOH A . 
J 4 HOH 1  201 87  HOH HOH B . 
J 4 HOH 2  202 20  HOH HOH B . 
J 4 HOH 3  203 57  HOH HOH B . 
J 4 HOH 4  204 3   HOH HOH B . 
J 4 HOH 5  205 2   HOH HOH B . 
J 4 HOH 6  206 56  HOH HOH B . 
J 4 HOH 7  207 9   HOH HOH B . 
J 4 HOH 8  208 35  HOH HOH B . 
J 4 HOH 9  209 49  HOH HOH B . 
J 4 HOH 10 210 4   HOH HOH B . 
J 4 HOH 11 211 21  HOH HOH B . 
J 4 HOH 12 212 6   HOH HOH B . 
J 4 HOH 13 213 18  HOH HOH B . 
J 4 HOH 14 214 14  HOH HOH B . 
J 4 HOH 15 215 40  HOH HOH B . 
K 4 HOH 1  101 27  HOH HOH C . 
K 4 HOH 2  102 33  HOH HOH C . 
K 4 HOH 3  103 71  HOH HOH C . 
K 4 HOH 4  104 31  HOH HOH C . 
K 4 HOH 5  105 79  HOH HOH C . 
K 4 HOH 6  106 37  HOH HOH C . 
K 4 HOH 7  107 66  HOH HOH C . 
K 4 HOH 8  108 88  HOH HOH C . 
K 4 HOH 9  109 1   HOH HOH C . 
K 4 HOH 10 110 30  HOH HOH C . 
K 4 HOH 11 111 12  HOH HOH C . 
K 4 HOH 12 112 28  HOH HOH C . 
K 4 HOH 13 113 45  HOH HOH C . 
K 4 HOH 14 114 29  HOH HOH C . 
K 4 HOH 15 115 13  HOH HOH C . 
K 4 HOH 16 116 32  HOH HOH C . 
K 4 HOH 17 117 67  HOH HOH C . 
K 4 HOH 18 118 38  HOH HOH C . 
K 4 HOH 19 119 72  HOH HOH C . 
K 4 HOH 20 120 41  HOH HOH C . 
K 4 HOH 21 121 70  HOH HOH C . 
K 4 HOH 22 122 39  HOH HOH C . 
K 4 HOH 23 123 82  HOH HOH C . 
L 4 HOH 1  101 26  HOH HOH D . 
L 4 HOH 2  102 69  HOH HOH D . 
L 4 HOH 3  103 7   HOH HOH D . 
L 4 HOH 4  104 63  HOH HOH D . 
L 4 HOH 5  105 75  HOH HOH D . 
L 4 HOH 6  106 11  HOH HOH D . 
L 4 HOH 7  107 22  HOH HOH D . 
L 4 HOH 8  108 24  HOH HOH D . 
L 4 HOH 9  109 25  HOH HOH D . 
L 4 HOH 10 110 23  HOH HOH D . 
L 4 HOH 11 111 5   HOH HOH D . 
L 4 HOH 12 112 8   HOH HOH D . 
L 4 HOH 13 113 16  HOH HOH D . 
L 4 HOH 14 114 19  HOH HOH D . 
L 4 HOH 15 115 17  HOH HOH D . 
L 4 HOH 16 116 80  HOH HOH D . 
L 4 HOH 17 117 34  HOH HOH D . 
L 4 HOH 18 118 10  HOH HOH D . 
L 4 HOH 19 119 74  HOH HOH D . 
L 4 HOH 20 120 47  HOH HOH D . 
M 4 HOH 1  101 78  HOH HOH E . 
M 4 HOH 2  102 52  HOH HOH E . 
M 4 HOH 3  103 44  HOH HOH E . 
N 4 HOH 1  101 53  HOH HOH F . 
N 4 HOH 2  102 73  HOH HOH F . 
# 
loop_
_pdbx_struct_assembly.id 
_pdbx_struct_assembly.details 
_pdbx_struct_assembly.method_details 
_pdbx_struct_assembly.oligomeric_details 
_pdbx_struct_assembly.oligomeric_count 
1 author_defined_assembly ? dimeric 2 
2 author_defined_assembly ? dimeric 2 
3 author_defined_assembly ? dimeric 2 
# 
loop_
_pdbx_struct_assembly_gen.assembly_id 
_pdbx_struct_assembly_gen.oper_expression 
_pdbx_struct_assembly_gen.asym_id_list 
1 1 A,B,G,H,I,J 
2 1 C,D,K,L     
3 1 E,F,M,N     
# 
_pdbx_struct_oper_list.id                   1 
_pdbx_struct_oper_list.type                 'identity operation' 
_pdbx_struct_oper_list.name                 1_555 
_pdbx_struct_oper_list.symmetry_operation   x,y,z 
_pdbx_struct_oper_list.matrix[1][1]         1.0000000000 
_pdbx_struct_oper_list.matrix[1][2]         0.0000000000 
_pdbx_struct_oper_list.matrix[1][3]         0.0000000000 
_pdbx_struct_oper_list.vector[1]            0.0000000000 
_pdbx_struct_oper_list.matrix[2][1]         0.0000000000 
_pdbx_struct_oper_list.matrix[2][2]         1.0000000000 
_pdbx_struct_oper_list.matrix[2][3]         0.0000000000 
_pdbx_struct_oper_list.vector[2]            0.0000000000 
_pdbx_struct_oper_list.matrix[3][1]         0.0000000000 
_pdbx_struct_oper_list.matrix[3][2]         0.0000000000 
_pdbx_struct_oper_list.matrix[3][3]         1.0000000000 
_pdbx_struct_oper_list.vector[3]            0.0000000000 
# 
loop_
_pdbx_struct_conn_angle.id 
_pdbx_struct_conn_angle.ptnr1_label_atom_id 
_pdbx_struct_conn_angle.ptnr1_label_alt_id 
_pdbx_struct_conn_angle.ptnr1_label_asym_id 
_pdbx_struct_conn_angle.ptnr1_label_comp_id 
_pdbx_struct_conn_angle.ptnr1_label_seq_id 
_pdbx_struct_conn_angle.ptnr1_auth_atom_id 
_pdbx_struct_conn_angle.ptnr1_auth_asym_id 
_pdbx_struct_conn_angle.ptnr1_auth_comp_id 
_pdbx_struct_conn_angle.ptnr1_auth_seq_id 
_pdbx_struct_conn_angle.ptnr1_PDB_ins_code 
_pdbx_struct_conn_angle.ptnr1_symmetry 
_pdbx_struct_conn_angle.ptnr2_label_atom_id 
_pdbx_struct_conn_angle.ptnr2_label_alt_id 
_pdbx_struct_conn_angle.ptnr2_label_asym_id 
_pdbx_struct_conn_angle.ptnr2_label_comp_id 
_pdbx_struct_conn_angle.ptnr2_label_seq_id 
_pdbx_struct_conn_angle.ptnr2_auth_atom_id 
_pdbx_struct_conn_angle.ptnr2_auth_asym_id 
_pdbx_struct_conn_angle.ptnr2_auth_comp_id 
_pdbx_struct_conn_angle.ptnr2_auth_seq_id 
_pdbx_struct_conn_angle.ptnr2_PDB_ins_code 
_pdbx_struct_conn_angle.ptnr2_symmetry 
_pdbx_struct_conn_angle.ptnr3_label_atom_id 
_pdbx_struct_conn_angle.ptnr3_label_alt_id 
_pdbx_struct_conn_angle.ptnr3_label_asym_id 
_pdbx_struct_conn_angle.ptnr3_label_comp_id 
_pdbx_struct_conn_angle.ptnr3_label_seq_id 
_pdbx_struct_conn_angle.ptnr3_auth_atom_id 
_pdbx_struct_conn_angle.ptnr3_auth_asym_id 
_pdbx_struct_conn_angle.ptnr3_auth_comp_id 
_pdbx_struct_conn_angle.ptnr3_auth_seq_id 
_pdbx_struct_conn_angle.ptnr3_PDB_ins_code 
_pdbx_struct_conn_angle.ptnr3_symmetry 
_pdbx_struct_conn_angle.value 
_pdbx_struct_conn_angle.value_esd 
1  O ? J HOH . ? B HOH 204 ? 1_555 MG ? H MG . ? B MG 101 ? 1_555 O ? J HOH . ? B HOH 205 ? 1_555 86.1  ? 
2  O ? J HOH . ? B HOH 204 ? 1_555 MG ? H MG . ? B MG 101 ? 1_555 O ? J HOH . ? B HOH 210 ? 1_555 90.6  ? 
3  O ? J HOH . ? B HOH 205 ? 1_555 MG ? H MG . ? B MG 101 ? 1_555 O ? J HOH . ? B HOH 210 ? 1_555 88.8  ? 
4  O ? J HOH . ? B HOH 204 ? 1_555 MG ? H MG . ? B MG 101 ? 1_555 O ? J HOH . ? B HOH 212 ? 1_555 86.1  ? 
5  O ? J HOH . ? B HOH 205 ? 1_555 MG ? H MG . ? B MG 101 ? 1_555 O ? J HOH . ? B HOH 212 ? 1_555 168.9 ? 
6  O ? J HOH . ? B HOH 210 ? 1_555 MG ? H MG . ? B MG 101 ? 1_555 O ? J HOH . ? B HOH 212 ? 1_555 83.4  ? 
7  O ? J HOH . ? B HOH 204 ? 1_555 MG ? H MG . ? B MG 101 ? 1_555 O ? K HOH . ? C HOH 109 ? 1_555 175.0 ? 
8  O ? J HOH . ? B HOH 205 ? 1_555 MG ? H MG . ? B MG 101 ? 1_555 O ? K HOH . ? C HOH 109 ? 1_555 89.0  ? 
9  O ? J HOH . ? B HOH 210 ? 1_555 MG ? H MG . ? B MG 101 ? 1_555 O ? K HOH . ? C HOH 109 ? 1_555 89.2  ? 
10 O ? J HOH . ? B HOH 212 ? 1_555 MG ? H MG . ? B MG 101 ? 1_555 O ? K HOH . ? C HOH 109 ? 1_555 98.8  ? 
11 O ? J HOH . ? B HOH 204 ? 1_555 MG ? H MG . ? B MG 101 ? 1_555 O ? L HOH . ? D HOH 111 ? 1_555 91.3  ? 
12 O ? J HOH . ? B HOH 205 ? 1_555 MG ? H MG . ? B MG 101 ? 1_555 O ? L HOH . ? D HOH 111 ? 1_555 89.2  ? 
13 O ? J HOH . ? B HOH 210 ? 1_555 MG ? H MG . ? B MG 101 ? 1_555 O ? L HOH . ? D HOH 111 ? 1_555 177.2 ? 
14 O ? J HOH . ? B HOH 212 ? 1_555 MG ? H MG . ? B MG 101 ? 1_555 O ? L HOH . ? D HOH 111 ? 1_555 98.8  ? 
15 O ? K HOH . ? C HOH 109 ? 1_555 MG ? H MG . ? B MG 101 ? 1_555 O ? L HOH . ? D HOH 111 ? 1_555 88.8  ? 
# 
loop_
_pdbx_audit_revision_history.ordinal 
_pdbx_audit_revision_history.data_content_type 
_pdbx_audit_revision_history.major_revision 
_pdbx_audit_revision_history.minor_revision 
_pdbx_audit_revision_history.revision_date 
1 'Structure model' 1 0 2021-08-04 
2 'Structure model' 1 1 2023-10-18 
# 
_pdbx_audit_revision_details.ordinal             1 
_pdbx_audit_revision_details.revision_ordinal    1 
_pdbx_audit_revision_details.data_content_type   'Structure model' 
_pdbx_audit_revision_details.provider            repository 
_pdbx_audit_revision_details.type                'Initial release' 
_pdbx_audit_revision_details.description         ? 
_pdbx_audit_revision_details.details             ? 
# 
loop_
_pdbx_audit_revision_group.ordinal 
_pdbx_audit_revision_group.revision_ordinal 
_pdbx_audit_revision_group.data_content_type 
_pdbx_audit_revision_group.group 
1 2 'Structure model' 'Data collection'        
2 2 'Structure model' 'Database references'    
3 2 'Structure model' 'Refinement description' 
# 
loop_
_pdbx_audit_revision_category.ordinal 
_pdbx_audit_revision_category.revision_ordinal 
_pdbx_audit_revision_category.data_content_type 
_pdbx_audit_revision_category.category 
1 2 'Structure model' chem_comp_atom                
2 2 'Structure model' chem_comp_bond                
3 2 'Structure model' database_2                    
4 2 'Structure model' pdbx_initial_refinement_model 
# 
loop_
_pdbx_audit_revision_item.ordinal 
_pdbx_audit_revision_item.revision_ordinal 
_pdbx_audit_revision_item.data_content_type 
_pdbx_audit_revision_item.item 
1 2 'Structure model' '_database_2.pdbx_DOI'                
2 2 'Structure model' '_database_2.pdbx_database_accession' 
# 
loop_
_space_group_symop.id 
_space_group_symop.operation_xyz 
1 x,y,z           
2 x+1/2,-y+1/2,-z 
3 -x,y+1/2,-z+1/2 
4 -x+1/2,-y,z+1/2 
# 
_pdbx_refine_tls.id               1 
_pdbx_refine_tls.pdbx_refine_id   'X-RAY DIFFRACTION' 
_pdbx_refine_tls.details          ? 
_pdbx_refine_tls.method           refined 
_pdbx_refine_tls.origin_x         0.020381737052 
_pdbx_refine_tls.origin_y         -0.0393628347 
_pdbx_refine_tls.origin_z         0.01421221540 
_pdbx_refine_tls.T[1][1]          0.219131315721 
_pdbx_refine_tls.T[1][1]_esd      ? 
_pdbx_refine_tls.T[1][2]          -0.074264471319 
_pdbx_refine_tls.T[1][2]_esd      ? 
_pdbx_refine_tls.T[1][3]          0.040062872649 
_pdbx_refine_tls.T[1][3]_esd      ? 
_pdbx_refine_tls.T[2][2]          0.283622263692 
_pdbx_refine_tls.T[2][2]_esd      ? 
_pdbx_refine_tls.T[2][3]          -0.011626969469 
_pdbx_refine_tls.T[2][3]_esd      ? 
_pdbx_refine_tls.T[3][3]          0.377601791524 
_pdbx_refine_tls.T[3][3]_esd      ? 
_pdbx_refine_tls.L[1][1]          4.65524545199 
_pdbx_refine_tls.L[1][1]_esd      ? 
_pdbx_refine_tls.L[1][2]          -0.088718461803 
_pdbx_refine_tls.L[1][2]_esd      ? 
_pdbx_refine_tls.L[1][3]          0.134413146845 
_pdbx_refine_tls.L[1][3]_esd      ? 
_pdbx_refine_tls.L[2][2]          2.75647625948 
_pdbx_refine_tls.L[2][2]_esd      ? 
_pdbx_refine_tls.L[2][3]          0.024162056226 
_pdbx_refine_tls.L[2][3]_esd      ? 
_pdbx_refine_tls.L[3][3]          3.3954516350 
_pdbx_refine_tls.L[3][3]_esd      ? 
_pdbx_refine_tls.S[1][1]          0.222531376210 
_pdbx_refine_tls.S[1][1]_esd      ? 
_pdbx_refine_tls.S[1][2]          -0.262395291880 
_pdbx_refine_tls.S[1][2]_esd      ? 
_pdbx_refine_tls.S[1][3]          0.534078098709 
_pdbx_refine_tls.S[1][3]_esd      ? 
_pdbx_refine_tls.S[2][1]          0.2592416809 
_pdbx_refine_tls.S[2][1]_esd      ? 
_pdbx_refine_tls.S[2][2]          -0.112936467064 
_pdbx_refine_tls.S[2][2]_esd      ? 
_pdbx_refine_tls.S[2][3]          0.416659046007 
_pdbx_refine_tls.S[2][3]_esd      ? 
_pdbx_refine_tls.S[3][1]          0.109742938523 
_pdbx_refine_tls.S[3][1]_esd      ? 
_pdbx_refine_tls.S[3][2]          -0.229702777378 
_pdbx_refine_tls.S[3][2]_esd      ? 
_pdbx_refine_tls.S[3][3]          -0.120982391492 
_pdbx_refine_tls.S[3][3]_esd      ? 
# 
_pdbx_refine_tls_group.id                  1 
_pdbx_refine_tls_group.pdbx_refine_id      'X-RAY DIFFRACTION' 
_pdbx_refine_tls_group.refine_tls_id       1 
_pdbx_refine_tls_group.beg_label_asym_id   A 
_pdbx_refine_tls_group.beg_label_seq_id    ? 
_pdbx_refine_tls_group.beg_auth_asym_id    A 
_pdbx_refine_tls_group.beg_auth_seq_id     1 
_pdbx_refine_tls_group.beg_PDB_ins_code    ? 
_pdbx_refine_tls_group.end_label_asym_id   I 
_pdbx_refine_tls_group.end_label_seq_id    ? 
_pdbx_refine_tls_group.end_auth_asym_id    G 
_pdbx_refine_tls_group.end_auth_seq_id     101 
_pdbx_refine_tls_group.end_PDB_ins_code    ? 
_pdbx_refine_tls_group.selection           ? 
_pdbx_refine_tls_group.selection_details   all 
# 
loop_
_software.citation_id 
_software.classification 
_software.compiler_name 
_software.compiler_version 
_software.contact_author 
_software.contact_author_email 
_software.date 
_software.description 
_software.dependencies 
_software.hardware 
_software.language 
_software.location 
_software.mods 
_software.name 
_software.os 
_software.os_version 
_software.type 
_software.version 
_software.pdbx_ordinal 
? refinement       ? ? ? ? ? ? ? ? ? ? ? PHENIX    ? ? ? 1.18_3845      1 
? 'data scaling'   ? ? ? ? ? ? ? ? ? ? ? XDS       ? ? ? 'Jan 31, 2020' 2 
? 'data scaling'   ? ? ? ? ? ? ? ? ? ? ? pointless ? ? ? v7.1.002       3 
? 'data scaling'   ? ? ? ? ? ? ? ? ? ? ? Aimless   ? ? ? v7.1.002       4 
? phasing          ? ? ? ? ? ? ? ? ? ? ? PHASER    ? ? ? 1.18_3845      5 
? 'model building' ? ? ? ? ? ? ? ? ? ? ? Coot      ? ? ? v0.8.9.2       6 
? 'data reduction' ? ? ? ? ? ? ? ? ? ? ? XDS       ? ? ? 'Jan 31, 2020' 7 
# 
_pdbx_entry_details.entry_id                 7JLH 
_pdbx_entry_details.nonpolymer_details       ? 
_pdbx_entry_details.sequence_details         
;The full DNA sequence is d(ATGGA)4 which forms self complimentary duplex. Due to the repetitive nature and symmetry of such duplex, the asymmetric unit only includes 1/4 of the duplex, with the sequences AATGG. There are three such duplexes in the ASU.
;
_pdbx_entry_details.compound_details         ? 
_pdbx_entry_details.source_details           ? 
_pdbx_entry_details.has_ligand_of_interest   N 
# 
loop_
_pdbx_validate_close_contact.id 
_pdbx_validate_close_contact.PDB_model_num 
_pdbx_validate_close_contact.auth_atom_id_1 
_pdbx_validate_close_contact.auth_asym_id_1 
_pdbx_validate_close_contact.auth_comp_id_1 
_pdbx_validate_close_contact.auth_seq_id_1 
_pdbx_validate_close_contact.PDB_ins_code_1 
_pdbx_validate_close_contact.label_alt_id_1 
_pdbx_validate_close_contact.auth_atom_id_2 
_pdbx_validate_close_contact.auth_asym_id_2 
_pdbx_validate_close_contact.auth_comp_id_2 
_pdbx_validate_close_contact.auth_seq_id_2 
_pdbx_validate_close_contact.PDB_ins_code_2 
_pdbx_validate_close_contact.label_alt_id_2 
_pdbx_validate_close_contact.dist 
1 1 O   C HOH 108 ? ? O C HOH 114 ? ? 1.93 
2 1 N2  C DG  5   ? ? O C HOH 101 ? ? 2.05 
3 1 O   C HOH 110 ? ? O C HOH 113 ? ? 2.08 
4 1 OP2 E DA  2   ? ? O E HOH 101 ? ? 2.12 
5 1 O   C HOH 110 ? ? O C HOH 121 ? ? 2.13 
6 1 O   C HOH 119 ? ? O C HOH 121 ? ? 2.19 
# 
_pdbx_validate_symm_contact.id                1 
_pdbx_validate_symm_contact.PDB_model_num     1 
_pdbx_validate_symm_contact.auth_atom_id_1    P 
_pdbx_validate_symm_contact.auth_asym_id_1    B 
_pdbx_validate_symm_contact.auth_comp_id_1    DA 
_pdbx_validate_symm_contact.auth_seq_id_1     1 
_pdbx_validate_symm_contact.PDB_ins_code_1    ? 
_pdbx_validate_symm_contact.label_alt_id_1    ? 
_pdbx_validate_symm_contact.site_symmetry_1   1_555 
_pdbx_validate_symm_contact.auth_atom_id_2    "O3'" 
_pdbx_validate_symm_contact.auth_asym_id_2    B 
_pdbx_validate_symm_contact.auth_comp_id_2    DG 
_pdbx_validate_symm_contact.auth_seq_id_2     5 
_pdbx_validate_symm_contact.PDB_ins_code_2    ? 
_pdbx_validate_symm_contact.label_alt_id_2    ? 
_pdbx_validate_symm_contact.site_symmetry_2   4_545 
_pdbx_validate_symm_contact.dist              2.17 
# 
loop_
_pdbx_validate_rmsd_bond.id 
_pdbx_validate_rmsd_bond.PDB_model_num 
_pdbx_validate_rmsd_bond.auth_atom_id_1 
_pdbx_validate_rmsd_bond.auth_asym_id_1 
_pdbx_validate_rmsd_bond.auth_comp_id_1 
_pdbx_validate_rmsd_bond.auth_seq_id_1 
_pdbx_validate_rmsd_bond.PDB_ins_code_1 
_pdbx_validate_rmsd_bond.label_alt_id_1 
_pdbx_validate_rmsd_bond.auth_atom_id_2 
_pdbx_validate_rmsd_bond.auth_asym_id_2 
_pdbx_validate_rmsd_bond.auth_comp_id_2 
_pdbx_validate_rmsd_bond.auth_seq_id_2 
_pdbx_validate_rmsd_bond.PDB_ins_code_2 
_pdbx_validate_rmsd_bond.label_alt_id_2 
_pdbx_validate_rmsd_bond.bond_value 
_pdbx_validate_rmsd_bond.bond_target_value 
_pdbx_validate_rmsd_bond.bond_deviation 
_pdbx_validate_rmsd_bond.bond_standard_deviation 
_pdbx_validate_rmsd_bond.linker_flag 
1  1 "O3'" A DA 1 ? ? "C3'" A DA 1 ? ? 1.365 1.419 -0.054 0.006 N 
2  1 C2    A DT 3 ? ? N3    A DT 3 ? ? 1.318 1.373 -0.055 0.008 N 
3  1 "O3'" A DG 4 ? ? "C3'" A DG 4 ? ? 1.368 1.419 -0.051 0.006 N 
4  1 "O3'" A DG 5 ? ? "C3'" A DG 5 ? ? 1.329 1.419 -0.090 0.006 N 
5  1 "O3'" B DA 2 ? ? "C3'" B DA 2 ? ? 1.377 1.419 -0.042 0.006 N 
6  1 "O3'" B DG 4 ? ? "C3'" B DG 4 ? ? 1.372 1.419 -0.047 0.006 N 
7  1 "O3'" B DG 5 ? ? "C3'" B DG 5 ? ? 1.310 1.419 -0.109 0.006 N 
8  1 C6    C DA 1 ? ? N6    C DA 1 ? ? 1.387 1.335 0.052  0.008 N 
9  1 "O3'" C DG 5 ? ? "C3'" C DG 5 ? ? 1.357 1.419 -0.062 0.006 N 
10 1 "O3'" D DG 5 ? ? "C3'" D DG 5 ? ? 1.378 1.419 -0.041 0.006 N 
11 1 "O3'" F DG 4 ? ? "C3'" F DG 4 ? ? 1.383 1.419 -0.036 0.006 N 
12 1 "O3'" F DG 5 ? ? "C3'" F DG 5 ? ? 1.378 1.419 -0.041 0.006 N 
# 
loop_
_pdbx_validate_rmsd_angle.id 
_pdbx_validate_rmsd_angle.PDB_model_num 
_pdbx_validate_rmsd_angle.auth_atom_id_1 
_pdbx_validate_rmsd_angle.auth_asym_id_1 
_pdbx_validate_rmsd_angle.auth_comp_id_1 
_pdbx_validate_rmsd_angle.auth_seq_id_1 
_pdbx_validate_rmsd_angle.PDB_ins_code_1 
_pdbx_validate_rmsd_angle.label_alt_id_1 
_pdbx_validate_rmsd_angle.auth_atom_id_2 
_pdbx_validate_rmsd_angle.auth_asym_id_2 
_pdbx_validate_rmsd_angle.auth_comp_id_2 
_pdbx_validate_rmsd_angle.auth_seq_id_2 
_pdbx_validate_rmsd_angle.PDB_ins_code_2 
_pdbx_validate_rmsd_angle.label_alt_id_2 
_pdbx_validate_rmsd_angle.auth_atom_id_3 
_pdbx_validate_rmsd_angle.auth_asym_id_3 
_pdbx_validate_rmsd_angle.auth_comp_id_3 
_pdbx_validate_rmsd_angle.auth_seq_id_3 
_pdbx_validate_rmsd_angle.PDB_ins_code_3 
_pdbx_validate_rmsd_angle.label_alt_id_3 
_pdbx_validate_rmsd_angle.angle_value 
_pdbx_validate_rmsd_angle.angle_target_value 
_pdbx_validate_rmsd_angle.angle_deviation 
_pdbx_validate_rmsd_angle.angle_standard_deviation 
_pdbx_validate_rmsd_angle.linker_flag 
1 1 "O4'" A DT 3 ? ? "C1'" A DT 3 ? ? N1 A DT 3 ? ? 110.15 108.30 1.85 0.30 N 
2 1 "O4'" B DG 4 ? ? "C1'" B DG 4 ? ? N9 B DG 4 ? ? 111.85 108.30 3.55 0.30 N 
3 1 N3    D DT 3 ? ? C4    D DT 3 ? ? O4 D DT 3 ? ? 123.66 119.90 3.76 0.60 N 
4 1 "O4'" D DG 4 ? ? "C1'" D DG 4 ? ? N9 D DG 4 ? ? 111.81 108.30 3.51 0.30 N 
5 1 "O4'" F DG 4 ? ? "C1'" F DG 4 ? ? N9 F DG 4 ? ? 110.18 108.30 1.88 0.30 N 
# 
loop_
_chem_comp_atom.comp_id 
_chem_comp_atom.atom_id 
_chem_comp_atom.type_symbol 
_chem_comp_atom.pdbx_aromatic_flag 
_chem_comp_atom.pdbx_stereo_config 
_chem_comp_atom.pdbx_ordinal 
ACT C      C  N N 1   
ACT O      O  N N 2   
ACT OXT    O  N N 3   
ACT CH3    C  N N 4   
ACT H1     H  N N 5   
ACT H2     H  N N 6   
ACT H3     H  N N 7   
DA  OP3    O  N N 8   
DA  P      P  N N 9   
DA  OP1    O  N N 10  
DA  OP2    O  N N 11  
DA  "O5'"  O  N N 12  
DA  "C5'"  C  N N 13  
DA  "C4'"  C  N R 14  
DA  "O4'"  O  N N 15  
DA  "C3'"  C  N S 16  
DA  "O3'"  O  N N 17  
DA  "C2'"  C  N N 18  
DA  "C1'"  C  N R 19  
DA  N9     N  Y N 20  
DA  C8     C  Y N 21  
DA  N7     N  Y N 22  
DA  C5     C  Y N 23  
DA  C6     C  Y N 24  
DA  N6     N  N N 25  
DA  N1     N  Y N 26  
DA  C2     C  Y N 27  
DA  N3     N  Y N 28  
DA  C4     C  Y N 29  
DA  HOP3   H  N N 30  
DA  HOP2   H  N N 31  
DA  "H5'"  H  N N 32  
DA  "H5''" H  N N 33  
DA  "H4'"  H  N N 34  
DA  "H3'"  H  N N 35  
DA  "HO3'" H  N N 36  
DA  "H2'"  H  N N 37  
DA  "H2''" H  N N 38  
DA  "H1'"  H  N N 39  
DA  H8     H  N N 40  
DA  H61    H  N N 41  
DA  H62    H  N N 42  
DA  H2     H  N N 43  
DG  OP3    O  N N 44  
DG  P      P  N N 45  
DG  OP1    O  N N 46  
DG  OP2    O  N N 47  
DG  "O5'"  O  N N 48  
DG  "C5'"  C  N N 49  
DG  "C4'"  C  N R 50  
DG  "O4'"  O  N N 51  
DG  "C3'"  C  N S 52  
DG  "O3'"  O  N N 53  
DG  "C2'"  C  N N 54  
DG  "C1'"  C  N R 55  
DG  N9     N  Y N 56  
DG  C8     C  Y N 57  
DG  N7     N  Y N 58  
DG  C5     C  Y N 59  
DG  C6     C  N N 60  
DG  O6     O  N N 61  
DG  N1     N  N N 62  
DG  C2     C  N N 63  
DG  N2     N  N N 64  
DG  N3     N  N N 65  
DG  C4     C  Y N 66  
DG  HOP3   H  N N 67  
DG  HOP2   H  N N 68  
DG  "H5'"  H  N N 69  
DG  "H5''" H  N N 70  
DG  "H4'"  H  N N 71  
DG  "H3'"  H  N N 72  
DG  "HO3'" H  N N 73  
DG  "H2'"  H  N N 74  
DG  "H2''" H  N N 75  
DG  "H1'"  H  N N 76  
DG  H8     H  N N 77  
DG  H1     H  N N 78  
DG  H21    H  N N 79  
DG  H22    H  N N 80  
DT  OP3    O  N N 81  
DT  P      P  N N 82  
DT  OP1    O  N N 83  
DT  OP2    O  N N 84  
DT  "O5'"  O  N N 85  
DT  "C5'"  C  N N 86  
DT  "C4'"  C  N R 87  
DT  "O4'"  O  N N 88  
DT  "C3'"  C  N S 89  
DT  "O3'"  O  N N 90  
DT  "C2'"  C  N N 91  
DT  "C1'"  C  N R 92  
DT  N1     N  N N 93  
DT  C2     C  N N 94  
DT  O2     O  N N 95  
DT  N3     N  N N 96  
DT  C4     C  N N 97  
DT  O4     O  N N 98  
DT  C5     C  N N 99  
DT  C7     C  N N 100 
DT  C6     C  N N 101 
DT  HOP3   H  N N 102 
DT  HOP2   H  N N 103 
DT  "H5'"  H  N N 104 
DT  "H5''" H  N N 105 
DT  "H4'"  H  N N 106 
DT  "H3'"  H  N N 107 
DT  "HO3'" H  N N 108 
DT  "H2'"  H  N N 109 
DT  "H2''" H  N N 110 
DT  "H1'"  H  N N 111 
DT  H3     H  N N 112 
DT  H71    H  N N 113 
DT  H72    H  N N 114 
DT  H73    H  N N 115 
DT  H6     H  N N 116 
HOH O      O  N N 117 
HOH H1     H  N N 118 
HOH H2     H  N N 119 
MG  MG     MG N N 120 
# 
loop_
_chem_comp_bond.comp_id 
_chem_comp_bond.atom_id_1 
_chem_comp_bond.atom_id_2 
_chem_comp_bond.value_order 
_chem_comp_bond.pdbx_aromatic_flag 
_chem_comp_bond.pdbx_stereo_config 
_chem_comp_bond.pdbx_ordinal 
ACT C     O      doub N N 1   
ACT C     OXT    sing N N 2   
ACT C     CH3    sing N N 3   
ACT CH3   H1     sing N N 4   
ACT CH3   H2     sing N N 5   
ACT CH3   H3     sing N N 6   
DA  OP3   P      sing N N 7   
DA  OP3   HOP3   sing N N 8   
DA  P     OP1    doub N N 9   
DA  P     OP2    sing N N 10  
DA  P     "O5'"  sing N N 11  
DA  OP2   HOP2   sing N N 12  
DA  "O5'" "C5'"  sing N N 13  
DA  "C5'" "C4'"  sing N N 14  
DA  "C5'" "H5'"  sing N N 15  
DA  "C5'" "H5''" sing N N 16  
DA  "C4'" "O4'"  sing N N 17  
DA  "C4'" "C3'"  sing N N 18  
DA  "C4'" "H4'"  sing N N 19  
DA  "O4'" "C1'"  sing N N 20  
DA  "C3'" "O3'"  sing N N 21  
DA  "C3'" "C2'"  sing N N 22  
DA  "C3'" "H3'"  sing N N 23  
DA  "O3'" "HO3'" sing N N 24  
DA  "C2'" "C1'"  sing N N 25  
DA  "C2'" "H2'"  sing N N 26  
DA  "C2'" "H2''" sing N N 27  
DA  "C1'" N9     sing N N 28  
DA  "C1'" "H1'"  sing N N 29  
DA  N9    C8     sing Y N 30  
DA  N9    C4     sing Y N 31  
DA  C8    N7     doub Y N 32  
DA  C8    H8     sing N N 33  
DA  N7    C5     sing Y N 34  
DA  C5    C6     sing Y N 35  
DA  C5    C4     doub Y N 36  
DA  C6    N6     sing N N 37  
DA  C6    N1     doub Y N 38  
DA  N6    H61    sing N N 39  
DA  N6    H62    sing N N 40  
DA  N1    C2     sing Y N 41  
DA  C2    N3     doub Y N 42  
DA  C2    H2     sing N N 43  
DA  N3    C4     sing Y N 44  
DG  OP3   P      sing N N 45  
DG  OP3   HOP3   sing N N 46  
DG  P     OP1    doub N N 47  
DG  P     OP2    sing N N 48  
DG  P     "O5'"  sing N N 49  
DG  OP2   HOP2   sing N N 50  
DG  "O5'" "C5'"  sing N N 51  
DG  "C5'" "C4'"  sing N N 52  
DG  "C5'" "H5'"  sing N N 53  
DG  "C5'" "H5''" sing N N 54  
DG  "C4'" "O4'"  sing N N 55  
DG  "C4'" "C3'"  sing N N 56  
DG  "C4'" "H4'"  sing N N 57  
DG  "O4'" "C1'"  sing N N 58  
DG  "C3'" "O3'"  sing N N 59  
DG  "C3'" "C2'"  sing N N 60  
DG  "C3'" "H3'"  sing N N 61  
DG  "O3'" "HO3'" sing N N 62  
DG  "C2'" "C1'"  sing N N 63  
DG  "C2'" "H2'"  sing N N 64  
DG  "C2'" "H2''" sing N N 65  
DG  "C1'" N9     sing N N 66  
DG  "C1'" "H1'"  sing N N 67  
DG  N9    C8     sing Y N 68  
DG  N9    C4     sing Y N 69  
DG  C8    N7     doub Y N 70  
DG  C8    H8     sing N N 71  
DG  N7    C5     sing Y N 72  
DG  C5    C6     sing N N 73  
DG  C5    C4     doub Y N 74  
DG  C6    O6     doub N N 75  
DG  C6    N1     sing N N 76  
DG  N1    C2     sing N N 77  
DG  N1    H1     sing N N 78  
DG  C2    N2     sing N N 79  
DG  C2    N3     doub N N 80  
DG  N2    H21    sing N N 81  
DG  N2    H22    sing N N 82  
DG  N3    C4     sing N N 83  
DT  OP3   P      sing N N 84  
DT  OP3   HOP3   sing N N 85  
DT  P     OP1    doub N N 86  
DT  P     OP2    sing N N 87  
DT  P     "O5'"  sing N N 88  
DT  OP2   HOP2   sing N N 89  
DT  "O5'" "C5'"  sing N N 90  
DT  "C5'" "C4'"  sing N N 91  
DT  "C5'" "H5'"  sing N N 92  
DT  "C5'" "H5''" sing N N 93  
DT  "C4'" "O4'"  sing N N 94  
DT  "C4'" "C3'"  sing N N 95  
DT  "C4'" "H4'"  sing N N 96  
DT  "O4'" "C1'"  sing N N 97  
DT  "C3'" "O3'"  sing N N 98  
DT  "C3'" "C2'"  sing N N 99  
DT  "C3'" "H3'"  sing N N 100 
DT  "O3'" "HO3'" sing N N 101 
DT  "C2'" "C1'"  sing N N 102 
DT  "C2'" "H2'"  sing N N 103 
DT  "C2'" "H2''" sing N N 104 
DT  "C1'" N1     sing N N 105 
DT  "C1'" "H1'"  sing N N 106 
DT  N1    C2     sing N N 107 
DT  N1    C6     sing N N 108 
DT  C2    O2     doub N N 109 
DT  C2    N3     sing N N 110 
DT  N3    C4     sing N N 111 
DT  N3    H3     sing N N 112 
DT  C4    O4     doub N N 113 
DT  C4    C5     sing N N 114 
DT  C5    C7     sing N N 115 
DT  C5    C6     doub N N 116 
DT  C7    H71    sing N N 117 
DT  C7    H72    sing N N 118 
DT  C7    H73    sing N N 119 
DT  C6    H6     sing N N 120 
HOH O     H1     sing N N 121 
HOH O     H2     sing N N 122 
# 
_ndb_struct_conf_na.entry_id   7JLH 
_ndb_struct_conf_na.feature    'b-form double helix' 
# 
loop_
_ndb_struct_na_base_pair.model_number 
_ndb_struct_na_base_pair.i_label_asym_id 
_ndb_struct_na_base_pair.i_label_comp_id 
_ndb_struct_na_base_pair.i_label_seq_id 
_ndb_struct_na_base_pair.i_symmetry 
_ndb_struct_na_base_pair.j_label_asym_id 
_ndb_struct_na_base_pair.j_label_comp_id 
_ndb_struct_na_base_pair.j_label_seq_id 
_ndb_struct_na_base_pair.j_symmetry 
_ndb_struct_na_base_pair.shear 
_ndb_struct_na_base_pair.stretch 
_ndb_struct_na_base_pair.stagger 
_ndb_struct_na_base_pair.buckle 
_ndb_struct_na_base_pair.propeller 
_ndb_struct_na_base_pair.opening 
_ndb_struct_na_base_pair.pair_number 
_ndb_struct_na_base_pair.pair_name 
_ndb_struct_na_base_pair.i_auth_asym_id 
_ndb_struct_na_base_pair.i_auth_seq_id 
_ndb_struct_na_base_pair.i_PDB_ins_code 
_ndb_struct_na_base_pair.j_auth_asym_id 
_ndb_struct_na_base_pair.j_auth_seq_id 
_ndb_struct_na_base_pair.j_PDB_ins_code 
_ndb_struct_na_base_pair.hbond_type_28 
_ndb_struct_na_base_pair.hbond_type_12 
1 A DA 1 1_555 B DG 4 1_555 -6.488 -4.363 1.009  -28.184 -13.404 7.316  1  A_DA1:DG4_B A 1 ? B 4 ? 11 9 
1 A DA 2 1_555 B DT 3 1_555 0.051  -0.186 0.136  -15.038 9.268   2.035  2  A_DA2:DT3_B A 2 ? B 3 ? 20 1 
1 A DT 3 1_555 B DA 2 1_555 0.006  -0.081 0.005  6.807   6.968   4.021  3  A_DT3:DA2_B A 3 ? B 2 ? 20 1 
1 A DG 4 1_555 B DA 1 1_555 6.480  -4.240 1.083  32.386  -13.455 7.664  4  A_DG4:DA1_B A 4 ? B 1 ? 11 9 
1 C DA 1 1_555 D DG 4 1_555 -6.522 -4.364 0.816  -30.990 -0.953  9.346  5  C_DA1:DG4_D C 1 ? D 4 ? 11 9 
1 C DA 2 1_555 D DT 3 1_555 0.013  -0.148 -0.142 -8.243  9.874   2.286  6  C_DA2:DT3_D C 2 ? D 3 ? 20 1 
1 C DT 3 1_555 D DA 2 1_555 0.253  -0.184 -0.238 12.036  8.775   -1.503 7  C_DT3:DA2_D C 3 ? D 2 ? 20 1 
1 C DG 4 1_555 D DA 1 1_555 6.486  -4.281 0.991  33.190  -14.315 6.491  8  C_DG4:DA1_D C 4 ? D 1 ? 11 9 
1 E DA 1 1_555 F DG 4 1_555 -6.615 -4.581 0.734  -33.303 -5.732  4.010  9  E_DA1:DG4_F E 1 ? F 4 ? 11 9 
1 E DA 2 1_555 F DT 3 1_555 -0.220 -0.150 -0.259 -9.816  9.580   0.905  10 E_DA2:DT3_F E 2 ? F 3 ? 20 1 
1 E DT 3 1_555 F DA 2 1_555 -0.258 0.121  -0.198 8.563   9.825   -4.153 11 E_DT3:DA2_F E 3 ? F 2 ? 20 1 
1 E DG 4 1_555 F DA 1 1_555 6.703  -4.181 0.647  34.662  -2.064  4.226  12 E_DG4:DA1_F E 4 ? F 1 ? 11 9 
# 
loop_
_ndb_struct_na_base_pair_step.model_number 
_ndb_struct_na_base_pair_step.i_label_asym_id_1 
_ndb_struct_na_base_pair_step.i_label_comp_id_1 
_ndb_struct_na_base_pair_step.i_label_seq_id_1 
_ndb_struct_na_base_pair_step.i_symmetry_1 
_ndb_struct_na_base_pair_step.j_label_asym_id_1 
_ndb_struct_na_base_pair_step.j_label_comp_id_1 
_ndb_struct_na_base_pair_step.j_label_seq_id_1 
_ndb_struct_na_base_pair_step.j_symmetry_1 
_ndb_struct_na_base_pair_step.i_label_asym_id_2 
_ndb_struct_na_base_pair_step.i_label_comp_id_2 
_ndb_struct_na_base_pair_step.i_label_seq_id_2 
_ndb_struct_na_base_pair_step.i_symmetry_2 
_ndb_struct_na_base_pair_step.j_label_asym_id_2 
_ndb_struct_na_base_pair_step.j_label_comp_id_2 
_ndb_struct_na_base_pair_step.j_label_seq_id_2 
_ndb_struct_na_base_pair_step.j_symmetry_2 
_ndb_struct_na_base_pair_step.shift 
_ndb_struct_na_base_pair_step.slide 
_ndb_struct_na_base_pair_step.rise 
_ndb_struct_na_base_pair_step.tilt 
_ndb_struct_na_base_pair_step.roll 
_ndb_struct_na_base_pair_step.twist 
_ndb_struct_na_base_pair_step.x_displacement 
_ndb_struct_na_base_pair_step.y_displacement 
_ndb_struct_na_base_pair_step.helical_rise 
_ndb_struct_na_base_pair_step.inclination 
_ndb_struct_na_base_pair_step.tip 
_ndb_struct_na_base_pair_step.helical_twist 
_ndb_struct_na_base_pair_step.step_number 
_ndb_struct_na_base_pair_step.step_name 
_ndb_struct_na_base_pair_step.i_auth_asym_id_1 
_ndb_struct_na_base_pair_step.i_auth_seq_id_1 
_ndb_struct_na_base_pair_step.i_PDB_ins_code_1 
_ndb_struct_na_base_pair_step.j_auth_asym_id_1 
_ndb_struct_na_base_pair_step.j_auth_seq_id_1 
_ndb_struct_na_base_pair_step.j_PDB_ins_code_1 
_ndb_struct_na_base_pair_step.i_auth_asym_id_2 
_ndb_struct_na_base_pair_step.i_auth_seq_id_2 
_ndb_struct_na_base_pair_step.i_PDB_ins_code_2 
_ndb_struct_na_base_pair_step.j_auth_asym_id_2 
_ndb_struct_na_base_pair_step.j_auth_seq_id_2 
_ndb_struct_na_base_pair_step.j_PDB_ins_code_2 
1 A DA 1 1_555 B DG 4 1_555 A DA 2 1_555 B DT 3 1_555 -0.457 1.412  3.230 -2.082 5.057 59.598 1.162  0.354  3.341 5.076  2.090  
59.825 1 AA_DA1DA2:DT3DG4_BB A 1 ? B 4 ? A 2 ? B 3 ? 
1 A DA 2 1_555 B DT 3 1_555 A DT 3 1_555 B DA 2 1_555 0.584  -0.480 2.906 0.962  3.940 25.945 -1.993 -1.057 2.823 8.707  -2.126 
26.255 2 AA_DA2DT3:DA2DT3_BB A 2 ? B 3 ? A 3 ? B 2 ? 
1 A DT 3 1_555 B DA 2 1_555 A DG 4 1_555 B DA 1 1_555 0.153  1.790  2.933 1.325  5.917 59.121 1.531  -0.093 3.086 5.979  -1.339 
59.403 3 AA_DT3DG4:DA1DA2_BB A 3 ? B 2 ? A 4 ? B 1 ? 
1 C DA 1 1_555 D DG 4 1_555 C DA 2 1_555 D DT 3 1_555 -0.890 1.532  2.892 0.152  4.742 56.480 1.375  0.945  2.999 5.001  -0.161 
56.662 4 CC_DA1DA2:DT3DG4_DD C 1 ? D 4 ? C 2 ? D 3 ? 
1 C DA 2 1_555 D DT 3 1_555 C DT 3 1_555 D DA 2 1_555 -0.023 -0.227 2.953 0.735  4.597 21.362 -2.203 0.316  2.839 12.214 -1.953 
21.858 5 CC_DA2DT3:DA2DT3_DD C 2 ? D 3 ? C 3 ? D 2 ? 
1 C DT 3 1_555 D DA 2 1_555 C DG 4 1_555 D DA 1 1_555 0.407  1.765  3.174 1.799  4.464 63.020 1.489  -0.310 3.289 4.264  -1.718 
63.184 6 CC_DT3DG4:DA1DA2_DD C 3 ? D 2 ? C 4 ? D 1 ? 
1 E DA 1 1_555 F DG 4 1_555 E DA 2 1_555 F DT 3 1_555 -0.265 1.562  2.964 -1.258 5.326 60.245 1.311  0.206  3.083 5.294  1.250  
60.470 7 EE_DA1DA2:DT3DG4_FF E 1 ? F 4 ? E 2 ? F 3 ? 
1 E DA 2 1_555 F DT 3 1_555 E DT 3 1_555 F DA 2 1_555 -0.012 -0.393 3.022 -0.664 1.974 25.422 -1.409 -0.147 2.983 4.477  1.506  
25.506 8 EE_DA2DT3:DA2DT3_FF E 2 ? F 3 ? E 3 ? F 2 ? 
1 E DT 3 1_555 F DA 2 1_555 E DG 4 1_555 F DA 1 1_555 0.798  1.191  2.926 -3.190 3.358 58.996 1.052  -0.955 2.940 3.404  3.234  
59.161 9 EE_DT3DG4:DA1DA2_FF E 3 ? F 2 ? E 4 ? F 1 ? 
# 
_pdbx_audit_support.funding_organization   'National Institutes of Health/National Cancer Institute (NIH/NCI)' 
_pdbx_audit_support.country                'United States' 
_pdbx_audit_support.grant_number           1R15CA208676-01A1 
_pdbx_audit_support.ordinal                1 
# 
loop_
_pdbx_entity_nonpoly.entity_id 
_pdbx_entity_nonpoly.name 
_pdbx_entity_nonpoly.comp_id 
2 'ACETATE ION'   ACT 
3 'MAGNESIUM ION' MG  
4 water           HOH 
# 
_pdbx_initial_refinement_model.id               1 
_pdbx_initial_refinement_model.entity_id_list   ? 
_pdbx_initial_refinement_model.type             'experimental model' 
_pdbx_initial_refinement_model.source_name      PDB 
_pdbx_initial_refinement_model.accession_code   175D 
_pdbx_initial_refinement_model.details          ? 
# 
_pdbx_struct_assembly_auth_evidence.id                     1 
_pdbx_struct_assembly_auth_evidence.assembly_id            1 
_pdbx_struct_assembly_auth_evidence.experimental_support   'native gel electrophoresis' 
_pdbx_struct_assembly_auth_evidence.details                ? 
# 
_space_group.name_H-M_alt     'P 21 21 21' 
_space_group.name_Hall        'P 2ac 2ab' 
_space_group.IT_number        19 
_space_group.crystal_system   orthorhombic 
_space_group.id               1 
# 
